data_8ER4
#
_entry.id   8ER4
#
_cell.length_a   137.653
_cell.length_b   177.198
_cell.length_c   180.176
_cell.angle_alpha   90.000
_cell.angle_beta   90.000
_cell.angle_gamma   90.000
#
_symmetry.space_group_name_H-M   'I 2 2 2'
#
loop_
_entity.id
_entity.type
_entity.pdbx_description
1 polymer 'Chaetomium alpha glucosidase'
2 non-polymer (2R,3R,4R,5S)-1-(2-{6-[2-(4-azido-2-nitroanilino)ethyl]pyrazin-2-yl}ethyl)-2-(hydroxymethyl)piperidine-3,4,5-triol
3 non-polymer GLYCEROL
4 non-polymer 'SULFATE ION'
5 non-polymer 2-acetamido-2-deoxy-beta-D-glucopyranose
6 non-polymer 2-[BIS-(2-HYDROXY-ETHYL)-AMINO]-2-HYDROXYMETHYL-PROPANE-1,3-DIOL
7 water water
#
_entity_poly.entity_id   1
_entity_poly.type   'polypeptide(L)'
_entity_poly.pdbx_seq_one_letter_code
;MGILPSPGMPALLSLVSLLSVLLMGCVAETGVEGESILHSEIGRLNNQSLLWGPYRPNIYFGTRPRIGKSLMTGLMWGKI
ESYTDFQHTVRYTCEQNEGMKGYGWDEYDPRRGGIQSIHDIQNGLDITTSFVKIPGGAHGGSWAARIKGTLNDDAPKDQK
TIVVFYVSQEGENSELEAVPSENEFGYEGDVILKGRSEALGNYKLVVTKGKGVIPQSDHDLSRLRGPGQTVVQSLTYPDE
VLWQAKPILFQQLKAGIDWLVENKYDVADPPPPWQVYLLANKPGSGNVHIVQKVFEGDFEFDILFSSESAGKEVTSKDLE
REVKQATEVFGERFARVFDLKAPFQGDNYKKFGKSMFSNLIGGIGYFYGHSLVDRSYAPEYDEENEGFWEDAAEARARHQ
EALEGPYELFTSIPSRPFFPRGFLWDEGFHLLPIADWDIDLALEIIKSWYNLMDEDGWIAREQILGAEARSKVPKEFQTQ
YPHYANPPTLFLVLDNFVERLRKNNASQPVVKDNLSLDETLSTASVDNPEVGLEYLRRLYPLLRRQFDWFRKTQAGDIKS
YDREAYSTKEAYRWRGRTVSHCLTSGLDDYPRPQPPHPGELHVDLMSWVGVMVKSLISIGSLLGATEDVEFYTKVLDAIE
HNLDDLHWSEKEGCYCDATIDEFEEHKLVCHKGYISLFPFLTGLLKPDSPKLGKLLALIGDESELWSPYGLRSLSKKDEF
YGTAENYWRSPVWININYLAIVQLYNIATQDGPYKETARDLYTRLRKNIVETVYRNWEETGFAWEQYNPETGKGQRTQHF
TGWTSLVVKIMSGHHHHHH
;
_entity_poly.pdbx_strand_id   A,B
#
loop_
_chem_comp.id
_chem_comp.type
_chem_comp.name
_chem_comp.formula
BTB non-polymer 2-[BIS-(2-HYDROXY-ETHYL)-AMINO]-2-HYDROXYMETHYL-PROPANE-1,3-DIOL 'C8 H19 N O5'
GOL non-polymer GLYCEROL 'C3 H8 O3'
NAG D-saccharide, beta linking 2-acetamido-2-deoxy-beta-D-glucopyranose 'C8 H15 N O6'
SO4 non-polymer 'SULFATE ION' 'O4 S -2'
XG5 non-polymer (2R,3R,4R,5S)-1-(2-{6-[2-(4-azido-2-nitroanilino)ethyl]pyrazin-2-yl}ethyl)-2-(hydroxymethyl)piperidine-3,4,5-triol 'C20 H26 N8 O6'
#
# COMPACT_ATOMS: atom_id res chain seq x y z
N LEU A 38 7.50 -30.74 14.66
CA LEU A 38 8.22 -30.30 15.90
C LEU A 38 8.40 -28.77 15.90
N HIS A 39 8.73 -28.16 14.75
CA HIS A 39 8.74 -26.68 14.56
C HIS A 39 7.38 -26.12 14.98
N SER A 40 6.27 -26.69 14.47
CA SER A 40 4.86 -26.32 14.78
C SER A 40 4.60 -26.36 16.28
N GLU A 41 5.17 -27.35 16.97
CA GLU A 41 4.97 -27.56 18.43
C GLU A 41 5.65 -26.41 19.21
N ILE A 42 6.96 -26.20 19.02
CA ILE A 42 7.75 -25.11 19.68
C ILE A 42 7.02 -23.79 19.33
N GLY A 43 6.65 -23.59 18.08
CA GLY A 43 5.83 -22.45 17.62
C GLY A 43 4.56 -22.25 18.46
N ARG A 44 3.78 -23.32 18.68
CA ARG A 44 2.45 -23.27 19.35
C ARG A 44 2.69 -23.02 20.84
N LEU A 45 3.80 -23.53 21.37
CA LEU A 45 4.16 -23.38 22.81
C LEU A 45 4.65 -21.93 23.07
N ASN A 46 5.52 -21.38 22.21
CA ASN A 46 5.97 -19.96 22.25
C ASN A 46 4.72 -19.02 22.21
N ASN A 47 3.85 -19.21 21.22
CA ASN A 47 2.54 -18.52 21.03
C ASN A 47 1.81 -18.49 22.39
N GLN A 48 1.68 -19.67 23.03
CA GLN A 48 0.86 -19.84 24.26
C GLN A 48 1.57 -19.20 25.46
N SER A 49 2.91 -19.15 25.43
CA SER A 49 3.74 -18.61 26.53
C SER A 49 3.60 -17.08 26.53
N LEU A 50 3.65 -16.47 25.34
CA LEU A 50 3.86 -15.00 25.17
C LEU A 50 2.53 -14.27 24.92
N LEU A 51 1.43 -15.01 24.75
CA LEU A 51 0.14 -14.39 24.35
C LEU A 51 -0.18 -13.21 25.27
N TRP A 52 -0.14 -13.40 26.60
CA TRP A 52 -0.48 -12.35 27.61
C TRP A 52 0.77 -11.58 28.07
N GLY A 53 0.62 -10.28 28.26
CA GLY A 53 1.65 -9.43 28.87
C GLY A 53 1.06 -8.11 29.33
N PRO A 54 1.88 -7.31 30.03
CA PRO A 54 1.56 -5.89 30.25
C PRO A 54 2.02 -5.09 29.02
N TYR A 55 1.54 -5.49 27.85
CA TYR A 55 2.12 -5.15 26.52
C TYR A 55 1.68 -3.75 26.05
N ARG A 56 1.52 -2.83 26.99
CA ARG A 56 1.09 -1.45 26.69
C ARG A 56 2.11 -0.51 27.32
N PRO A 57 3.37 -0.50 26.83
CA PRO A 57 4.42 0.31 27.43
C PRO A 57 4.12 1.81 27.37
N ASN A 58 3.19 2.22 26.50
CA ASN A 58 2.83 3.64 26.34
C ASN A 58 2.08 4.15 27.59
N ILE A 59 1.61 3.26 28.50
CA ILE A 59 0.90 3.71 29.73
C ILE A 59 1.59 3.15 30.97
N TYR A 60 1.36 3.75 32.13
CA TYR A 60 2.06 3.39 33.37
C TYR A 60 1.81 1.89 33.61
N PHE A 61 0.55 1.47 33.54
CA PHE A 61 0.23 0.03 33.72
C PHE A 61 -1.09 -0.32 33.06
N GLY A 62 -1.02 -1.36 32.22
CA GLY A 62 -2.15 -2.02 31.56
C GLY A 62 -1.71 -3.32 30.93
N THR A 63 -2.66 -4.12 30.47
CA THR A 63 -2.44 -5.45 29.85
C THR A 63 -3.22 -5.50 28.54
N ARG A 64 -2.71 -6.31 27.60
CA ARG A 64 -3.44 -6.83 26.42
C ARG A 64 -2.70 -8.08 25.94
N PRO A 65 -3.42 -8.99 25.26
CA PRO A 65 -2.80 -10.14 24.61
C PRO A 65 -2.29 -9.73 23.23
N ARG A 66 -1.44 -10.56 22.61
CA ARG A 66 -0.90 -10.35 21.25
C ARG A 66 -2.02 -10.63 20.25
N ILE A 67 -3.12 -9.89 20.34
CA ILE A 67 -4.35 -10.05 19.50
C ILE A 67 -4.84 -8.64 19.19
N GLY A 68 -4.98 -8.29 17.92
CA GLY A 68 -5.40 -6.94 17.51
C GLY A 68 -6.68 -6.49 18.22
N LYS A 69 -7.78 -7.22 18.09
CA LYS A 69 -9.11 -6.78 18.57
C LYS A 69 -9.53 -7.73 19.70
N SER A 70 -9.23 -7.36 20.95
CA SER A 70 -9.39 -8.22 22.15
C SER A 70 -9.55 -7.37 23.43
N LEU A 71 -9.34 -8.03 24.56
CA LEU A 71 -9.52 -7.49 25.93
C LEU A 71 -8.24 -6.73 26.30
N MET A 72 -8.37 -5.44 26.66
CA MET A 72 -7.27 -4.59 27.22
C MET A 72 -7.69 -3.98 28.56
N THR A 73 -6.70 -3.68 29.39
CA THR A 73 -6.86 -3.03 30.72
C THR A 73 -5.90 -1.83 30.86
N GLY A 74 -6.34 -0.82 31.59
CA GLY A 74 -5.47 0.30 32.00
C GLY A 74 -5.73 0.80 33.40
N LEU A 75 -4.66 1.20 34.08
CA LEU A 75 -4.68 1.81 35.43
C LEU A 75 -4.66 3.33 35.32
N MET A 76 -5.44 4.00 36.15
CA MET A 76 -5.37 5.46 36.34
C MET A 76 -5.46 5.73 37.83
N TRP A 77 -4.83 6.80 38.28
CA TRP A 77 -4.87 7.29 39.69
C TRP A 77 -4.63 8.80 39.68
N GLY A 78 -5.13 9.49 40.70
CA GLY A 78 -4.74 10.87 41.01
C GLY A 78 -5.28 11.33 42.35
N LYS A 79 -4.50 12.11 43.09
CA LYS A 79 -5.01 12.70 44.34
C LYS A 79 -6.17 13.60 43.92
N ILE A 80 -7.14 13.83 44.82
CA ILE A 80 -8.15 14.91 44.64
C ILE A 80 -8.17 15.75 45.92
N GLU A 81 -7.83 17.03 45.79
CA GLU A 81 -7.76 18.01 46.90
C GLU A 81 -8.80 19.10 46.73
N SER A 82 -9.50 19.13 45.58
CA SER A 82 -10.33 20.26 45.13
C SER A 82 -11.35 19.78 44.09
N TYR A 83 -12.22 20.68 43.62
CA TYR A 83 -13.29 20.39 42.65
C TYR A 83 -12.73 20.43 41.23
N THR A 84 -11.47 20.88 41.03
CA THR A 84 -10.94 21.08 39.65
C THR A 84 -9.59 20.41 39.40
N ASP A 85 -8.97 19.79 40.40
CA ASP A 85 -7.54 19.40 40.36
C ASP A 85 -7.34 17.99 39.76
N PHE A 86 -8.35 17.11 39.78
CA PHE A 86 -8.18 15.69 39.38
C PHE A 86 -7.92 15.58 37.87
N GLN A 87 -8.53 16.45 37.06
CA GLN A 87 -8.30 16.51 35.61
C GLN A 87 -6.82 16.75 35.34
N HIS A 88 -6.10 17.41 36.25
CA HIS A 88 -4.66 17.77 36.05
C HIS A 88 -3.78 16.73 36.75
N THR A 89 -4.25 16.07 37.81
CA THR A 89 -3.38 15.15 38.58
C THR A 89 -3.46 13.74 37.99
N VAL A 90 -4.57 13.36 37.36
CA VAL A 90 -4.81 11.93 37.01
C VAL A 90 -3.67 11.44 36.12
N ARG A 91 -3.22 10.20 36.30
CA ARG A 91 -2.13 9.55 35.53
C ARG A 91 -2.70 8.44 34.66
N TYR A 92 -2.19 8.29 33.43
CA TYR A 92 -2.56 7.18 32.53
C TYR A 92 -1.40 6.92 31.58
N THR A 93 -1.14 7.78 30.58
CA THR A 93 -0.04 7.63 29.58
C THR A 93 1.29 8.11 30.20
N CYS A 94 2.40 7.45 29.86
CA CYS A 94 3.74 7.73 30.40
C CYS A 94 4.19 9.13 29.96
N GLU A 95 4.71 9.91 30.91
CA GLU A 95 5.37 11.23 30.71
C GLU A 95 6.67 11.23 31.55
N GLN A 96 7.50 12.25 31.39
CA GLN A 96 8.59 12.51 32.36
C GLN A 96 8.74 14.03 32.47
N ASN A 97 8.49 14.60 33.66
CA ASN A 97 8.49 16.04 33.99
C ASN A 97 8.83 16.15 35.47
N GLU A 98 8.83 17.37 36.04
CA GLU A 98 9.20 17.65 37.46
C GLU A 98 8.21 16.93 38.40
N GLY A 99 6.96 16.70 37.99
CA GLY A 99 5.91 15.99 38.76
C GLY A 99 6.21 14.50 38.97
N MET A 100 7.13 13.91 38.21
CA MET A 100 7.43 12.45 38.32
C MET A 100 8.91 12.24 38.63
N LYS A 101 9.23 11.58 39.73
CA LYS A 101 10.62 11.28 40.13
C LYS A 101 11.21 10.24 39.16
N GLY A 102 10.48 9.17 38.91
CA GLY A 102 10.96 8.07 38.07
C GLY A 102 9.96 6.95 38.10
N TYR A 103 10.18 5.95 37.25
CA TYR A 103 9.36 4.72 37.22
C TYR A 103 10.07 3.68 36.36
N GLY A 104 9.69 2.41 36.56
CA GLY A 104 10.12 1.35 35.65
C GLY A 104 10.10 0.01 36.30
N TRP A 105 10.60 -0.97 35.57
CA TRP A 105 10.61 -2.39 35.99
C TRP A 105 11.86 -2.64 36.82
N ASP A 106 11.66 -3.14 38.04
CA ASP A 106 12.75 -3.66 38.91
C ASP A 106 13.15 -5.05 38.41
N GLU A 107 12.18 -5.81 37.89
CA GLU A 107 12.29 -7.22 37.45
C GLU A 107 11.26 -7.44 36.35
N TYR A 108 11.64 -8.14 35.29
CA TYR A 108 10.66 -8.47 34.23
C TYR A 108 11.17 -9.62 33.37
N ASP A 109 10.25 -10.54 33.09
CA ASP A 109 10.34 -11.58 32.03
C ASP A 109 8.96 -11.66 31.42
N PRO A 110 8.84 -11.50 30.09
CA PRO A 110 7.52 -11.53 29.48
C PRO A 110 6.79 -12.87 29.61
N ARG A 111 7.48 -13.97 29.90
CA ARG A 111 6.81 -15.29 30.12
C ARG A 111 6.18 -15.34 31.52
N ARG A 112 6.82 -14.72 32.53
CA ARG A 112 6.41 -14.87 33.96
C ARG A 112 5.61 -13.65 34.47
N GLY A 113 6.00 -12.44 34.04
CA GLY A 113 5.57 -11.16 34.63
C GLY A 113 6.70 -10.44 35.32
N GLY A 114 6.38 -9.59 36.28
CA GLY A 114 7.38 -8.92 37.13
C GLY A 114 6.77 -7.80 37.95
N ILE A 115 7.61 -6.85 38.34
CA ILE A 115 7.32 -5.79 39.34
C ILE A 115 7.84 -4.45 38.80
N GLN A 116 6.98 -3.43 38.85
CA GLN A 116 7.23 -2.03 38.43
C GLN A 116 7.01 -1.13 39.64
N SER A 117 7.94 -0.19 39.82
CA SER A 117 7.93 0.89 40.84
C SER A 117 7.68 2.22 40.13
N ILE A 118 6.76 3.02 40.68
CA ILE A 118 6.41 4.36 40.14
C ILE A 118 6.54 5.36 41.29
N HIS A 119 7.34 6.41 41.11
CA HIS A 119 7.60 7.43 42.15
C HIS A 119 7.01 8.74 41.63
N ASP A 120 5.82 9.07 42.10
CA ASP A 120 4.96 10.19 41.64
C ASP A 120 5.01 11.29 42.71
N ILE A 121 5.75 12.36 42.46
CA ILE A 121 5.84 13.54 43.37
C ILE A 121 4.51 14.29 43.40
N GLN A 122 3.93 14.55 42.24
CA GLN A 122 2.70 15.33 42.14
C GLN A 122 1.62 14.67 43.01
N ASN A 123 1.46 13.36 42.91
CA ASN A 123 0.37 12.66 43.62
C ASN A 123 0.81 12.12 45.00
N GLY A 124 2.05 12.35 45.42
CA GLY A 124 2.54 12.00 46.76
C GLY A 124 2.62 10.51 46.99
N LEU A 125 2.79 9.72 45.91
CA LEU A 125 2.59 8.25 45.97
C LEU A 125 3.80 7.52 45.37
N ASP A 126 4.16 6.42 46.03
CA ASP A 126 5.08 5.35 45.59
C ASP A 126 4.19 4.14 45.28
N ILE A 127 4.07 3.81 43.99
CA ILE A 127 3.15 2.73 43.52
C ILE A 127 4.00 1.56 43.07
N THR A 128 3.45 0.38 43.27
CA THR A 128 4.01 -0.94 42.88
C THR A 128 2.92 -1.62 42.07
N THR A 129 3.26 -2.10 40.88
CA THR A 129 2.36 -2.90 40.03
C THR A 129 3.10 -4.21 39.79
N SER A 130 2.68 -5.27 40.47
CA SER A 130 3.24 -6.63 40.30
C SER A 130 2.30 -7.34 39.34
N PHE A 131 2.86 -7.96 38.30
CA PHE A 131 2.08 -8.66 37.27
C PHE A 131 2.61 -10.07 37.17
N VAL A 132 1.71 -11.04 37.09
CA VAL A 132 2.13 -12.47 37.01
C VAL A 132 1.23 -13.25 36.07
N LYS A 133 1.83 -14.18 35.35
CA LYS A 133 1.11 -15.08 34.42
C LYS A 133 1.03 -16.48 35.05
N ILE A 134 -0.13 -17.13 34.92
CA ILE A 134 -0.34 -18.53 35.41
C ILE A 134 -0.75 -19.35 34.19
N PRO A 135 0.16 -20.16 33.64
CA PRO A 135 -0.16 -20.99 32.48
C PRO A 135 -1.31 -21.96 32.83
N GLY A 136 -2.07 -22.36 31.80
CA GLY A 136 -3.21 -23.29 31.91
C GLY A 136 -4.19 -23.08 30.78
N GLY A 137 -4.98 -24.11 30.43
CA GLY A 137 -6.08 -24.00 29.45
C GLY A 137 -5.52 -23.90 28.04
N ALA A 138 -6.34 -23.41 27.10
CA ALA A 138 -6.14 -23.49 25.64
C ALA A 138 -6.05 -22.09 25.02
N HIS A 139 -5.88 -21.06 25.84
CA HIS A 139 -6.21 -19.66 25.48
C HIS A 139 -5.10 -18.66 25.87
N GLY A 140 -3.91 -19.14 26.20
CA GLY A 140 -2.78 -18.27 26.61
C GLY A 140 -2.66 -18.14 28.12
N GLY A 141 -3.46 -18.86 28.87
CA GLY A 141 -3.36 -18.88 30.35
C GLY A 141 -4.11 -17.74 31.00
N SER A 142 -3.84 -17.58 32.29
CA SER A 142 -4.45 -16.58 33.20
C SER A 142 -3.32 -15.63 33.67
N TRP A 143 -3.68 -14.58 34.41
CA TRP A 143 -2.74 -13.56 34.93
C TRP A 143 -3.39 -12.83 36.11
N ALA A 144 -2.57 -12.14 36.90
CA ALA A 144 -2.98 -11.46 38.13
C ALA A 144 -2.09 -10.23 38.32
N ALA A 145 -2.61 -9.18 38.93
CA ALA A 145 -1.83 -7.98 39.24
C ALA A 145 -2.19 -7.48 40.63
N ARG A 146 -1.19 -6.97 41.35
CA ARG A 146 -1.41 -6.26 42.62
C ARG A 146 -1.00 -4.82 42.39
N ILE A 147 -1.91 -3.89 42.63
CA ILE A 147 -1.63 -2.43 42.64
C ILE A 147 -1.50 -1.99 44.11
N LYS A 148 -0.34 -1.46 44.52
CA LYS A 148 -0.12 -0.96 45.90
C LYS A 148 0.36 0.50 45.87
N GLY A 149 -0.41 1.40 46.53
CA GLY A 149 -0.05 2.80 46.70
C GLY A 149 0.34 3.11 48.14
N THR A 150 1.54 3.61 48.36
CA THR A 150 2.01 4.08 49.68
C THR A 150 2.23 5.59 49.57
N LEU A 151 1.46 6.41 50.33
CA LEU A 151 1.74 7.86 50.41
C LEU A 151 3.22 8.03 50.80
N ASN A 152 3.91 9.00 50.20
CA ASN A 152 5.31 9.32 50.57
C ASN A 152 5.28 10.25 51.79
N ASP A 153 6.44 10.61 52.34
CA ASP A 153 6.53 11.36 53.63
C ASP A 153 5.85 12.73 53.50
N ASP A 154 5.83 13.35 52.32
CA ASP A 154 5.39 14.76 52.17
C ASP A 154 3.89 14.83 51.95
N ALA A 155 3.23 13.70 51.67
CA ALA A 155 1.79 13.66 51.35
C ALA A 155 0.96 13.83 52.63
N PRO A 156 -0.19 14.53 52.56
CA PRO A 156 -1.15 14.57 53.67
C PRO A 156 -1.56 13.14 54.02
N LYS A 157 -1.54 12.78 55.32
CA LYS A 157 -1.77 11.38 55.78
C LYS A 157 -3.23 11.02 55.44
N ASP A 158 -4.07 12.02 55.21
CA ASP A 158 -5.50 11.82 54.85
C ASP A 158 -5.75 12.10 53.35
N GLN A 159 -4.71 12.13 52.52
CA GLN A 159 -4.92 12.33 51.05
C GLN A 159 -6.02 11.36 50.58
N LYS A 160 -6.95 11.89 49.81
CA LYS A 160 -7.87 11.07 48.99
C LYS A 160 -7.26 10.85 47.59
N THR A 161 -7.04 9.58 47.22
CA THR A 161 -6.58 9.14 45.88
C THR A 161 -7.73 8.41 45.16
N ILE A 162 -8.10 8.87 43.97
CA ILE A 162 -9.01 8.15 43.02
C ILE A 162 -8.19 7.15 42.22
N VAL A 163 -8.68 5.92 42.15
CA VAL A 163 -8.05 4.83 41.36
C VAL A 163 -9.12 4.28 40.43
N VAL A 164 -8.77 4.10 39.17
CA VAL A 164 -9.66 3.55 38.12
C VAL A 164 -8.95 2.37 37.48
N PHE A 165 -9.64 1.24 37.36
CA PHE A 165 -9.27 0.14 36.44
C PHE A 165 -10.25 0.14 35.28
N TYR A 166 -9.72 0.37 34.09
CA TYR A 166 -10.48 0.59 32.85
C TYR A 166 -10.30 -0.66 32.01
N VAL A 167 -11.41 -1.28 31.64
CA VAL A 167 -11.45 -2.56 30.87
C VAL A 167 -12.29 -2.32 29.63
N SER A 168 -11.69 -2.55 28.46
CA SER A 168 -12.36 -2.50 27.14
C SER A 168 -12.22 -3.85 26.45
N GLN A 169 -13.15 -4.18 25.55
CA GLN A 169 -13.07 -5.37 24.66
C GLN A 169 -13.56 -5.00 23.26
N GLU A 170 -12.71 -5.18 22.25
CA GLU A 170 -12.97 -4.98 20.81
C GLU A 170 -13.26 -6.34 20.17
N GLY A 171 -14.19 -6.35 19.20
CA GLY A 171 -14.72 -7.60 18.59
C GLY A 171 -16.22 -7.53 18.33
N GLU A 172 -16.68 -8.16 17.23
CA GLU A 172 -18.11 -8.22 16.84
C GLU A 172 -18.91 -9.20 17.72
N ASN A 173 -18.41 -10.43 17.88
CA ASN A 173 -19.13 -11.58 18.52
C ASN A 173 -18.46 -11.90 19.86
N SER A 174 -18.47 -10.92 20.77
CA SER A 174 -17.79 -11.01 22.08
C SER A 174 -18.58 -10.22 23.13
N GLU A 175 -18.50 -10.69 24.36
CA GLU A 175 -19.38 -10.15 25.42
C GLU A 175 -18.57 -9.98 26.70
N LEU A 176 -18.97 -8.97 27.47
CA LEU A 176 -18.37 -8.68 28.77
C LEU A 176 -19.43 -8.00 29.63
N GLU A 177 -19.57 -8.44 30.88
CA GLU A 177 -20.67 -8.03 31.77
C GLU A 177 -20.17 -7.92 33.20
N ALA A 178 -20.38 -6.78 33.84
CA ALA A 178 -20.26 -6.61 35.31
C ALA A 178 -21.44 -7.34 35.97
N VAL A 179 -21.17 -8.40 36.72
CA VAL A 179 -22.14 -8.97 37.70
C VAL A 179 -22.55 -7.87 38.68
N PRO A 180 -23.85 -7.51 38.75
CA PRO A 180 -24.29 -6.43 39.63
C PRO A 180 -24.01 -6.73 41.11
N SER A 181 -23.93 -5.68 41.95
CA SER A 181 -23.69 -5.80 43.43
C SER A 181 -25.01 -6.18 44.14
N GLU A 182 -24.91 -6.75 45.35
CA GLU A 182 -26.07 -6.94 46.27
C GLU A 182 -26.47 -5.57 46.82
N ASN A 183 -25.51 -4.66 46.98
CA ASN A 183 -25.72 -3.32 47.59
C ASN A 183 -26.39 -2.40 46.56
N GLU A 184 -27.02 -1.33 47.06
CA GLU A 184 -27.83 -0.40 46.24
C GLU A 184 -26.92 0.50 45.38
N PHE A 185 -25.90 1.11 45.98
CA PHE A 185 -25.13 2.25 45.43
C PHE A 185 -23.75 1.82 44.90
N GLY A 186 -23.42 0.52 44.93
CA GLY A 186 -22.08 0.05 44.56
C GLY A 186 -21.65 -1.19 45.30
N TYR A 187 -20.36 -1.39 45.48
CA TYR A 187 -19.75 -2.69 45.79
C TYR A 187 -19.05 -2.63 47.14
N GLU A 188 -19.38 -3.55 48.06
CA GLU A 188 -18.67 -3.66 49.36
C GLU A 188 -17.42 -4.52 49.18
N GLY A 189 -17.43 -5.43 48.19
CA GLY A 189 -16.37 -6.40 47.95
C GLY A 189 -15.88 -6.43 46.50
N ASP A 190 -15.67 -7.61 45.95
CA ASP A 190 -15.00 -7.81 44.64
C ASP A 190 -15.98 -7.37 43.56
N VAL A 191 -15.43 -6.92 42.43
CA VAL A 191 -16.19 -6.66 41.17
C VAL A 191 -15.83 -7.82 40.27
N ILE A 192 -16.83 -8.56 39.80
CA ILE A 192 -16.66 -9.72 38.89
C ILE A 192 -17.11 -9.24 37.51
N LEU A 193 -16.21 -9.29 36.54
CA LEU A 193 -16.59 -9.15 35.11
C LEU A 193 -16.47 -10.56 34.55
N LYS A 194 -17.48 -10.97 33.78
CA LYS A 194 -17.58 -12.28 33.10
C LYS A 194 -17.69 -11.96 31.61
N GLY A 195 -16.78 -12.51 30.80
CA GLY A 195 -16.82 -12.26 29.35
C GLY A 195 -16.46 -13.47 28.51
N ARG A 196 -16.55 -13.28 27.20
CA ARG A 196 -16.30 -14.32 26.20
C ARG A 196 -15.91 -13.65 24.89
N SER A 197 -14.95 -14.26 24.20
CA SER A 197 -14.60 -13.99 22.79
C SER A 197 -14.16 -15.31 22.16
N GLU A 198 -14.14 -15.36 20.82
CA GLU A 198 -13.51 -16.45 20.03
C GLU A 198 -12.08 -16.63 20.52
N ALA A 199 -11.34 -15.54 20.68
CA ALA A 199 -9.89 -15.59 20.96
C ALA A 199 -9.60 -16.08 22.38
N LEU A 200 -10.43 -15.77 23.38
CA LEU A 200 -10.09 -16.05 24.80
C LEU A 200 -10.99 -17.14 25.40
N GLY A 201 -12.01 -17.56 24.65
CA GLY A 201 -13.12 -18.36 25.18
C GLY A 201 -13.76 -17.65 26.35
N ASN A 202 -14.17 -18.41 27.35
CA ASN A 202 -14.83 -17.86 28.55
C ASN A 202 -13.73 -17.45 29.54
N TYR A 203 -13.91 -16.30 30.18
CA TYR A 203 -12.95 -15.79 31.18
C TYR A 203 -13.73 -14.94 32.19
N LYS A 204 -13.15 -14.76 33.37
CA LYS A 204 -13.67 -13.78 34.34
C LYS A 204 -12.53 -12.89 34.85
N LEU A 205 -12.84 -11.61 35.04
CA LEU A 205 -11.86 -10.59 35.40
C LEU A 205 -12.39 -10.00 36.70
N VAL A 206 -11.63 -10.15 37.78
CA VAL A 206 -12.04 -9.71 39.15
C VAL A 206 -11.16 -8.53 39.60
N VAL A 207 -11.78 -7.47 40.08
CA VAL A 207 -11.08 -6.36 40.80
C VAL A 207 -11.46 -6.53 42.27
N THR A 208 -10.51 -6.92 43.13
CA THR A 208 -10.81 -7.24 44.55
C THR A 208 -11.14 -6.00 45.37
N LYS A 209 -11.90 -6.15 46.48
CA LYS A 209 -12.20 -5.10 47.49
C LYS A 209 -10.94 -4.27 47.75
N GLY A 210 -9.85 -4.98 48.01
CA GLY A 210 -8.57 -4.40 48.43
C GLY A 210 -8.59 -3.97 49.89
N LYS A 211 -7.47 -3.42 50.31
CA LYS A 211 -7.22 -2.93 51.68
C LYS A 211 -7.00 -1.42 51.53
N GLY A 212 -7.55 -0.67 52.49
CA GLY A 212 -7.28 0.75 52.72
C GLY A 212 -8.56 1.45 53.11
N VAL A 213 -8.45 2.62 53.73
CA VAL A 213 -9.64 3.34 54.24
C VAL A 213 -10.38 3.91 53.04
N ILE A 214 -11.69 3.77 53.05
CA ILE A 214 -12.56 4.36 52.01
C ILE A 214 -13.35 5.47 52.70
N PRO A 215 -13.17 6.73 52.25
CA PRO A 215 -13.82 7.86 52.91
C PRO A 215 -15.34 7.69 52.82
N GLN A 216 -16.07 8.25 53.77
CA GLN A 216 -17.55 8.12 53.85
C GLN A 216 -18.10 9.54 53.89
N SER A 217 -19.11 9.86 53.10
CA SER A 217 -19.67 11.24 53.03
C SER A 217 -20.94 11.26 53.86
N ASP A 218 -21.07 12.30 54.69
CA ASP A 218 -22.25 12.55 55.54
C ASP A 218 -23.23 13.46 54.80
N HIS A 219 -23.00 13.80 53.53
CA HIS A 219 -23.83 14.77 52.76
C HIS A 219 -25.16 14.12 52.38
N ASP A 220 -26.21 14.92 52.20
CA ASP A 220 -27.53 14.51 51.66
C ASP A 220 -27.34 13.68 50.38
N LEU A 221 -26.36 14.00 49.54
CA LEU A 221 -26.12 13.24 48.28
C LEU A 221 -26.01 11.74 48.59
N SER A 222 -25.46 11.35 49.76
CA SER A 222 -25.19 9.93 50.10
C SER A 222 -26.49 9.11 50.15
N ARG A 223 -27.64 9.76 50.32
CA ARG A 223 -28.97 9.08 50.30
C ARG A 223 -29.22 8.57 48.87
N LEU A 224 -28.56 9.14 47.87
CA LEU A 224 -28.81 8.77 46.46
C LEU A 224 -27.58 8.14 45.78
N ARG A 225 -26.35 8.51 46.19
N ARG A 225 -26.36 8.50 46.19
CA ARG A 225 -25.09 7.98 45.59
CA ARG A 225 -25.12 7.95 45.56
C ARG A 225 -24.44 6.94 46.52
C ARG A 225 -24.35 7.11 46.59
N GLY A 226 -24.94 6.83 47.75
CA GLY A 226 -24.32 5.99 48.79
C GLY A 226 -23.24 6.81 49.47
N PRO A 227 -22.80 6.44 50.69
CA PRO A 227 -21.85 7.26 51.46
C PRO A 227 -20.42 7.24 50.89
N GLY A 228 -20.11 6.23 50.07
CA GLY A 228 -18.82 6.07 49.38
C GLY A 228 -18.45 4.61 49.29
N GLN A 229 -18.19 4.13 48.07
CA GLN A 229 -17.92 2.70 47.79
C GLN A 229 -17.34 2.56 46.37
N THR A 230 -16.84 1.37 46.08
CA THR A 230 -16.40 0.93 44.75
C THR A 230 -17.62 1.03 43.83
N VAL A 231 -17.42 1.58 42.64
CA VAL A 231 -18.51 1.73 41.63
C VAL A 231 -18.01 1.19 40.28
N VAL A 232 -18.96 0.83 39.43
CA VAL A 232 -18.75 0.35 38.05
C VAL A 232 -19.74 1.06 37.13
N GLN A 233 -19.25 1.60 36.01
CA GLN A 233 -20.10 1.94 34.83
C GLN A 233 -19.70 1.00 33.67
N SER A 234 -20.69 0.37 33.05
CA SER A 234 -20.53 -0.49 31.87
C SER A 234 -21.14 0.26 30.69
N LEU A 235 -20.33 0.62 29.70
CA LEU A 235 -20.68 1.50 28.57
C LEU A 235 -20.45 0.75 27.25
N THR A 236 -20.93 1.29 26.14
CA THR A 236 -20.43 0.88 24.80
C THR A 236 -20.17 2.12 23.94
N TYR A 237 -19.03 2.07 23.26
CA TYR A 237 -18.60 3.03 22.22
C TYR A 237 -18.25 2.19 21.01
N PRO A 238 -18.26 2.76 19.81
CA PRO A 238 -17.72 2.05 18.66
C PRO A 238 -16.30 1.60 18.99
N ASP A 239 -15.97 0.35 18.63
CA ASP A 239 -14.72 -0.36 18.99
C ASP A 239 -13.47 0.49 18.77
N GLU A 240 -13.44 1.35 17.76
CA GLU A 240 -12.19 2.00 17.30
C GLU A 240 -11.80 3.20 18.20
N VAL A 241 -12.64 3.57 19.18
CA VAL A 241 -12.34 4.67 20.15
C VAL A 241 -12.16 4.12 21.58
N LEU A 242 -12.20 2.80 21.80
CA LEU A 242 -12.18 2.27 23.19
C LEU A 242 -10.86 2.63 23.88
N TRP A 243 -9.80 2.87 23.10
CA TRP A 243 -8.44 3.18 23.63
C TRP A 243 -8.43 4.57 24.28
N GLN A 244 -9.39 5.44 23.98
CA GLN A 244 -9.36 6.84 24.50
C GLN A 244 -9.97 6.86 25.91
N ALA A 245 -9.34 6.14 26.84
CA ALA A 245 -9.81 5.84 28.20
C ALA A 245 -9.97 7.13 29.02
N LYS A 246 -9.07 8.10 28.88
CA LYS A 246 -9.16 9.37 29.67
C LYS A 246 -10.41 10.15 29.25
N PRO A 247 -10.63 10.45 27.96
CA PRO A 247 -11.85 11.16 27.55
C PRO A 247 -13.14 10.38 27.84
N ILE A 248 -13.09 9.05 27.68
CA ILE A 248 -14.25 8.19 28.02
C ILE A 248 -14.54 8.37 29.53
N LEU A 249 -13.52 8.35 30.37
CA LEU A 249 -13.72 8.49 31.82
C LEU A 249 -14.28 9.89 32.08
N PHE A 250 -13.69 10.92 31.51
CA PHE A 250 -14.04 12.31 31.89
C PHE A 250 -15.44 12.62 31.39
N GLN A 251 -15.86 12.06 30.27
CA GLN A 251 -17.23 12.28 29.78
C GLN A 251 -18.20 11.81 30.89
N GLN A 252 -17.93 10.64 31.47
CA GLN A 252 -18.77 10.07 32.56
C GLN A 252 -18.67 10.95 33.82
N LEU A 253 -17.48 11.43 34.18
CA LEU A 253 -17.32 12.32 35.36
C LEU A 253 -18.14 13.58 35.15
N LYS A 254 -18.05 14.18 33.97
CA LYS A 254 -18.78 15.43 33.60
C LYS A 254 -20.30 15.19 33.62
N ALA A 255 -20.80 14.04 33.17
CA ALA A 255 -22.25 13.72 33.24
C ALA A 255 -22.71 13.66 34.71
N GLY A 256 -21.92 13.04 35.60
CA GLY A 256 -22.20 13.03 37.05
C GLY A 256 -22.34 14.45 37.59
N ILE A 257 -21.39 15.31 37.28
CA ILE A 257 -21.39 16.72 37.77
C ILE A 257 -22.61 17.47 37.19
N ASP A 258 -22.92 17.30 35.90
CA ASP A 258 -24.11 17.93 35.28
C ASP A 258 -25.36 17.55 36.08
N TRP A 259 -25.45 16.27 36.48
CA TRP A 259 -26.56 15.69 37.25
C TRP A 259 -26.65 16.40 38.62
N LEU A 260 -25.53 16.56 39.32
CA LEU A 260 -25.46 17.33 40.60
C LEU A 260 -26.09 18.70 40.35
N VAL A 261 -25.63 19.41 39.33
CA VAL A 261 -26.16 20.78 39.02
C VAL A 261 -27.69 20.69 38.79
N GLU A 262 -28.19 19.77 37.95
CA GLU A 262 -29.63 19.69 37.58
C GLU A 262 -30.46 19.41 38.84
N ASN A 263 -29.91 18.65 39.79
CA ASN A 263 -30.65 18.15 40.98
C ASN A 263 -30.32 18.99 42.21
N LYS A 264 -29.85 20.23 42.03
CA LYS A 264 -29.78 21.28 43.08
C LYS A 264 -28.67 21.00 44.12
N TYR A 265 -27.65 20.21 43.81
CA TYR A 265 -26.43 20.08 44.65
C TYR A 265 -25.47 21.20 44.23
N ASP A 266 -25.31 22.23 45.07
CA ASP A 266 -24.69 23.52 44.69
C ASP A 266 -23.69 23.98 45.75
N VAL A 267 -23.26 25.24 45.66
CA VAL A 267 -22.09 25.79 46.41
C VAL A 267 -22.54 26.28 47.77
N ALA A 268 -23.85 26.37 48.00
CA ALA A 268 -24.44 26.67 49.33
C ALA A 268 -24.11 25.51 50.27
N ASP A 269 -24.07 24.29 49.74
CA ASP A 269 -23.84 23.03 50.51
C ASP A 269 -23.31 21.93 49.59
N PRO A 270 -22.02 21.99 49.20
CA PRO A 270 -21.49 21.06 48.21
C PRO A 270 -21.03 19.76 48.85
N PRO A 271 -21.25 18.60 48.20
CA PRO A 271 -20.61 17.35 48.63
C PRO A 271 -19.10 17.52 48.54
N PRO A 272 -18.31 16.66 49.22
CA PRO A 272 -16.86 16.78 49.12
C PRO A 272 -16.37 16.40 47.73
N PRO A 273 -15.18 16.91 47.33
CA PRO A 273 -14.67 16.71 45.97
C PRO A 273 -14.69 15.26 45.50
N TRP A 274 -14.27 14.35 46.37
CA TRP A 274 -14.07 12.93 46.05
C TRP A 274 -15.41 12.23 45.79
N GLN A 275 -16.50 12.75 46.33
CA GLN A 275 -17.86 12.20 46.09
C GLN A 275 -18.40 12.85 44.82
N VAL A 276 -18.08 14.12 44.61
CA VAL A 276 -18.45 14.81 43.34
C VAL A 276 -17.85 14.01 42.18
N TYR A 277 -16.63 13.44 42.34
CA TYR A 277 -15.89 12.73 41.28
C TYR A 277 -16.03 11.19 41.42
N LEU A 278 -17.02 10.71 42.19
CA LEU A 278 -17.37 9.26 42.23
C LEU A 278 -18.56 9.01 41.31
N LEU A 279 -18.37 8.13 40.33
CA LEU A 279 -19.42 7.81 39.34
C LEU A 279 -20.64 7.16 40.05
N ALA A 280 -21.85 7.47 39.57
CA ALA A 280 -23.09 6.69 39.89
C ALA A 280 -22.89 5.27 39.36
N ASN A 281 -22.99 4.27 40.24
CA ASN A 281 -22.94 2.82 39.92
C ASN A 281 -24.01 2.48 38.84
N LYS A 282 -23.59 1.92 37.70
CA LYS A 282 -24.51 1.39 36.65
C LYS A 282 -23.79 0.24 35.95
N PRO A 283 -23.55 -0.90 36.64
CA PRO A 283 -22.95 -2.06 36.00
C PRO A 283 -23.97 -2.63 35.03
N GLY A 284 -23.48 -3.46 34.09
CA GLY A 284 -24.24 -4.09 33.00
C GLY A 284 -23.29 -4.69 31.98
N SER A 285 -23.77 -4.93 30.77
CA SER A 285 -22.92 -5.39 29.65
C SER A 285 -22.55 -4.17 28.80
N GLY A 286 -21.43 -4.31 28.10
CA GLY A 286 -20.82 -3.30 27.21
C GLY A 286 -19.40 -3.69 26.86
N ASN A 287 -18.75 -2.81 26.08
CA ASN A 287 -17.36 -3.05 25.60
C ASN A 287 -16.41 -2.13 26.39
N VAL A 288 -16.95 -1.34 27.32
CA VAL A 288 -16.13 -0.59 28.31
C VAL A 288 -16.68 -0.80 29.71
N HIS A 289 -15.81 -1.12 30.66
CA HIS A 289 -16.15 -1.27 32.10
C HIS A 289 -15.20 -0.39 32.92
N ILE A 290 -15.74 0.65 33.56
CA ILE A 290 -14.97 1.57 34.44
C ILE A 290 -15.14 1.12 35.90
N VAL A 291 -14.08 0.61 36.50
CA VAL A 291 -14.09 0.28 37.94
C VAL A 291 -13.35 1.38 38.71
N GLN A 292 -14.04 2.04 39.65
CA GLN A 292 -13.50 3.24 40.33
C GLN A 292 -13.53 2.98 41.83
N LYS A 293 -12.43 3.29 42.51
CA LYS A 293 -12.25 3.24 43.98
C LYS A 293 -11.67 4.59 44.45
N VAL A 294 -12.16 5.10 45.57
CA VAL A 294 -11.52 6.20 46.32
C VAL A 294 -10.91 5.62 47.61
N PHE A 295 -9.64 5.93 47.85
CA PHE A 295 -8.89 5.54 49.05
C PHE A 295 -8.42 6.78 49.81
N GLU A 296 -8.37 6.65 51.13
CA GLU A 296 -7.79 7.64 52.06
C GLU A 296 -6.57 6.95 52.68
N GLY A 297 -5.39 7.49 52.46
CA GLY A 297 -4.14 6.87 52.91
C GLY A 297 -3.72 5.77 51.95
N ASP A 298 -2.94 4.81 52.44
CA ASP A 298 -2.33 3.73 51.65
C ASP A 298 -3.47 2.80 51.20
N PHE A 299 -3.26 2.09 50.09
CA PHE A 299 -4.24 1.20 49.45
C PHE A 299 -3.51 0.08 48.72
N GLU A 300 -4.23 -1.02 48.52
CA GLU A 300 -3.86 -2.04 47.51
C GLU A 300 -5.11 -2.80 47.08
N PHE A 301 -5.06 -3.38 45.90
CA PHE A 301 -6.17 -4.20 45.35
C PHE A 301 -5.60 -5.07 44.23
N ASP A 302 -6.22 -6.21 44.00
CA ASP A 302 -5.73 -7.21 43.04
C ASP A 302 -6.61 -7.19 41.80
N ILE A 303 -6.04 -7.57 40.67
CA ILE A 303 -6.81 -7.90 39.47
C ILE A 303 -6.50 -9.36 39.17
N LEU A 304 -7.54 -10.18 39.08
CA LEU A 304 -7.43 -11.63 38.82
C LEU A 304 -8.15 -11.98 37.52
N PHE A 305 -7.37 -12.43 36.53
CA PHE A 305 -7.86 -12.85 35.19
C PHE A 305 -7.85 -14.36 35.14
N SER A 306 -9.02 -15.00 35.14
CA SER A 306 -9.12 -16.49 35.13
C SER A 306 -9.67 -16.97 33.78
N SER A 307 -8.86 -17.68 33.00
CA SER A 307 -9.37 -18.39 31.81
C SER A 307 -10.17 -19.60 32.29
N GLU A 308 -11.48 -19.65 31.94
CA GLU A 308 -12.40 -20.79 32.25
C GLU A 308 -11.74 -22.10 31.80
N SER A 309 -11.14 -22.12 30.61
CA SER A 309 -10.60 -23.34 29.95
C SER A 309 -9.41 -23.92 30.75
N ALA A 310 -8.88 -23.20 31.74
CA ALA A 310 -7.81 -23.72 32.65
C ALA A 310 -8.43 -24.34 33.91
N GLY A 311 -7.58 -24.77 34.85
CA GLY A 311 -8.00 -25.38 36.13
C GLY A 311 -8.97 -24.49 36.93
N LYS A 312 -8.76 -24.37 38.24
CA LYS A 312 -9.58 -23.50 39.12
C LYS A 312 -9.23 -22.04 38.78
N GLU A 313 -10.11 -21.12 39.18
CA GLU A 313 -9.87 -19.68 38.98
C GLU A 313 -8.67 -19.22 39.82
N VAL A 314 -8.06 -18.11 39.41
CA VAL A 314 -6.89 -17.44 40.05
C VAL A 314 -7.36 -16.72 41.32
N THR A 315 -6.63 -16.88 42.42
CA THR A 315 -6.90 -16.19 43.71
C THR A 315 -5.74 -15.25 44.04
N SER A 316 -5.98 -14.35 45.00
CA SER A 316 -4.99 -13.45 45.62
C SER A 316 -3.83 -14.26 46.22
N LYS A 317 -4.08 -15.37 46.92
CA LYS A 317 -3.03 -16.27 47.49
C LYS A 317 -2.21 -16.83 46.31
N ASP A 318 -2.87 -17.14 45.19
CA ASP A 318 -2.15 -17.57 43.96
C ASP A 318 -1.18 -16.46 43.53
N LEU A 319 -1.67 -15.22 43.40
CA LEU A 319 -0.88 -14.06 42.91
C LEU A 319 0.38 -13.93 43.78
N GLU A 320 0.19 -13.92 45.10
CA GLU A 320 1.30 -13.68 46.08
C GLU A 320 2.43 -14.69 45.87
N ARG A 321 2.09 -15.96 45.66
CA ARG A 321 3.06 -17.07 45.55
C ARG A 321 3.76 -16.96 44.20
N GLU A 322 2.98 -16.86 43.12
CA GLU A 322 3.53 -16.82 41.74
C GLU A 322 4.51 -15.63 41.67
N VAL A 323 4.22 -14.51 42.36
CA VAL A 323 5.11 -13.31 42.35
C VAL A 323 6.44 -13.68 43.01
N LYS A 324 6.40 -14.26 44.23
CA LYS A 324 7.61 -14.64 45.01
C LYS A 324 8.50 -15.51 44.11
N GLN A 325 7.89 -16.44 43.40
CA GLN A 325 8.57 -17.50 42.60
C GLN A 325 9.17 -16.85 41.34
N ALA A 326 8.46 -15.91 40.71
CA ALA A 326 8.96 -15.17 39.52
C ALA A 326 10.21 -14.38 39.89
N THR A 327 10.23 -13.74 41.06
CA THR A 327 11.40 -13.05 41.62
C THR A 327 12.58 -14.02 41.79
N GLU A 328 12.35 -15.23 42.34
CA GLU A 328 13.43 -16.23 42.57
C GLU A 328 14.03 -16.60 41.21
N VAL A 329 13.19 -16.92 40.23
CA VAL A 329 13.59 -17.34 38.86
C VAL A 329 14.34 -16.20 38.16
N PHE A 330 13.82 -14.97 38.21
CA PHE A 330 14.49 -13.80 37.60
C PHE A 330 15.88 -13.67 38.22
N GLY A 331 15.96 -13.70 39.55
CA GLY A 331 17.25 -13.69 40.29
C GLY A 331 18.23 -14.72 39.74
N GLU A 332 17.76 -15.96 39.53
CA GLU A 332 18.61 -17.13 39.19
C GLU A 332 19.12 -16.96 37.74
N ARG A 333 18.24 -16.56 36.81
CA ARG A 333 18.56 -16.40 35.34
C ARG A 333 19.58 -15.26 35.16
N PHE A 334 19.43 -14.18 35.91
CA PHE A 334 20.25 -12.96 35.75
C PHE A 334 21.70 -13.32 36.08
N ALA A 335 21.91 -13.95 37.24
CA ALA A 335 23.24 -14.33 37.77
C ALA A 335 23.95 -15.24 36.77
N ARG A 336 23.23 -16.08 36.01
CA ARG A 336 23.87 -16.92 34.97
C ARG A 336 24.12 -16.04 33.73
N VAL A 337 23.06 -15.47 33.17
CA VAL A 337 23.06 -14.81 31.84
C VAL A 337 23.84 -13.48 31.90
N PHE A 338 23.74 -12.75 33.00
CA PHE A 338 24.38 -11.41 33.15
C PHE A 338 25.31 -11.46 34.35
N ASP A 339 26.35 -12.28 34.19
CA ASP A 339 27.41 -12.48 35.21
C ASP A 339 28.37 -11.30 35.03
N LEU A 340 28.23 -10.26 35.86
CA LEU A 340 28.98 -8.99 35.72
C LEU A 340 30.45 -9.25 36.10
N LYS A 341 31.37 -8.92 35.18
CA LYS A 341 32.83 -9.09 35.35
C LYS A 341 33.45 -7.84 35.99
N ALA A 342 34.63 -8.01 36.56
CA ALA A 342 35.40 -6.93 37.21
C ALA A 342 35.51 -5.78 36.24
N PRO A 343 35.45 -4.52 36.73
CA PRO A 343 35.26 -4.23 38.16
C PRO A 343 33.81 -3.95 38.59
N PHE A 344 32.85 -4.69 38.01
CA PHE A 344 31.41 -4.42 38.18
C PHE A 344 30.71 -5.59 38.86
N GLN A 345 31.45 -6.34 39.67
CA GLN A 345 30.97 -7.56 40.35
C GLN A 345 30.07 -7.17 41.52
N GLY A 346 30.25 -5.96 42.05
CA GLY A 346 29.61 -5.49 43.29
C GLY A 346 28.10 -5.35 43.18
N ASP A 347 27.41 -5.40 44.33
CA ASP A 347 25.93 -5.38 44.43
C ASP A 347 25.38 -4.11 43.78
N ASN A 348 26.02 -2.95 44.00
CA ASN A 348 25.60 -1.64 43.44
C ASN A 348 25.40 -1.80 41.93
N TYR A 349 26.36 -2.41 41.23
CA TYR A 349 26.34 -2.60 39.76
C TYR A 349 25.34 -3.71 39.40
N LYS A 350 25.05 -4.65 40.30
CA LYS A 350 24.09 -5.74 39.97
C LYS A 350 22.70 -5.10 39.93
N LYS A 351 22.39 -4.22 40.88
CA LYS A 351 21.08 -3.50 40.94
C LYS A 351 20.91 -2.72 39.64
N PHE A 352 21.96 -1.99 39.28
CA PHE A 352 22.06 -1.13 38.08
C PHE A 352 21.71 -1.98 36.85
N GLY A 353 22.40 -3.11 36.74
CA GLY A 353 22.25 -4.06 35.63
C GLY A 353 20.85 -4.58 35.57
N LYS A 354 20.27 -4.92 36.73
CA LYS A 354 18.88 -5.47 36.79
C LYS A 354 17.91 -4.40 36.32
N SER A 355 18.15 -3.12 36.65
CA SER A 355 17.25 -1.99 36.33
C SER A 355 17.35 -1.69 34.83
N MET A 356 18.57 -1.59 34.31
CA MET A 356 18.81 -1.32 32.88
C MET A 356 18.23 -2.47 32.06
N PHE A 357 18.44 -3.72 32.46
CA PHE A 357 17.93 -4.87 31.69
C PHE A 357 16.40 -4.92 31.77
N SER A 358 15.85 -4.92 32.97
CA SER A 358 14.39 -5.08 33.21
C SER A 358 13.59 -4.01 32.44
N ASN A 359 14.11 -2.79 32.33
CA ASN A 359 13.41 -1.65 31.67
C ASN A 359 13.40 -1.89 30.15
N LEU A 360 14.52 -2.36 29.61
CA LEU A 360 14.67 -2.79 28.20
C LEU A 360 13.60 -3.83 27.85
N ILE A 361 13.58 -4.97 28.54
CA ILE A 361 12.73 -6.13 28.15
C ILE A 361 11.30 -5.85 28.60
N GLY A 362 11.14 -5.08 29.69
CA GLY A 362 9.84 -4.57 30.16
C GLY A 362 9.20 -3.54 29.22
N GLY A 363 9.93 -2.97 28.27
CA GLY A 363 9.36 -2.04 27.28
C GLY A 363 8.62 -2.77 26.17
N ILE A 364 8.69 -4.09 26.13
CA ILE A 364 8.07 -4.90 25.04
C ILE A 364 6.58 -4.56 24.96
N GLY A 365 6.13 -4.17 23.77
CA GLY A 365 4.72 -3.88 23.50
C GLY A 365 4.13 -4.71 22.37
N TYR A 366 2.80 -4.77 22.33
CA TYR A 366 2.00 -5.28 21.18
C TYR A 366 1.26 -4.10 20.58
N PHE A 367 1.44 -3.93 19.28
CA PHE A 367 0.96 -2.76 18.50
C PHE A 367 0.15 -3.31 17.32
N TYR A 368 -1.01 -2.73 17.04
CA TYR A 368 -1.98 -3.24 16.02
C TYR A 368 -2.70 -2.07 15.40
N GLY A 369 -2.75 -2.04 14.06
CA GLY A 369 -3.55 -1.02 13.38
C GLY A 369 -2.97 -0.60 12.05
N HIS A 370 -3.55 0.46 11.48
CA HIS A 370 -3.12 1.07 10.20
C HIS A 370 -1.91 1.98 10.43
N SER A 371 -1.03 2.03 9.43
CA SER A 371 0.16 2.91 9.31
C SER A 371 -0.09 3.87 8.15
N LEU A 372 0.54 5.05 8.19
CA LEU A 372 0.41 6.12 7.17
C LEU A 372 1.61 6.03 6.22
N VAL A 373 1.34 5.89 4.92
CA VAL A 373 2.38 5.55 3.90
C VAL A 373 2.09 6.31 2.60
N ASP A 374 3.13 6.90 2.04
CA ASP A 374 3.12 7.49 0.67
C ASP A 374 3.45 6.35 -0.29
N ARG A 375 2.44 5.81 -0.98
CA ARG A 375 2.67 4.74 -2.00
C ARG A 375 2.58 5.37 -3.40
N SER A 376 2.88 6.64 -3.56
CA SER A 376 2.91 7.32 -4.89
C SER A 376 4.11 6.83 -5.70
N TYR A 377 5.14 6.32 -5.02
CA TYR A 377 6.53 6.17 -5.54
C TYR A 377 6.76 7.27 -6.57
N ALA A 378 6.45 8.53 -6.22
CA ALA A 378 6.71 9.72 -7.04
C ALA A 378 8.14 9.62 -7.60
N PRO A 379 8.40 10.02 -8.86
CA PRO A 379 9.74 9.91 -9.45
C PRO A 379 10.80 10.83 -8.80
N GLU A 380 10.36 11.96 -8.27
CA GLU A 380 11.15 12.88 -7.41
C GLU A 380 11.85 12.14 -6.26
N TYR A 381 11.31 11.05 -5.75
CA TYR A 381 11.91 10.29 -4.62
C TYR A 381 13.14 9.53 -5.10
N ASP A 382 13.42 9.55 -6.40
CA ASP A 382 14.54 8.79 -7.00
C ASP A 382 15.88 9.49 -6.71
N GLU A 383 15.81 10.81 -6.51
CA GLU A 383 16.90 11.69 -6.05
C GLU A 383 18.07 11.55 -7.03
N GLU A 384 17.82 11.75 -8.32
CA GLU A 384 18.84 11.44 -9.36
C GLU A 384 19.39 12.74 -9.95
N ASN A 385 18.71 13.87 -9.76
CA ASN A 385 19.23 15.21 -10.16
C ASN A 385 19.89 15.92 -8.94
N GLU A 386 20.63 17.00 -9.20
CA GLU A 386 21.15 17.94 -8.19
C GLU A 386 19.95 18.71 -7.65
N GLY A 387 19.95 19.02 -6.35
CA GLY A 387 18.83 19.72 -5.67
C GLY A 387 17.63 18.82 -5.46
N PHE A 388 17.85 17.51 -5.31
CA PHE A 388 16.79 16.47 -5.21
C PHE A 388 15.90 16.71 -3.99
N TRP A 389 16.43 17.35 -2.94
CA TRP A 389 15.69 17.57 -1.66
C TRP A 389 14.51 18.48 -1.98
N GLU A 390 14.68 19.43 -2.90
CA GLU A 390 13.62 20.40 -3.28
C GLU A 390 12.47 19.66 -3.98
N ASP A 391 12.80 18.75 -4.91
CA ASP A 391 11.84 17.98 -5.73
C ASP A 391 11.07 17.04 -4.80
N ALA A 392 11.77 16.39 -3.88
CA ALA A 392 11.21 15.45 -2.89
C ALA A 392 10.19 16.20 -2.03
N ALA A 393 10.54 17.40 -1.54
CA ALA A 393 9.61 18.25 -0.79
C ALA A 393 8.33 18.50 -1.61
N GLU A 394 8.45 18.75 -2.91
CA GLU A 394 7.30 19.07 -3.78
C GLU A 394 6.38 17.84 -3.82
N ALA A 395 6.93 16.62 -3.98
CA ALA A 395 6.18 15.36 -4.00
C ALA A 395 5.44 15.14 -2.66
N ARG A 396 6.10 15.41 -1.54
CA ARG A 396 5.51 15.25 -0.19
C ARG A 396 4.32 16.21 -0.10
N ALA A 397 4.40 17.37 -0.74
CA ALA A 397 3.34 18.41 -0.67
C ALA A 397 2.12 18.00 -1.52
N ARG A 398 2.18 16.88 -2.24
CA ARG A 398 1.00 16.28 -2.92
C ARG A 398 0.10 15.60 -1.87
N HIS A 399 0.71 15.07 -0.80
CA HIS A 399 0.01 14.47 0.36
C HIS A 399 -0.84 13.28 -0.12
N GLN A 400 -0.23 12.37 -0.87
CA GLN A 400 -0.84 11.16 -1.44
C GLN A 400 -0.89 10.03 -0.41
N GLU A 401 -0.25 10.22 0.73
CA GLU A 401 -0.08 9.15 1.75
C GLU A 401 -1.50 8.72 2.19
N ALA A 402 -1.70 7.44 2.43
CA ALA A 402 -2.98 6.89 2.89
C ALA A 402 -2.75 5.87 4.00
N LEU A 403 -3.73 5.69 4.86
CA LEU A 403 -3.75 4.60 5.86
C LEU A 403 -3.81 3.24 5.16
N GLU A 404 -3.00 2.30 5.61
CA GLU A 404 -3.02 0.92 5.10
C GLU A 404 -2.72 -0.04 6.26
N GLY A 405 -2.96 -1.32 6.02
CA GLY A 405 -2.88 -2.42 7.00
C GLY A 405 -4.24 -3.11 7.17
N PRO A 406 -4.61 -3.59 8.38
CA PRO A 406 -3.83 -3.31 9.58
C PRO A 406 -2.57 -4.18 9.71
N TYR A 407 -1.63 -3.74 10.53
CA TYR A 407 -0.38 -4.47 10.85
C TYR A 407 -0.41 -4.75 12.35
N GLU A 408 0.28 -5.80 12.76
CA GLU A 408 0.64 -6.03 14.18
C GLU A 408 2.16 -5.94 14.30
N LEU A 409 2.66 -5.49 15.45
CA LEU A 409 4.10 -5.60 15.77
C LEU A 409 4.26 -5.89 17.24
N PHE A 410 5.16 -6.82 17.54
CA PHE A 410 5.59 -7.20 18.89
C PHE A 410 7.08 -6.88 18.97
N THR A 411 7.44 -5.85 19.72
CA THR A 411 8.81 -5.27 19.75
C THR A 411 9.06 -4.58 21.09
N SER A 412 10.33 -4.50 21.51
CA SER A 412 10.83 -3.56 22.53
C SER A 412 10.86 -2.16 21.92
N ILE A 413 11.07 -1.13 22.72
CA ILE A 413 10.96 0.31 22.30
C ILE A 413 12.12 1.08 22.91
N PRO A 414 12.49 2.23 22.33
CA PRO A 414 13.52 3.09 22.92
C PRO A 414 13.10 3.83 24.20
N SER A 415 11.87 4.31 24.28
CA SER A 415 11.45 5.23 25.38
C SER A 415 9.94 5.23 25.61
N ARG A 416 9.49 4.82 26.80
CA ARG A 416 8.05 4.76 27.11
C ARG A 416 7.46 6.17 27.03
N PRO A 417 8.03 7.19 27.68
CA PRO A 417 7.39 8.50 27.68
C PRO A 417 7.42 9.25 26.35
N PHE A 418 8.48 9.12 25.55
CA PHE A 418 8.72 10.03 24.40
C PHE A 418 8.44 9.38 23.04
N PHE A 419 8.68 8.09 22.87
CA PHE A 419 8.48 7.39 21.58
C PHE A 419 8.34 5.90 21.80
N PRO A 420 7.17 5.47 22.31
CA PRO A 420 6.92 4.07 22.63
C PRO A 420 6.44 3.28 21.40
N ARG A 421 7.36 2.99 20.50
CA ARG A 421 7.01 2.26 19.25
C ARG A 421 8.26 1.68 18.63
N GLY A 422 8.06 0.82 17.63
CA GLY A 422 9.15 0.08 16.98
C GLY A 422 10.02 1.01 16.16
N PHE A 423 11.32 0.99 16.38
CA PHE A 423 12.29 1.64 15.48
C PHE A 423 13.24 0.58 14.94
N LEU A 424 13.41 0.53 13.61
CA LEU A 424 14.03 -0.63 12.92
C LEU A 424 15.49 -0.84 13.38
N TRP A 425 16.36 0.14 13.26
CA TRP A 425 17.79 -0.15 13.65
C TRP A 425 17.94 -0.18 15.18
N ASP A 426 17.09 0.51 15.96
CA ASP A 426 17.19 0.43 17.46
C ASP A 426 16.94 -1.01 17.88
N GLU A 427 16.08 -1.74 17.16
CA GLU A 427 15.65 -3.07 17.62
C GLU A 427 16.81 -4.04 17.54
N GLY A 428 17.69 -3.91 16.55
CA GLY A 428 18.90 -4.73 16.51
C GLY A 428 19.69 -4.64 17.81
N PHE A 429 19.80 -3.44 18.38
CA PHE A 429 20.53 -3.21 19.65
C PHE A 429 19.73 -3.76 20.83
N HIS A 430 18.41 -3.48 20.88
CA HIS A 430 17.53 -3.94 22.00
C HIS A 430 17.69 -5.45 22.14
N LEU A 431 17.72 -6.17 21.02
CA LEU A 431 17.58 -7.64 21.04
C LEU A 431 18.90 -8.32 21.43
N LEU A 432 20.00 -7.60 21.55
CA LEU A 432 21.30 -8.29 21.86
C LEU A 432 21.27 -8.75 23.32
N PRO A 433 20.92 -7.89 24.28
CA PRO A 433 20.71 -8.35 25.65
C PRO A 433 19.49 -9.29 25.74
N ILE A 434 18.41 -9.00 25.01
CA ILE A 434 17.15 -9.78 25.14
C ILE A 434 17.41 -11.23 24.69
N ALA A 435 18.20 -11.39 23.62
CA ALA A 435 18.55 -12.70 23.02
C ALA A 435 19.31 -13.54 24.06
N ASP A 436 20.27 -12.95 24.76
CA ASP A 436 21.01 -13.64 25.84
C ASP A 436 20.00 -14.22 26.83
N TRP A 437 19.08 -13.36 27.27
CA TRP A 437 18.03 -13.74 28.26
C TRP A 437 17.12 -14.84 27.73
N ASP A 438 16.74 -14.76 26.45
CA ASP A 438 15.64 -15.62 25.91
C ASP A 438 15.68 -15.55 24.39
N ILE A 439 16.45 -16.44 23.76
CA ILE A 439 16.72 -16.37 22.29
C ILE A 439 15.40 -16.58 21.54
N ASP A 440 14.45 -17.32 22.11
CA ASP A 440 13.18 -17.65 21.40
C ASP A 440 12.31 -16.41 21.37
N LEU A 441 12.35 -15.60 22.42
CA LEU A 441 11.68 -14.28 22.44
C LEU A 441 12.29 -13.40 21.35
N ALA A 442 13.60 -13.26 21.30
CA ALA A 442 14.30 -12.39 20.32
C ALA A 442 13.86 -12.78 18.91
N LEU A 443 13.92 -14.08 18.59
CA LEU A 443 13.51 -14.61 17.26
C LEU A 443 12.03 -14.32 17.02
N GLU A 444 11.18 -14.43 18.05
CA GLU A 444 9.76 -14.02 17.93
C GLU A 444 9.68 -12.56 17.46
N ILE A 445 10.50 -11.68 18.03
CA ILE A 445 10.43 -10.23 17.73
C ILE A 445 10.97 -10.01 16.31
N ILE A 446 12.05 -10.69 15.95
CA ILE A 446 12.64 -10.55 14.58
C ILE A 446 11.57 -10.88 13.54
N LYS A 447 10.92 -12.03 13.76
CA LYS A 447 9.84 -12.61 12.93
C LYS A 447 8.69 -11.60 12.78
N SER A 448 8.27 -10.98 13.88
CA SER A 448 7.20 -9.96 13.88
C SER A 448 7.63 -8.78 13.00
N TRP A 449 8.90 -8.37 13.08
CA TRP A 449 9.40 -7.25 12.25
C TRP A 449 9.41 -7.70 10.79
N TYR A 450 9.86 -8.91 10.51
CA TYR A 450 10.01 -9.33 9.08
C TYR A 450 8.62 -9.62 8.46
N ASN A 451 7.58 -9.96 9.24
CA ASN A 451 6.18 -10.09 8.73
C ASN A 451 5.63 -8.74 8.26
N LEU A 452 6.31 -7.61 8.54
CA LEU A 452 5.84 -6.28 8.06
C LEU A 452 6.32 -6.05 6.63
N MET A 453 7.32 -6.79 6.20
CA MET A 453 8.06 -6.44 4.95
C MET A 453 7.13 -6.56 3.74
N ASP A 454 7.14 -5.57 2.86
CA ASP A 454 6.28 -5.48 1.65
C ASP A 454 6.90 -6.29 0.50
N GLU A 455 6.23 -6.35 -0.64
CA GLU A 455 6.60 -7.22 -1.80
C GLU A 455 8.01 -6.84 -2.28
N ASP A 456 8.40 -5.57 -2.17
CA ASP A 456 9.69 -5.02 -2.64
C ASP A 456 10.88 -5.31 -1.70
N GLY A 457 10.64 -5.70 -0.44
CA GLY A 457 11.70 -5.84 0.59
C GLY A 457 11.83 -4.62 1.49
N TRP A 458 10.79 -3.78 1.58
CA TRP A 458 10.77 -2.60 2.48
C TRP A 458 10.04 -2.91 3.81
N ILE A 459 10.71 -2.65 4.92
CA ILE A 459 10.11 -2.41 6.27
C ILE A 459 10.25 -0.91 6.59
N ALA A 460 9.18 -0.23 6.99
CA ALA A 460 9.25 1.17 7.48
C ALA A 460 10.14 1.25 8.73
N ARG A 461 11.02 2.27 8.79
CA ARG A 461 12.02 2.52 9.87
C ARG A 461 11.29 2.79 11.20
N GLU A 462 10.05 3.29 11.11
CA GLU A 462 9.29 3.84 12.24
C GLU A 462 7.86 3.31 12.15
N GLN A 463 7.46 2.45 13.08
CA GLN A 463 6.18 1.69 13.08
C GLN A 463 5.19 2.34 14.07
N ILE A 464 4.22 3.06 13.54
CA ILE A 464 3.12 3.80 14.19
C ILE A 464 1.81 3.12 13.80
N LEU A 465 1.44 2.08 14.55
CA LEU A 465 0.34 1.15 14.22
C LEU A 465 -0.91 1.56 15.04
N GLY A 466 -1.91 2.14 14.39
CA GLY A 466 -3.20 2.43 15.02
C GLY A 466 -3.28 3.83 15.57
N ALA A 467 -4.50 4.26 15.88
CA ALA A 467 -4.78 5.62 16.33
C ALA A 467 -4.15 5.84 17.71
N GLU A 468 -4.07 4.82 18.56
CA GLU A 468 -3.44 5.01 19.89
C GLU A 468 -1.98 5.44 19.68
N ALA A 469 -1.24 4.74 18.81
CA ALA A 469 0.16 5.05 18.47
C ALA A 469 0.23 6.43 17.81
N ARG A 470 -0.67 6.75 16.87
CA ARG A 470 -0.70 8.06 16.18
C ARG A 470 -0.96 9.22 17.15
N SER A 471 -1.66 8.98 18.27
CA SER A 471 -1.98 10.03 19.29
C SER A 471 -0.69 10.68 19.79
N LYS A 472 0.40 9.93 19.85
CA LYS A 472 1.69 10.34 20.46
C LYS A 472 2.61 11.03 19.43
N VAL A 473 2.22 11.12 18.14
CA VAL A 473 3.13 11.55 17.03
C VAL A 473 2.55 12.73 16.26
N PRO A 474 3.25 13.89 16.13
CA PRO A 474 2.71 14.99 15.33
C PRO A 474 2.43 14.53 13.89
N LYS A 475 1.27 14.90 13.36
CA LYS A 475 0.71 14.49 12.03
C LYS A 475 1.83 14.62 10.96
N GLU A 476 2.60 15.71 10.98
CA GLU A 476 3.70 16.01 10.03
C GLU A 476 4.81 14.93 10.03
N PHE A 477 4.92 14.08 11.06
CA PHE A 477 6.04 13.12 11.22
C PHE A 477 5.55 11.67 11.11
N GLN A 478 4.30 11.44 10.69
CA GLN A 478 3.72 10.08 10.68
C GLN A 478 4.06 9.30 9.41
N THR A 479 4.19 9.98 8.27
CA THR A 479 4.17 9.36 6.92
C THR A 479 5.47 8.58 6.74
N GLN A 480 5.36 7.29 6.47
CA GLN A 480 6.53 6.47 6.06
C GLN A 480 6.67 6.53 4.54
N TYR A 481 7.93 6.47 4.12
CA TYR A 481 8.39 6.59 2.71
C TYR A 481 9.08 5.29 2.34
N PRO A 482 8.53 4.55 1.33
CA PRO A 482 9.09 3.28 0.86
C PRO A 482 10.54 3.41 0.36
N HIS A 483 11.08 4.62 0.16
CA HIS A 483 12.48 4.73 -0.31
C HIS A 483 13.40 4.97 0.89
N TYR A 484 12.86 4.98 2.11
CA TYR A 484 13.65 5.23 3.35
C TYR A 484 14.13 3.91 3.96
N ALA A 485 15.44 3.68 3.96
CA ALA A 485 16.05 2.55 4.67
C ALA A 485 16.33 2.97 6.12
N ASN A 486 16.90 2.03 6.86
CA ASN A 486 17.43 2.16 8.23
C ASN A 486 18.46 1.05 8.37
N PRO A 487 19.50 1.20 9.22
CA PRO A 487 20.50 0.14 9.33
C PRO A 487 19.90 -1.21 9.68
N PRO A 488 20.34 -2.29 9.01
CA PRO A 488 19.84 -3.65 9.27
C PRO A 488 20.49 -4.35 10.48
N THR A 489 20.53 -3.68 11.63
CA THR A 489 21.09 -4.22 12.90
C THR A 489 20.41 -5.51 13.35
N LEU A 490 19.21 -5.81 12.88
CA LEU A 490 18.59 -7.10 13.23
C LEU A 490 19.47 -8.27 12.76
N PHE A 491 20.33 -8.11 11.74
CA PHE A 491 21.26 -9.17 11.28
C PHE A 491 22.30 -9.46 12.38
N LEU A 492 22.74 -8.46 13.14
CA LEU A 492 23.70 -8.68 14.25
C LEU A 492 23.12 -9.71 15.21
N VAL A 493 21.82 -9.67 15.39
CA VAL A 493 21.14 -10.56 16.36
C VAL A 493 21.12 -11.95 15.76
N LEU A 494 20.74 -12.02 14.48
CA LEU A 494 20.74 -13.28 13.71
C LEU A 494 22.15 -13.85 13.75
N ASP A 495 23.20 -13.02 13.67
CA ASP A 495 24.60 -13.51 13.76
C ASP A 495 24.76 -14.22 15.11
N ASN A 496 24.35 -13.61 16.21
CA ASN A 496 24.59 -14.23 17.54
C ASN A 496 23.85 -15.56 17.60
N PHE A 497 22.64 -15.61 17.07
CA PHE A 497 21.79 -16.82 17.04
C PHE A 497 22.58 -17.97 16.42
N VAL A 498 23.05 -17.76 15.18
CA VAL A 498 23.80 -18.74 14.34
C VAL A 498 25.05 -19.22 15.09
N GLU A 499 25.90 -18.30 15.56
CA GLU A 499 27.09 -18.65 16.38
C GLU A 499 26.64 -19.62 17.48
N ARG A 500 25.51 -19.36 18.14
CA ARG A 500 25.01 -20.18 19.30
C ARG A 500 24.47 -21.53 18.79
N LEU A 501 23.86 -21.52 17.59
CA LEU A 501 23.32 -22.73 16.90
C LEU A 501 24.47 -23.71 16.58
N ARG A 502 25.61 -23.20 16.06
CA ARG A 502 26.84 -23.94 15.68
C ARG A 502 27.48 -24.63 16.90
N LYS A 503 27.66 -23.92 18.03
CA LYS A 503 28.39 -24.40 19.24
C LYS A 503 27.57 -25.46 20.00
N LEU A 517 9.35 -25.64 32.26
CA LEU A 517 9.16 -25.57 30.79
C LEU A 517 9.58 -24.19 30.26
N ASP A 518 9.37 -23.12 31.03
CA ASP A 518 9.67 -21.71 30.62
C ASP A 518 11.17 -21.58 30.32
N GLU A 519 12.02 -22.19 31.15
CA GLU A 519 13.48 -22.28 30.88
C GLU A 519 13.66 -22.99 29.52
N THR A 520 12.93 -24.08 29.27
CA THR A 520 13.08 -24.91 28.06
C THR A 520 12.73 -24.07 26.83
N LEU A 521 11.54 -23.47 26.81
CA LEU A 521 11.02 -22.66 25.68
C LEU A 521 12.02 -21.56 25.29
N SER A 522 12.68 -20.96 26.29
CA SER A 522 13.59 -19.80 26.07
C SER A 522 14.74 -20.18 25.14
N THR A 523 15.20 -21.44 25.15
CA THR A 523 16.35 -21.91 24.33
C THR A 523 15.93 -22.97 23.28
N ALA A 524 14.64 -23.31 23.23
CA ALA A 524 14.08 -24.33 22.30
C ALA A 524 14.71 -24.26 20.90
N SER A 525 15.07 -23.07 20.41
CA SER A 525 15.46 -22.85 18.99
C SER A 525 16.98 -22.98 18.81
N VAL A 526 17.76 -23.11 19.88
CA VAL A 526 19.22 -23.40 19.80
C VAL A 526 19.49 -24.84 20.28
N ASP A 527 18.68 -25.34 21.23
CA ASP A 527 18.78 -26.68 21.85
C ASP A 527 18.27 -27.77 20.88
N ASN A 528 17.33 -27.42 19.98
CA ASN A 528 16.73 -28.32 18.97
C ASN A 528 17.12 -27.80 17.58
N PRO A 529 18.34 -28.14 17.11
CA PRO A 529 18.91 -27.55 15.89
C PRO A 529 17.97 -27.61 14.67
N GLU A 530 17.18 -28.67 14.57
CA GLU A 530 16.19 -28.87 13.49
C GLU A 530 15.23 -27.67 13.48
N VAL A 531 14.79 -27.24 14.66
CA VAL A 531 13.85 -26.09 14.82
C VAL A 531 14.59 -24.80 14.46
N GLY A 532 15.82 -24.67 14.93
CA GLY A 532 16.65 -23.49 14.62
C GLY A 532 16.76 -23.26 13.13
N LEU A 533 17.08 -24.29 12.36
CA LEU A 533 17.27 -24.16 10.89
C LEU A 533 15.95 -23.88 10.20
N GLU A 534 14.87 -24.50 10.65
CA GLU A 534 13.53 -24.27 10.03
C GLU A 534 13.20 -22.77 10.14
N TYR A 535 13.42 -22.18 11.31
CA TYR A 535 13.17 -20.73 11.48
C TYR A 535 13.98 -19.99 10.43
N LEU A 536 15.28 -20.28 10.35
CA LEU A 536 16.20 -19.62 9.40
C LEU A 536 15.74 -19.90 7.97
N ARG A 537 15.29 -21.11 7.69
CA ARG A 537 14.83 -21.47 6.32
C ARG A 537 13.65 -20.59 5.93
N ARG A 538 12.67 -20.44 6.83
CA ARG A 538 11.45 -19.61 6.60
C ARG A 538 11.80 -18.12 6.48
N LEU A 539 12.82 -17.62 7.21
CA LEU A 539 13.18 -16.18 7.28
C LEU A 539 14.12 -15.78 6.12
N TYR A 540 15.03 -16.69 5.74
CA TYR A 540 16.12 -16.48 4.73
C TYR A 540 15.61 -15.72 3.49
N PRO A 541 14.52 -16.16 2.84
CA PRO A 541 14.07 -15.49 1.63
C PRO A 541 13.88 -13.98 1.81
N LEU A 542 13.42 -13.55 2.99
CA LEU A 542 13.03 -12.15 3.28
C LEU A 542 14.33 -11.37 3.56
N LEU A 543 15.30 -12.01 4.20
CA LEU A 543 16.67 -11.45 4.37
C LEU A 543 17.23 -11.13 2.98
N ARG A 544 17.12 -12.10 2.07
CA ARG A 544 17.57 -11.96 0.65
C ARG A 544 16.78 -10.81 0.02
N ARG A 545 15.45 -10.78 0.22
CA ARG A 545 14.60 -9.73 -0.37
C ARG A 545 15.09 -8.36 0.14
N GLN A 546 15.37 -8.22 1.44
CA GLN A 546 15.80 -6.92 2.02
C GLN A 546 17.17 -6.60 1.41
N PHE A 547 18.07 -7.59 1.39
CA PHE A 547 19.43 -7.42 0.81
C PHE A 547 19.31 -6.86 -0.62
N ASP A 548 18.44 -7.43 -1.46
CA ASP A 548 18.28 -6.99 -2.87
C ASP A 548 17.69 -5.59 -2.88
N TRP A 549 16.75 -5.32 -1.94
CA TRP A 549 16.02 -4.02 -1.87
C TRP A 549 17.03 -2.90 -1.61
N PHE A 550 17.93 -3.09 -0.65
CA PHE A 550 19.07 -2.16 -0.43
C PHE A 550 19.79 -1.92 -1.76
N ARG A 551 20.07 -3.01 -2.48
CA ARG A 551 20.86 -2.95 -3.74
C ARG A 551 20.05 -2.27 -4.85
N LYS A 552 18.72 -2.43 -4.91
CA LYS A 552 17.89 -1.74 -5.95
C LYS A 552 17.67 -0.28 -5.54
N THR A 553 17.44 0.03 -4.26
CA THR A 553 16.87 1.36 -3.87
C THR A 553 17.93 2.30 -3.30
N GLN A 554 19.01 1.78 -2.70
CA GLN A 554 20.06 2.63 -2.03
C GLN A 554 21.39 2.48 -2.79
N ALA A 555 21.31 2.33 -4.12
CA ALA A 555 22.47 2.14 -5.02
C ALA A 555 23.21 3.46 -5.20
N GLY A 556 24.53 3.45 -5.00
CA GLY A 556 25.37 4.57 -5.47
C GLY A 556 25.71 4.43 -6.95
N ASP A 557 26.20 5.53 -7.53
CA ASP A 557 26.60 5.63 -8.95
C ASP A 557 28.13 5.79 -9.09
N ILE A 558 28.80 4.70 -9.44
CA ILE A 558 30.20 4.65 -9.97
C ILE A 558 30.22 5.04 -11.47
N LYS A 559 29.55 4.26 -12.34
CA LYS A 559 29.74 4.21 -13.83
C LYS A 559 29.63 5.62 -14.44
N SER A 560 28.73 6.47 -13.95
CA SER A 560 28.40 7.79 -14.58
C SER A 560 29.45 8.85 -14.26
N TYR A 561 30.47 8.55 -13.44
CA TYR A 561 31.48 9.58 -13.02
C TYR A 561 32.89 9.02 -13.29
N ASP A 562 33.90 9.90 -13.25
CA ASP A 562 35.36 9.53 -13.25
C ASP A 562 35.69 8.74 -11.98
N ARG A 563 35.22 7.49 -11.88
CA ARG A 563 35.43 6.63 -10.68
C ARG A 563 35.98 5.28 -11.15
N GLU A 564 37.13 4.90 -10.61
CA GLU A 564 37.76 3.57 -10.81
C GLU A 564 37.66 2.83 -9.48
N ALA A 565 37.39 1.54 -9.54
CA ALA A 565 37.29 0.66 -8.36
C ALA A 565 37.28 -0.78 -8.83
N TYR A 566 37.77 -1.68 -7.98
CA TYR A 566 37.77 -3.15 -8.18
C TYR A 566 36.40 -3.67 -8.68
N SER A 567 35.28 -3.07 -8.23
CA SER A 567 33.89 -3.47 -8.62
C SER A 567 33.15 -2.25 -9.16
N THR A 568 32.37 -2.43 -10.23
CA THR A 568 31.54 -1.37 -10.86
C THR A 568 30.16 -1.31 -10.19
N LYS A 569 29.86 -2.33 -9.36
CA LYS A 569 28.55 -2.59 -8.69
C LYS A 569 28.54 -1.95 -7.28
N GLU A 570 29.49 -2.30 -6.41
CA GLU A 570 29.38 -2.09 -4.95
C GLU A 570 29.67 -0.63 -4.57
N ALA A 571 28.61 0.12 -4.29
CA ALA A 571 28.57 1.57 -4.00
C ALA A 571 27.15 1.91 -3.54
N TYR A 572 27.00 2.66 -2.44
CA TYR A 572 25.67 2.92 -1.83
C TYR A 572 25.50 4.36 -1.42
N ARG A 573 24.26 4.81 -1.49
CA ARG A 573 23.85 6.17 -1.06
C ARG A 573 22.46 6.08 -0.43
N TRP A 574 22.38 6.33 0.89
CA TRP A 574 21.15 6.57 1.70
C TRP A 574 20.22 7.54 0.98
N ARG A 575 19.01 7.10 0.63
CA ARG A 575 17.96 8.03 0.13
C ARG A 575 17.38 8.79 1.33
N GLY A 576 16.84 9.98 1.10
CA GLY A 576 16.02 10.71 2.09
C GLY A 576 16.76 11.87 2.72
N ARG A 577 17.95 12.18 2.22
CA ARG A 577 18.83 13.11 2.94
C ARG A 577 18.35 14.51 2.52
N THR A 578 18.48 15.44 3.46
CA THR A 578 18.18 16.86 3.27
C THR A 578 19.50 17.59 3.54
N VAL A 579 19.53 18.91 3.37
CA VAL A 579 20.76 19.73 3.50
C VAL A 579 21.44 19.39 4.84
N SER A 580 20.69 19.35 5.94
CA SER A 580 21.27 19.20 7.30
C SER A 580 21.23 17.75 7.79
N HIS A 581 20.39 16.89 7.20
CA HIS A 581 20.04 15.61 7.84
C HIS A 581 20.26 14.43 6.91
N CYS A 582 20.58 13.28 7.50
CA CYS A 582 20.39 11.92 6.92
C CYS A 582 19.69 11.03 7.97
N LEU A 583 18.38 11.24 8.14
CA LEU A 583 17.51 10.55 9.14
C LEU A 583 17.65 9.02 8.96
N THR A 584 17.80 8.54 7.74
CA THR A 584 17.64 7.10 7.42
C THR A 584 18.88 6.34 7.89
N SER A 585 20.02 7.01 7.98
CA SER A 585 21.29 6.35 8.41
C SER A 585 21.24 6.06 9.90
N GLY A 586 20.39 6.80 10.64
CA GLY A 586 20.31 6.72 12.11
C GLY A 586 21.15 7.79 12.81
N LEU A 587 22.10 8.41 12.10
CA LEU A 587 22.98 9.45 12.69
C LEU A 587 22.52 10.77 12.12
N ASP A 588 21.39 11.23 12.65
CA ASP A 588 20.52 12.27 12.06
C ASP A 588 21.38 13.40 11.48
N ASP A 589 22.25 14.04 12.26
CA ASP A 589 22.92 15.30 11.87
C ASP A 589 24.43 15.09 11.79
N TYR A 590 24.90 13.84 11.77
CA TYR A 590 26.33 13.58 11.47
C TYR A 590 26.63 14.31 10.17
N PRO A 591 27.73 15.08 10.12
CA PRO A 591 28.05 15.86 8.93
C PRO A 591 28.33 14.93 7.75
N ARG A 592 27.73 15.26 6.60
CA ARG A 592 27.78 14.50 5.32
C ARG A 592 28.23 15.49 4.24
N PRO A 593 28.48 15.04 2.97
CA PRO A 593 28.86 15.99 1.92
C PRO A 593 27.85 17.12 1.76
N GLN A 594 28.34 18.35 1.60
CA GLN A 594 27.54 19.53 1.25
C GLN A 594 27.97 19.98 -0.14
N PRO A 595 27.01 20.24 -1.06
CA PRO A 595 25.58 19.98 -0.81
C PRO A 595 25.31 18.49 -0.92
N PRO A 596 24.11 17.99 -0.58
CA PRO A 596 23.78 16.59 -0.87
C PRO A 596 23.80 16.46 -2.39
N HIS A 597 24.02 15.25 -2.90
CA HIS A 597 24.39 15.05 -4.32
C HIS A 597 24.11 13.61 -4.72
N PRO A 598 23.50 13.39 -5.91
CA PRO A 598 23.22 12.04 -6.39
C PRO A 598 24.48 11.20 -6.48
N GLY A 599 25.64 11.87 -6.63
CA GLY A 599 26.96 11.22 -6.72
C GLY A 599 27.55 10.81 -5.37
N GLU A 600 26.89 11.09 -4.23
CA GLU A 600 27.38 10.75 -2.87
C GLU A 600 27.51 9.23 -2.72
N LEU A 601 28.42 8.82 -1.84
CA LEU A 601 28.58 7.42 -1.39
C LEU A 601 28.76 7.43 0.12
N HIS A 602 28.14 6.49 0.83
CA HIS A 602 28.04 6.50 2.30
C HIS A 602 28.74 5.25 2.79
N VAL A 603 29.88 5.40 3.48
CA VAL A 603 30.73 4.25 3.92
C VAL A 603 30.00 3.43 4.99
N ASP A 604 29.21 4.10 5.85
CA ASP A 604 28.34 3.36 6.82
C ASP A 604 27.37 2.46 6.05
N LEU A 605 26.72 2.98 5.00
CA LEU A 605 25.70 2.18 4.24
C LEU A 605 26.37 0.97 3.60
N MET A 606 27.52 1.14 2.93
CA MET A 606 28.26 0.00 2.30
C MET A 606 28.62 -0.98 3.40
N SER A 607 29.00 -0.48 4.58
CA SER A 607 29.46 -1.36 5.68
C SER A 607 28.30 -2.22 6.17
N TRP A 608 27.07 -1.65 6.18
CA TRP A 608 25.82 -2.38 6.54
C TRP A 608 25.50 -3.46 5.50
N VAL A 609 25.62 -3.14 4.21
CA VAL A 609 25.54 -4.17 3.13
C VAL A 609 26.60 -5.25 3.41
N GLY A 610 27.77 -4.86 3.89
CA GLY A 610 28.81 -5.83 4.25
C GLY A 610 28.36 -6.72 5.37
N VAL A 611 27.70 -6.14 6.39
CA VAL A 611 27.17 -6.95 7.53
C VAL A 611 26.17 -7.97 6.97
N MET A 612 25.30 -7.51 6.07
CA MET A 612 24.19 -8.31 5.50
C MET A 612 24.73 -9.50 4.70
N VAL A 613 25.74 -9.30 3.84
CA VAL A 613 26.31 -10.41 3.01
C VAL A 613 26.90 -11.48 3.91
N LYS A 614 27.63 -11.09 4.97
CA LYS A 614 28.34 -12.04 5.85
C LYS A 614 27.31 -12.92 6.55
N SER A 615 26.15 -12.34 6.91
CA SER A 615 25.05 -13.05 7.60
C SER A 615 24.43 -14.05 6.60
N LEU A 616 24.20 -13.57 5.37
CA LEU A 616 23.60 -14.36 4.27
C LEU A 616 24.54 -15.50 3.93
N ILE A 617 25.86 -15.29 3.92
CA ILE A 617 26.86 -16.38 3.74
C ILE A 617 26.61 -17.43 4.83
N SER A 618 26.69 -17.05 6.12
CA SER A 618 26.52 -17.99 7.27
C SER A 618 25.23 -18.80 7.11
N ILE A 619 24.12 -18.10 6.87
CA ILE A 619 22.75 -18.67 6.93
C ILE A 619 22.56 -19.56 5.70
N GLY A 620 22.74 -18.99 4.50
CA GLY A 620 22.77 -19.68 3.21
C GLY A 620 23.53 -21.00 3.27
N SER A 621 24.74 -21.01 3.84
CA SER A 621 25.53 -22.26 4.05
C SER A 621 24.76 -23.20 4.98
N LEU A 622 24.31 -22.75 6.15
CA LEU A 622 23.55 -23.64 7.10
C LEU A 622 22.38 -24.29 6.32
N LEU A 623 21.93 -23.67 5.22
CA LEU A 623 20.77 -24.12 4.37
C LEU A 623 21.21 -24.80 3.06
N GLY A 624 22.49 -24.72 2.68
CA GLY A 624 23.06 -25.30 1.46
C GLY A 624 22.60 -24.62 0.17
N ALA A 625 22.19 -23.36 0.21
CA ALA A 625 21.80 -22.57 -0.99
C ALA A 625 23.06 -22.14 -1.75
N THR A 626 23.73 -23.11 -2.38
CA THR A 626 25.11 -22.98 -2.94
C THR A 626 25.19 -21.80 -3.92
N GLU A 627 24.26 -21.73 -4.88
CA GLU A 627 24.33 -20.72 -5.98
C GLU A 627 24.29 -19.30 -5.39
N ASP A 628 23.59 -19.12 -4.26
CA ASP A 628 23.47 -17.83 -3.54
C ASP A 628 24.79 -17.49 -2.83
N VAL A 629 25.30 -18.40 -2.00
CA VAL A 629 26.59 -18.25 -1.27
C VAL A 629 27.69 -17.77 -2.23
N GLU A 630 27.78 -18.31 -3.46
CA GLU A 630 28.78 -17.93 -4.49
C GLU A 630 28.68 -16.44 -4.80
N PHE A 631 27.47 -15.94 -5.11
CA PHE A 631 27.18 -14.52 -5.44
C PHE A 631 27.49 -13.61 -4.24
N TYR A 632 27.14 -14.07 -3.02
CA TYR A 632 27.41 -13.38 -1.72
C TYR A 632 28.93 -13.33 -1.48
N THR A 633 29.62 -14.47 -1.61
CA THR A 633 31.09 -14.61 -1.45
C THR A 633 31.78 -13.59 -2.39
N LYS A 634 31.19 -13.34 -3.57
CA LYS A 634 31.72 -12.45 -4.62
C LYS A 634 31.32 -10.99 -4.35
N VAL A 635 30.08 -10.74 -3.88
CA VAL A 635 29.63 -9.39 -3.44
C VAL A 635 30.55 -8.94 -2.28
N LEU A 636 30.81 -9.80 -1.29
CA LEU A 636 31.62 -9.45 -0.09
C LEU A 636 33.01 -9.02 -0.55
N ASP A 637 33.67 -9.91 -1.31
CA ASP A 637 35.01 -9.69 -1.93
C ASP A 637 35.03 -8.31 -2.58
N ALA A 638 33.99 -7.93 -3.34
CA ALA A 638 33.93 -6.62 -4.04
C ALA A 638 33.76 -5.46 -3.05
N ILE A 639 33.09 -5.70 -1.91
CA ILE A 639 32.86 -4.63 -0.89
C ILE A 639 34.19 -4.37 -0.16
N GLU A 640 34.84 -5.42 0.33
CA GLU A 640 36.17 -5.33 0.97
C GLU A 640 37.10 -4.43 0.14
N HIS A 641 37.13 -4.59 -1.19
CA HIS A 641 38.02 -3.82 -2.11
C HIS A 641 37.49 -2.39 -2.26
N ASN A 642 36.19 -2.26 -2.53
CA ASN A 642 35.56 -0.94 -2.91
C ASN A 642 35.50 -0.05 -1.66
N LEU A 643 35.49 -0.67 -0.47
CA LEU A 643 35.66 0.11 0.78
C LEU A 643 36.99 0.86 0.72
N ASP A 644 38.08 0.17 0.35
CA ASP A 644 39.41 0.83 0.19
C ASP A 644 39.34 1.79 -0.99
N ASP A 645 38.89 1.36 -2.18
CA ASP A 645 39.08 2.16 -3.43
C ASP A 645 38.22 3.42 -3.39
N LEU A 646 37.03 3.36 -2.77
CA LEU A 646 36.05 4.48 -2.82
C LEU A 646 36.04 5.30 -1.52
N HIS A 647 36.48 4.71 -0.40
CA HIS A 647 36.21 5.27 0.95
C HIS A 647 37.50 5.47 1.77
N TRP A 648 38.55 4.65 1.62
CA TRP A 648 39.77 4.80 2.46
C TRP A 648 40.51 6.10 2.10
N SER A 649 40.83 6.93 3.09
CA SER A 649 41.73 8.12 2.96
C SER A 649 43.10 7.77 3.54
N GLU A 650 44.14 7.68 2.68
CA GLU A 650 45.55 7.55 3.15
C GLU A 650 45.95 8.88 3.81
N LYS A 651 45.61 10.04 3.21
CA LYS A 651 45.86 11.38 3.82
C LYS A 651 45.41 11.38 5.28
N GLU A 652 44.13 11.06 5.56
CA GLU A 652 43.48 11.29 6.88
C GLU A 652 43.63 10.07 7.80
N GLY A 653 43.95 8.88 7.30
CA GLY A 653 44.08 7.67 8.16
C GLY A 653 42.74 7.13 8.68
N CYS A 654 41.70 7.19 7.86
CA CYS A 654 40.34 6.73 8.22
C CYS A 654 39.50 6.62 6.95
N TYR A 655 38.39 5.88 7.03
CA TYR A 655 37.36 5.85 5.97
C TYR A 655 36.58 7.16 6.02
N CYS A 656 36.09 7.59 4.87
CA CYS A 656 35.23 8.77 4.68
C CYS A 656 34.12 8.47 3.67
N ASP A 657 33.04 9.24 3.73
CA ASP A 657 32.00 9.34 2.68
C ASP A 657 32.67 9.99 1.46
N ALA A 658 32.00 9.96 0.31
CA ALA A 658 32.45 10.58 -0.96
C ALA A 658 31.30 11.32 -1.65
N THR A 659 31.64 12.37 -2.43
CA THR A 659 30.73 13.11 -3.34
C THR A 659 31.35 13.15 -4.74
N ILE A 660 30.78 13.98 -5.62
CA ILE A 660 31.55 14.50 -6.77
C ILE A 660 31.53 16.03 -6.68
N ASP A 661 32.65 16.64 -7.09
CA ASP A 661 33.03 18.09 -6.99
C ASP A 661 32.12 18.98 -7.85
N GLU A 662 32.25 20.30 -7.71
CA GLU A 662 31.91 21.33 -8.75
C GLU A 662 32.56 20.97 -10.11
N PHE A 663 33.71 20.31 -10.12
CA PHE A 663 34.47 19.88 -11.33
C PHE A 663 34.12 18.43 -11.70
N GLU A 664 33.12 17.83 -11.05
CA GLU A 664 32.52 16.50 -11.39
C GLU A 664 33.52 15.34 -11.19
N GLU A 665 34.48 15.48 -10.26
CA GLU A 665 35.42 14.37 -9.90
C GLU A 665 35.01 13.87 -8.50
N HIS A 666 35.27 12.59 -8.23
CA HIS A 666 35.14 11.91 -6.91
C HIS A 666 36.01 12.63 -5.88
N LYS A 667 35.38 13.21 -4.84
CA LYS A 667 36.03 13.85 -3.66
C LYS A 667 35.64 13.07 -2.39
N LEU A 668 36.64 12.66 -1.60
CA LEU A 668 36.49 12.19 -0.20
C LEU A 668 36.08 13.38 0.69
N VAL A 669 35.13 13.17 1.59
CA VAL A 669 34.66 14.21 2.56
C VAL A 669 34.78 13.62 3.97
N CYS A 670 35.83 14.03 4.68
CA CYS A 670 36.30 13.36 5.90
C CYS A 670 35.89 14.15 7.13
N HIS A 671 35.08 13.54 7.98
CA HIS A 671 34.60 14.13 9.25
C HIS A 671 34.86 13.06 10.30
N LYS A 672 35.94 13.24 11.02
CA LYS A 672 36.47 12.19 11.91
C LYS A 672 35.39 11.93 12.96
N GLY A 673 34.90 10.70 13.04
CA GLY A 673 33.88 10.36 14.03
C GLY A 673 33.36 8.96 13.81
N TYR A 674 32.14 8.69 14.30
CA TYR A 674 31.53 7.33 14.25
C TYR A 674 31.65 6.79 12.82
N ILE A 675 31.23 7.58 11.83
CA ILE A 675 31.19 7.21 10.39
C ILE A 675 32.56 6.68 9.96
N SER A 676 33.62 7.39 10.35
CA SER A 676 35.04 7.13 9.99
C SER A 676 35.43 5.71 10.34
N LEU A 677 34.78 5.13 11.34
CA LEU A 677 35.18 3.84 11.98
C LEU A 677 34.41 2.65 11.41
N PHE A 678 33.42 2.90 10.53
CA PHE A 678 32.30 1.94 10.29
C PHE A 678 32.84 0.59 9.85
N PRO A 679 33.78 0.50 8.88
CA PRO A 679 34.26 -0.82 8.43
C PRO A 679 34.76 -1.62 9.64
N PHE A 680 35.35 -0.94 10.64
CA PHE A 680 35.78 -1.59 11.90
C PHE A 680 34.57 -1.96 12.74
N LEU A 681 33.62 -1.04 12.94
CA LEU A 681 32.49 -1.24 13.90
C LEU A 681 31.65 -2.47 13.48
N THR A 682 31.65 -2.77 12.18
CA THR A 682 30.77 -3.78 11.51
C THR A 682 31.55 -5.08 11.25
N GLY A 683 32.79 -5.14 11.73
CA GLY A 683 33.62 -6.36 11.71
C GLY A 683 34.09 -6.76 10.32
N LEU A 684 34.38 -5.81 9.43
CA LEU A 684 34.70 -6.11 8.01
C LEU A 684 36.21 -6.19 7.73
N LEU A 685 37.07 -5.73 8.65
CA LEU A 685 38.54 -5.61 8.44
C LEU A 685 39.29 -6.77 9.08
N LYS A 686 40.45 -7.11 8.50
CA LYS A 686 41.37 -8.15 9.03
C LYS A 686 42.05 -7.62 10.29
N PRO A 687 42.20 -8.47 11.32
CA PRO A 687 42.88 -8.10 12.56
C PRO A 687 44.34 -7.61 12.37
N ASP A 688 44.92 -7.94 11.20
CA ASP A 688 46.32 -7.61 10.83
C ASP A 688 46.28 -6.40 9.89
N SER A 689 45.10 -5.94 9.47
CA SER A 689 44.96 -4.78 8.55
C SER A 689 45.72 -3.58 9.12
N PRO A 690 46.57 -2.89 8.33
CA PRO A 690 47.15 -1.62 8.75
C PRO A 690 46.12 -0.51 8.89
N LYS A 691 45.02 -0.63 8.14
CA LYS A 691 43.90 0.33 8.19
C LYS A 691 43.27 0.25 9.60
N LEU A 692 43.06 -0.95 10.10
CA LEU A 692 42.57 -1.20 11.49
C LEU A 692 43.51 -0.50 12.47
N GLY A 693 44.83 -0.67 12.28
CA GLY A 693 45.89 -0.01 13.06
C GLY A 693 45.66 1.49 13.18
N LYS A 694 45.41 2.19 12.07
CA LYS A 694 45.22 3.65 12.06
C LYS A 694 43.89 4.03 12.76
N LEU A 695 42.87 3.16 12.67
CA LEU A 695 41.53 3.47 13.25
C LEU A 695 41.68 3.36 14.77
N LEU A 696 42.42 2.35 15.23
CA LEU A 696 42.67 2.14 16.67
C LEU A 696 43.38 3.39 17.23
N ALA A 697 44.30 3.96 16.45
CA ALA A 697 45.02 5.21 16.79
C ALA A 697 44.00 6.34 16.98
N LEU A 698 43.15 6.57 15.97
CA LEU A 698 42.06 7.59 15.97
C LEU A 698 41.12 7.43 17.18
N ILE A 699 40.68 6.21 17.46
CA ILE A 699 39.72 5.86 18.54
C ILE A 699 40.33 6.22 19.89
N GLY A 700 41.62 5.89 20.08
CA GLY A 700 42.34 6.01 21.37
C GLY A 700 42.87 7.41 21.58
N ASP A 701 42.78 8.26 20.55
CA ASP A 701 43.33 9.66 20.53
C ASP A 701 42.38 10.63 21.24
N GLU A 702 42.77 11.11 22.40
CA GLU A 702 41.96 11.98 23.27
C GLU A 702 41.61 13.29 22.57
N SER A 703 42.49 13.80 21.71
CA SER A 703 42.30 15.08 20.97
C SER A 703 41.21 14.92 19.91
N GLU A 704 40.88 13.67 19.53
CA GLU A 704 39.87 13.41 18.44
C GLU A 704 38.58 12.88 19.11
N LEU A 705 38.50 11.58 19.36
CA LEU A 705 37.25 10.87 19.74
C LEU A 705 37.27 10.52 21.23
N TRP A 706 38.43 10.37 21.87
CA TRP A 706 38.51 9.68 23.19
C TRP A 706 38.26 10.66 24.33
N SER A 707 37.07 10.59 24.93
CA SER A 707 36.69 11.40 26.11
C SER A 707 36.74 10.48 27.31
N PRO A 708 36.80 11.05 28.53
CA PRO A 708 36.83 10.23 29.73
C PRO A 708 35.57 9.37 29.81
N TYR A 709 34.54 9.80 29.07
CA TYR A 709 33.15 9.27 29.21
C TYR A 709 32.82 8.29 28.05
N GLY A 710 33.70 8.15 27.07
CA GLY A 710 33.52 7.23 25.92
C GLY A 710 33.90 7.91 24.63
N LEU A 711 33.64 7.26 23.51
CA LEU A 711 33.95 7.78 22.16
C LEU A 711 32.91 8.84 21.80
N ARG A 712 33.40 10.03 21.49
CA ARG A 712 32.64 11.16 20.92
C ARG A 712 32.12 10.75 19.54
N SER A 713 30.85 11.03 19.29
CA SER A 713 30.19 10.81 17.98
C SER A 713 31.00 11.49 16.87
N LEU A 714 31.55 12.68 17.15
CA LEU A 714 32.38 13.49 16.22
C LEU A 714 33.66 13.99 16.92
N SER A 715 34.78 14.13 16.21
CA SER A 715 36.07 14.66 16.75
C SER A 715 35.94 16.15 17.13
N LYS A 716 36.48 16.48 18.30
CA LYS A 716 36.73 17.87 18.77
C LYS A 716 37.47 18.67 17.68
N LYS A 717 38.20 18.00 16.79
CA LYS A 717 39.05 18.64 15.74
C LYS A 717 38.21 18.91 14.49
N ASP A 718 37.11 18.19 14.29
CA ASP A 718 36.16 18.47 13.19
C ASP A 718 35.55 19.87 13.36
N GLU A 719 35.46 20.59 12.23
CA GLU A 719 34.87 21.94 12.13
C GLU A 719 33.40 21.99 12.57
N PHE A 720 32.70 20.86 12.53
CA PHE A 720 31.25 20.79 12.89
C PHE A 720 31.05 20.34 14.34
N TYR A 721 32.12 20.14 15.11
CA TYR A 721 32.03 19.69 16.52
C TYR A 721 31.17 20.68 17.30
N GLY A 722 30.13 20.19 17.95
CA GLY A 722 29.32 20.98 18.89
C GLY A 722 28.36 21.92 18.20
N THR A 723 28.23 21.81 16.87
CA THR A 723 27.44 22.77 16.04
C THR A 723 25.97 22.32 15.92
N ALA A 724 25.08 23.28 15.61
CA ALA A 724 23.67 23.07 15.25
C ALA A 724 22.98 22.37 16.41
N GLU A 725 22.20 21.33 16.14
CA GLU A 725 21.45 20.65 17.21
C GLU A 725 22.43 19.76 17.96
N ASN A 726 23.63 19.56 17.42
CA ASN A 726 24.69 18.89 18.18
C ASN A 726 24.12 17.57 18.75
N TYR A 727 23.57 16.72 17.90
CA TYR A 727 22.89 15.48 18.31
C TYR A 727 23.86 14.32 18.17
N TRP A 728 24.39 14.14 16.95
CA TRP A 728 25.49 13.19 16.62
C TRP A 728 26.77 13.97 16.25
N ARG A 729 26.90 15.22 16.68
CA ARG A 729 28.07 16.08 16.39
C ARG A 729 28.99 16.28 17.60
N SER A 730 28.94 15.40 18.61
CA SER A 730 29.85 15.37 19.79
C SER A 730 29.41 14.36 20.84
N PRO A 731 28.10 14.26 21.20
CA PRO A 731 27.71 13.47 22.37
C PRO A 731 28.09 11.99 22.24
N VAL A 732 28.21 11.31 23.38
CA VAL A 732 28.59 9.89 23.45
C VAL A 732 27.30 9.04 23.37
N TRP A 733 27.23 8.16 22.38
CA TRP A 733 26.09 7.25 22.18
C TRP A 733 26.50 5.83 22.51
N ILE A 734 25.69 5.13 23.26
CA ILE A 734 26.05 3.82 23.83
C ILE A 734 26.02 2.75 22.74
N ASN A 735 25.20 2.92 21.71
CA ASN A 735 25.02 1.86 20.68
C ASN A 735 26.32 1.77 19.85
N ILE A 736 26.90 2.89 19.46
CA ILE A 736 28.14 2.88 18.63
C ILE A 736 29.34 2.50 19.52
N ASN A 737 29.38 2.99 20.75
CA ASN A 737 30.41 2.60 21.73
C ASN A 737 30.32 1.10 21.98
N TYR A 738 29.10 0.54 22.02
CA TYR A 738 28.92 -0.93 22.20
C TYR A 738 29.61 -1.64 21.04
N LEU A 739 29.41 -1.18 19.81
CA LEU A 739 30.02 -1.86 18.64
C LEU A 739 31.55 -1.80 18.79
N ALA A 740 32.10 -0.64 19.16
CA ALA A 740 33.56 -0.41 19.31
C ALA A 740 34.10 -1.38 20.36
N ILE A 741 33.43 -1.47 21.51
CA ILE A 741 33.87 -2.33 22.64
C ILE A 741 33.95 -3.78 22.15
N VAL A 742 32.92 -4.24 21.45
CA VAL A 742 32.82 -5.66 20.99
C VAL A 742 33.97 -5.95 20.02
N GLN A 743 34.23 -5.04 19.08
CA GLN A 743 35.28 -5.22 18.06
C GLN A 743 36.65 -5.15 18.72
N LEU A 744 36.86 -4.21 19.66
CA LEU A 744 38.13 -4.10 20.41
C LEU A 744 38.43 -5.45 21.09
N TYR A 745 37.43 -6.01 21.77
CA TYR A 745 37.55 -7.30 22.48
C TYR A 745 37.90 -8.44 21.51
N ASN A 746 37.39 -8.38 20.27
CA ASN A 746 37.64 -9.41 19.24
C ASN A 746 39.13 -9.36 18.84
N ILE A 747 39.62 -8.18 18.42
CA ILE A 747 41.06 -7.94 18.12
C ILE A 747 41.88 -8.28 19.37
N ALA A 748 41.37 -8.00 20.58
CA ALA A 748 42.09 -8.22 21.86
C ALA A 748 42.27 -9.71 22.22
N THR A 749 41.50 -10.65 21.67
CA THR A 749 41.53 -12.09 22.08
C THR A 749 41.91 -12.97 20.88
N GLN A 750 42.85 -12.48 20.07
CA GLN A 750 43.27 -13.06 18.76
C GLN A 750 44.78 -12.88 18.59
N ASP A 751 45.51 -13.88 18.10
CA ASP A 751 46.87 -13.66 17.53
C ASP A 751 46.77 -12.47 16.54
N GLY A 752 47.56 -11.42 16.75
CA GLY A 752 47.71 -10.33 15.77
C GLY A 752 48.62 -9.22 16.31
N PRO A 753 49.02 -8.28 15.44
CA PRO A 753 49.87 -7.15 15.86
C PRO A 753 49.26 -6.11 16.82
N TYR A 754 47.92 -6.00 16.88
CA TYR A 754 47.24 -4.90 17.63
C TYR A 754 46.54 -5.48 18.86
N LYS A 755 46.63 -6.80 19.07
CA LYS A 755 46.12 -7.51 20.27
C LYS A 755 46.26 -6.68 21.56
N GLU A 756 47.43 -6.08 21.83
CA GLU A 756 47.71 -5.45 23.16
C GLU A 756 47.10 -4.03 23.22
N THR A 757 47.15 -3.25 22.13
CA THR A 757 46.48 -1.92 22.03
C THR A 757 44.97 -2.14 22.21
N ALA A 758 44.40 -3.07 21.44
CA ALA A 758 42.98 -3.44 21.48
C ALA A 758 42.59 -3.78 22.92
N ARG A 759 43.42 -4.54 23.63
CA ARG A 759 43.16 -4.95 25.03
C ARG A 759 43.10 -3.70 25.92
N ASP A 760 44.04 -2.78 25.78
CA ASP A 760 44.05 -1.57 26.66
C ASP A 760 42.75 -0.79 26.41
N LEU A 761 42.45 -0.51 25.13
CA LEU A 761 41.32 0.38 24.71
C LEU A 761 39.97 -0.23 25.12
N TYR A 762 39.77 -1.54 24.90
CA TYR A 762 38.66 -2.36 25.45
C TYR A 762 38.48 -2.10 26.95
N THR A 763 39.51 -2.44 27.73
CA THR A 763 39.48 -2.34 29.21
C THR A 763 38.99 -0.94 29.57
N ARG A 764 39.61 0.10 29.01
CA ARG A 764 39.31 1.48 29.45
C ARG A 764 37.94 1.91 28.92
N LEU A 765 37.59 1.56 27.67
CA LEU A 765 36.33 2.06 27.03
C LEU A 765 35.13 1.39 27.73
N ARG A 766 35.22 0.09 28.02
CA ARG A 766 34.25 -0.70 28.80
C ARG A 766 33.98 0.02 30.12
N LYS A 767 35.07 0.42 30.77
CA LYS A 767 35.02 1.08 32.09
C LYS A 767 34.36 2.45 31.90
N ASN A 768 34.87 3.29 31.00
CA ASN A 768 34.35 4.68 30.78
C ASN A 768 32.83 4.61 30.51
N ILE A 769 32.40 3.74 29.61
CA ILE A 769 30.97 3.64 29.16
C ILE A 769 30.12 3.18 30.34
N VAL A 770 30.48 2.07 30.99
CA VAL A 770 29.69 1.54 32.12
C VAL A 770 29.57 2.61 33.22
N GLU A 771 30.69 3.12 33.71
CA GLU A 771 30.74 4.07 34.86
C GLU A 771 29.95 5.35 34.52
N THR A 772 29.97 5.82 33.29
CA THR A 772 29.19 7.01 32.89
C THR A 772 27.68 6.73 33.04
N VAL A 773 27.26 5.57 32.58
CA VAL A 773 25.80 5.23 32.53
C VAL A 773 25.39 4.95 33.97
N TYR A 774 26.22 4.22 34.71
CA TYR A 774 26.02 4.00 36.16
C TYR A 774 25.89 5.34 36.93
N ARG A 775 26.90 6.21 36.88
CA ARG A 775 26.93 7.44 37.71
C ARG A 775 25.59 8.15 37.49
N ASN A 776 25.21 8.32 36.21
CA ASN A 776 23.97 9.08 35.82
C ASN A 776 22.73 8.35 36.35
N TRP A 777 22.70 7.02 36.28
CA TRP A 777 21.55 6.24 36.83
C TRP A 777 21.48 6.43 38.33
N GLU A 778 22.65 6.43 39.00
CA GLU A 778 22.73 6.57 40.46
C GLU A 778 22.15 7.93 40.82
N GLU A 779 22.52 8.99 40.08
CA GLU A 779 22.21 10.41 40.39
C GLU A 779 20.76 10.75 39.98
N THR A 780 20.25 10.22 38.87
CA THR A 780 18.97 10.67 38.24
C THR A 780 17.93 9.53 38.24
N GLY A 781 18.34 8.28 38.40
CA GLY A 781 17.50 7.08 38.16
C GLY A 781 17.11 6.85 36.69
N PHE A 782 17.73 7.51 35.72
CA PHE A 782 17.44 7.32 34.29
C PHE A 782 18.65 6.78 33.50
N ALA A 783 18.35 5.90 32.56
CA ALA A 783 19.12 5.72 31.30
C ALA A 783 18.90 6.98 30.47
N TRP A 784 19.96 7.51 29.88
CA TRP A 784 19.83 8.63 28.90
C TRP A 784 20.17 8.22 27.46
N GLU A 785 19.59 8.95 26.51
CA GLU A 785 19.77 8.82 25.05
C GLU A 785 21.25 8.99 24.66
N GLN A 786 21.96 9.90 25.34
CA GLN A 786 23.37 10.21 25.05
C GLN A 786 24.03 10.94 26.24
N TYR A 787 25.35 11.05 26.24
CA TYR A 787 26.10 11.57 27.40
C TYR A 787 27.06 12.65 26.92
N ASN A 788 27.12 13.75 27.69
CA ASN A 788 27.94 14.94 27.35
C ASN A 788 29.41 14.55 27.46
N PRO A 789 30.24 14.76 26.42
CA PRO A 789 31.66 14.39 26.49
C PRO A 789 32.50 15.32 27.40
N GLU A 790 32.12 16.59 27.54
CA GLU A 790 32.80 17.59 28.42
C GLU A 790 32.47 17.26 29.89
N THR A 791 31.20 16.98 30.25
CA THR A 791 30.76 16.82 31.66
C THR A 791 30.41 15.37 32.03
N GLY A 792 30.14 14.48 31.10
CA GLY A 792 29.66 13.14 31.45
C GLY A 792 28.17 13.09 31.80
N LYS A 793 27.45 14.20 31.70
CA LYS A 793 26.01 14.24 32.11
C LYS A 793 25.11 13.58 31.06
N GLY A 794 24.12 12.81 31.54
CA GLY A 794 22.97 12.36 30.74
C GLY A 794 22.26 13.58 30.19
N GLN A 795 22.00 13.58 28.89
CA GLN A 795 21.21 14.67 28.23
C GLN A 795 20.27 14.04 27.19
N ARG A 796 19.37 14.87 26.67
CA ARG A 796 18.35 14.52 25.67
C ARG A 796 17.36 13.57 26.37
N THR A 797 16.91 12.50 25.71
CA THR A 797 15.72 11.70 26.12
C THR A 797 16.06 10.85 27.34
N GLN A 798 15.26 10.95 28.41
CA GLN A 798 15.30 10.02 29.56
C GLN A 798 14.48 8.75 29.25
N HIS A 799 14.59 7.78 30.16
CA HIS A 799 13.90 6.48 30.08
C HIS A 799 14.31 5.79 28.78
N PHE A 800 15.55 6.01 28.35
CA PHE A 800 16.05 5.51 27.06
C PHE A 800 16.58 4.07 27.25
N THR A 801 15.63 3.14 27.29
CA THR A 801 15.86 1.68 27.44
C THR A 801 15.03 0.94 26.39
N GLY A 802 15.41 1.07 25.10
CA GLY A 802 16.49 1.91 24.62
C GLY A 802 17.84 1.22 24.64
N TRP A 803 18.72 1.57 23.73
CA TRP A 803 19.99 0.82 23.51
C TRP A 803 21.04 1.20 24.57
N THR A 804 20.78 2.19 25.42
CA THR A 804 21.67 2.50 26.56
C THR A 804 21.73 1.30 27.50
N SER A 805 20.70 0.46 27.49
CA SER A 805 20.63 -0.82 28.23
C SER A 805 21.65 -1.87 27.72
N LEU A 806 22.30 -1.67 26.56
CA LEU A 806 23.44 -2.53 26.13
C LEU A 806 24.47 -2.64 27.25
N VAL A 807 24.52 -1.66 28.13
CA VAL A 807 25.56 -1.58 29.19
C VAL A 807 25.51 -2.87 30.05
N VAL A 808 24.39 -3.61 30.11
CA VAL A 808 24.32 -4.89 30.87
CA VAL A 808 24.33 -4.89 30.88
C VAL A 808 25.20 -5.94 30.17
N LYS A 809 25.20 -5.93 28.84
CA LYS A 809 26.04 -6.83 27.99
C LYS A 809 27.49 -6.37 28.10
N ILE A 810 27.76 -5.06 28.12
CA ILE A 810 29.15 -4.56 28.26
C ILE A 810 29.73 -5.04 29.60
N MET A 811 28.96 -5.02 30.69
CA MET A 811 29.42 -5.48 32.03
C MET A 811 29.58 -7.03 32.02
N SER A 812 28.76 -7.76 31.28
CA SER A 812 28.75 -9.25 31.37
C SER A 812 29.94 -9.83 30.58
N GLY A 813 30.47 -9.09 29.60
CA GLY A 813 31.64 -9.46 28.78
C GLY A 813 31.46 -10.73 27.95
N HIS A 814 32.58 -11.43 27.65
CA HIS A 814 32.66 -12.75 26.94
C HIS A 814 31.87 -12.72 25.61
N HIS A 815 32.21 -11.78 24.72
CA HIS A 815 31.46 -11.46 23.47
C HIS A 815 31.62 -12.58 22.41
N GLU B 35 -10.73 23.34 -39.45
CA GLU B 35 -10.20 24.66 -39.98
C GLU B 35 -11.17 25.26 -41.01
N SER B 36 -11.84 24.46 -41.86
CA SER B 36 -13.11 24.88 -42.53
C SER B 36 -14.18 25.12 -41.46
N ILE B 37 -15.03 26.12 -41.68
CA ILE B 37 -16.22 26.50 -40.87
C ILE B 37 -17.05 25.27 -40.54
N LEU B 38 -17.35 24.45 -41.53
CA LEU B 38 -18.20 23.25 -41.38
C LEU B 38 -17.49 22.22 -40.51
N HIS B 39 -16.21 21.93 -40.77
CA HIS B 39 -15.47 20.89 -40.00
C HIS B 39 -15.42 21.35 -38.54
N SER B 40 -15.14 22.61 -38.27
CA SER B 40 -15.17 23.22 -36.91
C SER B 40 -16.56 23.05 -36.26
N GLU B 41 -17.63 23.44 -36.97
CA GLU B 41 -19.00 23.44 -36.42
C GLU B 41 -19.40 21.98 -36.13
N ILE B 42 -19.15 21.05 -37.06
CA ILE B 42 -19.44 19.61 -36.78
C ILE B 42 -18.68 19.20 -35.52
N GLY B 43 -17.38 19.53 -35.42
CA GLY B 43 -16.55 19.19 -34.24
C GLY B 43 -17.16 19.76 -32.96
N ARG B 44 -17.52 21.04 -32.97
CA ARG B 44 -18.20 21.74 -31.84
C ARG B 44 -19.46 20.97 -31.45
N LEU B 45 -20.24 20.51 -32.41
CA LEU B 45 -21.52 19.82 -32.09
C LEU B 45 -21.22 18.45 -31.47
N ASN B 46 -20.21 17.75 -31.96
CA ASN B 46 -19.77 16.43 -31.45
C ASN B 46 -19.28 16.54 -30.00
N ASN B 47 -18.47 17.56 -29.76
CA ASN B 47 -17.87 17.95 -28.47
C ASN B 47 -19.04 18.19 -27.50
N GLN B 48 -20.00 19.02 -27.89
CA GLN B 48 -21.21 19.33 -27.08
C GLN B 48 -22.02 18.05 -26.86
N SER B 49 -22.20 17.21 -27.86
CA SER B 49 -22.95 15.94 -27.75
C SER B 49 -22.28 14.99 -26.72
N LEU B 50 -20.94 14.89 -26.69
CA LEU B 50 -20.17 13.80 -26.00
C LEU B 50 -19.65 14.22 -24.59
N LEU B 51 -19.72 15.51 -24.26
CA LEU B 51 -19.07 16.18 -23.10
C LEU B 51 -19.34 15.40 -21.81
N TRP B 52 -20.60 15.10 -21.53
CA TRP B 52 -21.01 14.40 -20.28
C TRP B 52 -21.13 12.90 -20.53
N GLY B 53 -20.70 12.10 -19.55
CA GLY B 53 -21.02 10.68 -19.52
C GLY B 53 -20.70 10.12 -18.15
N PRO B 54 -20.95 8.82 -17.95
CA PRO B 54 -20.44 8.12 -16.78
C PRO B 54 -19.00 7.70 -17.08
N TYR B 55 -18.16 8.67 -17.38
CA TYR B 55 -16.85 8.46 -18.02
C TYR B 55 -15.77 8.10 -16.97
N ARG B 56 -16.18 7.33 -15.96
CA ARG B 56 -15.32 6.88 -14.82
C ARG B 56 -15.49 5.38 -14.68
N PRO B 57 -15.05 4.61 -15.69
CA PRO B 57 -15.28 3.17 -15.69
C PRO B 57 -14.54 2.44 -14.57
N ASN B 58 -13.54 3.09 -13.95
CA ASN B 58 -12.78 2.48 -12.83
C ASN B 58 -13.67 2.33 -11.59
N ILE B 59 -14.80 3.02 -11.49
CA ILE B 59 -15.75 2.86 -10.33
C ILE B 59 -17.09 2.30 -10.83
N TYR B 60 -17.85 1.68 -9.93
CA TYR B 60 -19.19 1.11 -10.24
C TYR B 60 -20.05 2.17 -10.93
N PHE B 61 -20.12 3.39 -10.39
CA PHE B 61 -20.92 4.47 -11.00
C PHE B 61 -20.41 5.84 -10.55
N GLY B 62 -20.16 6.69 -11.53
CA GLY B 62 -19.90 8.12 -11.30
C GLY B 62 -19.96 8.86 -12.61
N THR B 63 -19.80 10.17 -12.60
CA THR B 63 -19.86 10.94 -13.86
C THR B 63 -18.70 11.92 -13.86
N ARG B 64 -18.32 12.37 -15.04
CA ARG B 64 -17.49 13.56 -15.21
C ARG B 64 -17.60 14.01 -16.65
N PRO B 65 -17.30 15.29 -16.95
CA PRO B 65 -17.26 15.76 -18.32
C PRO B 65 -15.85 15.50 -18.89
N ARG B 66 -15.72 15.62 -20.21
CA ARG B 66 -14.43 15.61 -20.94
C ARG B 66 -13.73 16.95 -20.67
N ILE B 67 -13.42 17.25 -19.41
CA ILE B 67 -12.65 18.44 -18.96
C ILE B 67 -11.71 17.97 -17.83
N GLY B 68 -10.42 18.34 -17.88
CA GLY B 68 -9.41 17.89 -16.90
C GLY B 68 -9.84 18.14 -15.44
N LYS B 69 -10.16 19.41 -15.17
CA LYS B 69 -10.46 19.95 -13.84
C LYS B 69 -11.90 20.45 -13.86
N SER B 70 -12.84 19.65 -13.34
CA SER B 70 -14.27 19.99 -13.36
C SER B 70 -14.97 19.19 -12.28
N LEU B 71 -16.27 19.05 -12.44
CA LEU B 71 -17.18 18.39 -11.48
C LEU B 71 -17.22 16.87 -11.74
N MET B 72 -16.99 16.08 -10.69
CA MET B 72 -17.01 14.60 -10.74
C MET B 72 -17.97 14.10 -9.67
N THR B 73 -18.55 12.92 -9.87
CA THR B 73 -19.49 12.31 -8.92
C THR B 73 -19.08 10.86 -8.75
N GLY B 74 -19.48 10.26 -7.66
CA GLY B 74 -19.25 8.83 -7.43
C GLY B 74 -20.21 8.29 -6.40
N LEU B 75 -20.60 7.04 -6.59
CA LEU B 75 -21.57 6.30 -5.77
C LEU B 75 -20.82 5.36 -4.85
N MET B 76 -21.21 5.33 -3.59
CA MET B 76 -20.74 4.29 -2.62
C MET B 76 -21.95 3.69 -1.90
N TRP B 77 -21.88 2.39 -1.60
CA TRP B 77 -22.93 1.69 -0.84
C TRP B 77 -22.28 0.54 -0.10
N GLY B 78 -22.89 0.14 1.01
CA GLY B 78 -22.49 -1.04 1.80
C GLY B 78 -23.50 -1.26 2.90
N LYS B 79 -23.76 -2.51 3.22
CA LYS B 79 -24.58 -2.90 4.40
C LYS B 79 -23.82 -2.46 5.66
N ILE B 80 -24.52 -2.20 6.76
CA ILE B 80 -23.88 -2.02 8.09
C ILE B 80 -24.68 -2.76 9.15
N GLU B 81 -23.99 -3.72 9.78
CA GLU B 81 -24.49 -4.59 10.88
C GLU B 81 -23.64 -4.43 12.14
N SER B 82 -22.49 -3.75 12.11
CA SER B 82 -21.58 -3.65 13.27
C SER B 82 -20.86 -2.31 13.27
N TYR B 83 -20.04 -2.07 14.29
CA TYR B 83 -19.25 -0.84 14.46
C TYR B 83 -17.99 -0.88 13.61
N THR B 84 -17.72 -2.01 12.93
CA THR B 84 -16.43 -2.28 12.23
C THR B 84 -16.61 -2.95 10.85
N ASP B 85 -17.83 -3.14 10.35
CA ASP B 85 -18.03 -3.93 9.10
C ASP B 85 -18.06 -3.00 7.89
N PHE B 86 -18.50 -1.74 8.03
CA PHE B 86 -18.76 -0.87 6.86
C PHE B 86 -17.48 -0.73 6.03
N GLN B 87 -16.31 -0.69 6.65
CA GLN B 87 -15.00 -0.53 5.96
C GLN B 87 -14.78 -1.73 4.99
N HIS B 88 -15.34 -2.91 5.29
CA HIS B 88 -15.14 -4.18 4.54
C HIS B 88 -16.23 -4.38 3.47
N THR B 89 -17.41 -3.79 3.66
CA THR B 89 -18.61 -4.05 2.81
C THR B 89 -18.70 -2.95 1.75
N VAL B 90 -18.09 -1.79 2.02
CA VAL B 90 -18.37 -0.56 1.20
C VAL B 90 -17.83 -0.78 -0.23
N ARG B 91 -18.60 -0.32 -1.21
CA ARG B 91 -18.29 -0.50 -2.66
C ARG B 91 -18.02 0.87 -3.23
N TYR B 92 -16.94 0.99 -4.00
CA TYR B 92 -16.59 2.22 -4.75
C TYR B 92 -15.95 1.85 -6.10
N THR B 93 -14.73 1.31 -6.07
CA THR B 93 -13.89 0.99 -7.26
C THR B 93 -14.25 -0.42 -7.72
N CYS B 94 -14.30 -0.61 -9.04
CA CYS B 94 -14.60 -1.93 -9.67
C CYS B 94 -13.57 -2.97 -9.21
N GLU B 95 -14.07 -4.12 -8.75
CA GLU B 95 -13.31 -5.35 -8.42
C GLU B 95 -14.04 -6.53 -9.06
N GLN B 96 -13.47 -7.72 -8.98
CA GLN B 96 -14.22 -8.98 -9.21
C GLN B 96 -13.65 -10.05 -8.30
N ASN B 97 -14.47 -10.57 -7.39
CA ASN B 97 -14.08 -11.56 -6.36
C ASN B 97 -15.36 -12.33 -6.04
N GLU B 98 -15.31 -13.33 -5.14
CA GLU B 98 -16.46 -14.23 -4.78
C GLU B 98 -17.65 -13.38 -4.30
N GLY B 99 -17.39 -12.19 -3.76
CA GLY B 99 -18.39 -11.30 -3.14
C GLY B 99 -19.22 -10.56 -4.16
N MET B 100 -18.78 -10.48 -5.41
CA MET B 100 -19.59 -9.86 -6.50
C MET B 100 -20.04 -10.94 -7.49
N LYS B 101 -21.37 -11.14 -7.72
CA LYS B 101 -21.90 -12.08 -8.76
C LYS B 101 -21.48 -11.57 -10.14
N GLY B 102 -21.78 -10.31 -10.43
CA GLY B 102 -21.42 -9.65 -11.71
C GLY B 102 -21.87 -8.20 -11.73
N TYR B 103 -21.53 -7.49 -12.81
CA TYR B 103 -22.05 -6.12 -13.10
C TYR B 103 -21.72 -5.79 -14.55
N GLY B 104 -22.44 -4.83 -15.12
CA GLY B 104 -22.15 -4.36 -16.47
C GLY B 104 -23.30 -3.57 -17.04
N TRP B 105 -23.10 -3.00 -18.23
CA TRP B 105 -24.17 -2.24 -18.93
C TRP B 105 -25.07 -3.24 -19.70
N ASP B 106 -26.38 -3.16 -19.48
CA ASP B 106 -27.41 -3.95 -20.21
C ASP B 106 -27.57 -3.31 -21.58
N GLU B 107 -27.31 -2.00 -21.60
CA GLU B 107 -27.58 -1.13 -22.76
C GLU B 107 -26.80 0.18 -22.51
N TYR B 108 -26.20 0.76 -23.56
CA TYR B 108 -25.50 2.04 -23.44
C TYR B 108 -25.21 2.66 -24.80
N ASP B 109 -25.26 3.98 -24.81
CA ASP B 109 -24.86 4.86 -25.92
C ASP B 109 -24.34 6.17 -25.32
N PRO B 110 -23.08 6.55 -25.60
CA PRO B 110 -22.49 7.70 -24.93
C PRO B 110 -23.30 8.98 -25.16
N ARG B 111 -24.07 9.03 -26.24
CA ARG B 111 -24.80 10.25 -26.67
C ARG B 111 -26.08 10.37 -25.84
N ARG B 112 -26.65 9.22 -25.46
CA ARG B 112 -28.02 9.15 -24.91
C ARG B 112 -27.97 8.67 -23.47
N GLY B 113 -27.10 7.71 -23.17
CA GLY B 113 -26.97 7.11 -21.83
C GLY B 113 -27.26 5.64 -21.85
N GLY B 114 -27.68 5.09 -20.72
CA GLY B 114 -27.92 3.64 -20.58
C GLY B 114 -28.23 3.27 -19.14
N ILE B 115 -28.07 1.98 -18.85
CA ILE B 115 -28.60 1.26 -17.66
C ILE B 115 -27.54 0.20 -17.32
N GLN B 116 -27.10 0.18 -16.06
CA GLN B 116 -26.10 -0.78 -15.55
C GLN B 116 -26.82 -1.60 -14.48
N SER B 117 -26.44 -2.86 -14.34
CA SER B 117 -26.93 -3.77 -13.29
C SER B 117 -25.71 -4.21 -12.47
N ILE B 118 -25.86 -4.26 -11.15
CA ILE B 118 -24.78 -4.66 -10.20
C ILE B 118 -25.39 -5.73 -9.29
N HIS B 119 -24.82 -6.93 -9.32
CA HIS B 119 -25.26 -8.09 -8.52
C HIS B 119 -24.18 -8.34 -7.46
N ASP B 120 -24.42 -7.76 -6.29
CA ASP B 120 -23.54 -7.69 -5.10
C ASP B 120 -24.00 -8.78 -4.09
N ILE B 121 -23.24 -9.87 -3.96
CA ILE B 121 -23.58 -10.99 -3.04
C ILE B 121 -23.29 -10.52 -1.60
N GLN B 122 -22.15 -9.87 -1.39
CA GLN B 122 -21.71 -9.51 -0.02
C GLN B 122 -22.74 -8.61 0.66
N ASN B 123 -23.34 -7.68 -0.09
CA ASN B 123 -24.27 -6.67 0.44
C ASN B 123 -25.74 -7.09 0.14
N GLY B 124 -25.94 -8.27 -0.44
CA GLY B 124 -27.27 -8.84 -0.73
C GLY B 124 -28.16 -7.85 -1.48
N LEU B 125 -27.59 -7.15 -2.46
CA LEU B 125 -28.28 -6.10 -3.23
C LEU B 125 -28.13 -6.37 -4.73
N ASP B 126 -29.23 -6.21 -5.47
CA ASP B 126 -29.24 -6.07 -6.94
C ASP B 126 -29.53 -4.60 -7.22
N ILE B 127 -28.57 -3.90 -7.81
CA ILE B 127 -28.66 -2.44 -8.01
C ILE B 127 -28.80 -2.16 -9.51
N THR B 128 -29.48 -1.08 -9.84
CA THR B 128 -29.63 -0.58 -11.20
C THR B 128 -29.20 0.89 -11.21
N THR B 129 -28.34 1.29 -12.14
CA THR B 129 -27.94 2.70 -12.29
C THR B 129 -28.28 3.09 -13.71
N SER B 130 -29.32 3.88 -13.86
CA SER B 130 -29.89 4.36 -15.13
C SER B 130 -29.33 5.76 -15.31
N PHE B 131 -28.71 6.01 -16.45
CA PHE B 131 -28.13 7.33 -16.77
C PHE B 131 -28.72 7.79 -18.09
N VAL B 132 -29.06 9.07 -18.20
CA VAL B 132 -29.67 9.70 -19.42
C VAL B 132 -29.11 11.11 -19.54
N LYS B 133 -28.89 11.57 -20.77
CA LYS B 133 -28.39 12.91 -21.15
C LYS B 133 -29.50 13.68 -21.89
N ILE B 134 -29.57 14.99 -21.66
CA ILE B 134 -30.68 15.88 -22.12
C ILE B 134 -30.02 17.10 -22.70
N PRO B 135 -29.99 17.21 -24.05
CA PRO B 135 -29.33 18.35 -24.67
C PRO B 135 -30.13 19.62 -24.40
N GLY B 136 -29.44 20.76 -24.47
CA GLY B 136 -29.89 22.08 -24.04
C GLY B 136 -28.71 22.89 -23.51
N GLY B 137 -28.60 24.14 -23.98
CA GLY B 137 -27.66 25.15 -23.48
C GLY B 137 -26.34 25.08 -24.21
N ALA B 138 -25.32 25.72 -23.66
CA ALA B 138 -24.02 25.97 -24.33
C ALA B 138 -22.89 25.24 -23.61
N HIS B 139 -23.20 24.27 -22.73
CA HIS B 139 -22.24 23.69 -21.77
C HIS B 139 -22.32 22.14 -21.77
N GLY B 140 -22.79 21.51 -22.84
CA GLY B 140 -22.85 20.04 -22.97
C GLY B 140 -24.13 19.43 -22.43
N GLY B 141 -25.12 20.26 -22.17
CA GLY B 141 -26.45 19.80 -21.75
C GLY B 141 -26.51 19.39 -20.29
N SER B 142 -27.54 18.60 -19.99
CA SER B 142 -27.95 18.22 -18.62
C SER B 142 -27.96 16.70 -18.56
N TRP B 143 -28.05 16.13 -17.35
CA TRP B 143 -28.09 14.65 -17.24
C TRP B 143 -28.83 14.27 -15.96
N ALA B 144 -29.25 13.04 -15.87
CA ALA B 144 -29.94 12.52 -14.69
C ALA B 144 -29.60 11.05 -14.55
N ALA B 145 -29.74 10.53 -13.34
CA ALA B 145 -29.45 9.11 -13.05
C ALA B 145 -30.39 8.67 -11.95
N ARG B 146 -30.84 7.43 -12.02
CA ARG B 146 -31.67 6.79 -10.99
C ARG B 146 -30.87 5.64 -10.43
N ILE B 147 -30.71 5.66 -9.11
CA ILE B 147 -30.03 4.56 -8.35
C ILE B 147 -31.12 3.83 -7.58
N LYS B 148 -31.25 2.53 -7.83
CA LYS B 148 -32.30 1.68 -7.28
C LYS B 148 -31.66 0.40 -6.77
N GLY B 149 -31.87 0.13 -5.48
CA GLY B 149 -31.41 -1.07 -4.78
C GLY B 149 -32.59 -1.95 -4.39
N THR B 150 -32.46 -3.25 -4.63
CA THR B 150 -33.43 -4.31 -4.33
C THR B 150 -32.70 -5.42 -3.61
N LEU B 151 -33.00 -5.63 -2.34
CA LEU B 151 -32.44 -6.77 -1.55
C LEU B 151 -32.75 -8.06 -2.29
N ASN B 152 -31.75 -8.92 -2.47
CA ASN B 152 -31.94 -10.32 -2.98
C ASN B 152 -32.69 -11.12 -1.90
N ASP B 153 -33.12 -12.33 -2.23
CA ASP B 153 -33.99 -13.21 -1.40
C ASP B 153 -33.26 -13.70 -0.14
N ASP B 154 -31.92 -13.65 -0.14
CA ASP B 154 -31.02 -14.15 0.93
C ASP B 154 -30.79 -13.09 2.02
N ALA B 155 -31.09 -11.81 1.75
CA ALA B 155 -30.67 -10.66 2.58
C ALA B 155 -31.69 -10.41 3.68
N PRO B 156 -31.26 -10.05 4.91
CA PRO B 156 -32.21 -9.71 5.95
C PRO B 156 -33.15 -8.62 5.42
N LYS B 157 -34.46 -8.85 5.44
CA LYS B 157 -35.49 -7.93 4.85
C LYS B 157 -35.39 -6.58 5.56
N ASP B 158 -34.77 -6.53 6.74
CA ASP B 158 -34.55 -5.25 7.48
C ASP B 158 -33.09 -4.78 7.34
N GLN B 159 -32.36 -5.25 6.33
CA GLN B 159 -30.95 -4.82 6.11
C GLN B 159 -30.87 -3.29 6.06
N LYS B 160 -29.91 -2.73 6.81
CA LYS B 160 -29.56 -1.28 6.74
C LYS B 160 -28.45 -1.12 5.71
N THR B 161 -28.68 -0.32 4.67
CA THR B 161 -27.69 -0.01 3.61
C THR B 161 -27.34 1.47 3.69
N ILE B 162 -26.07 1.81 3.89
CA ILE B 162 -25.56 3.20 3.71
C ILE B 162 -25.36 3.42 2.21
N VAL B 163 -25.76 4.58 1.71
CA VAL B 163 -25.50 5.00 0.33
C VAL B 163 -24.89 6.40 0.38
N VAL B 164 -23.79 6.59 -0.36
CA VAL B 164 -23.11 7.91 -0.49
C VAL B 164 -23.07 8.27 -1.96
N PHE B 165 -23.46 9.50 -2.25
CA PHE B 165 -23.15 10.21 -3.49
C PHE B 165 -22.07 11.23 -3.12
N TYR B 166 -20.90 11.08 -3.71
CA TYR B 166 -19.71 11.95 -3.52
C TYR B 166 -19.63 12.89 -4.72
N VAL B 167 -19.50 14.18 -4.46
CA VAL B 167 -19.32 15.22 -5.52
C VAL B 167 -18.04 16.01 -5.20
N SER B 168 -17.23 16.25 -6.22
CA SER B 168 -15.97 17.04 -6.11
C SER B 168 -15.90 18.00 -7.28
N GLN B 169 -15.18 19.12 -7.12
CA GLN B 169 -15.00 20.12 -8.23
C GLN B 169 -13.59 20.69 -8.15
N GLU B 170 -12.84 20.54 -9.24
CA GLU B 170 -11.47 21.08 -9.40
C GLU B 170 -11.56 22.22 -10.42
N GLY B 171 -10.74 23.24 -10.26
CA GLY B 171 -10.68 24.39 -11.19
C GLY B 171 -10.53 25.70 -10.43
N GLU B 172 -9.55 26.52 -10.80
CA GLU B 172 -9.57 27.98 -10.50
C GLU B 172 -10.97 28.50 -10.88
N ASN B 173 -11.50 29.42 -10.08
CA ASN B 173 -12.66 30.31 -10.39
C ASN B 173 -13.92 29.46 -10.56
N SER B 174 -14.19 28.58 -9.58
CA SER B 174 -15.37 27.69 -9.58
C SER B 174 -15.95 27.54 -8.16
N GLU B 175 -17.26 27.43 -8.07
CA GLU B 175 -18.05 27.49 -6.81
C GLU B 175 -18.98 26.27 -6.79
N LEU B 176 -19.24 25.77 -5.61
CA LEU B 176 -20.20 24.67 -5.42
C LEU B 176 -20.61 24.70 -3.95
N GLU B 177 -21.91 24.84 -3.73
CA GLU B 177 -22.48 25.19 -2.41
C GLU B 177 -23.78 24.40 -2.27
N ALA B 178 -23.92 23.66 -1.18
CA ALA B 178 -25.15 22.94 -0.80
C ALA B 178 -26.10 23.95 -0.11
N VAL B 179 -27.34 24.02 -0.59
CA VAL B 179 -28.40 24.83 0.03
C VAL B 179 -28.67 24.23 1.41
N PRO B 180 -28.62 25.05 2.50
CA PRO B 180 -28.99 24.57 3.83
C PRO B 180 -30.40 23.95 3.84
N SER B 181 -30.55 22.95 4.68
CA SER B 181 -31.81 22.31 5.12
C SER B 181 -32.73 23.34 5.80
N GLU B 182 -34.05 23.07 5.84
CA GLU B 182 -35.01 23.79 6.72
C GLU B 182 -35.07 23.11 8.12
N ASN B 183 -34.49 21.90 8.31
CA ASN B 183 -34.61 21.07 9.54
C ASN B 183 -33.28 20.99 10.31
N GLU B 184 -33.32 20.42 11.52
CA GLU B 184 -32.30 20.65 12.58
C GLU B 184 -30.99 19.90 12.23
N PHE B 185 -31.12 18.64 11.80
CA PHE B 185 -30.05 17.63 11.80
C PHE B 185 -29.77 17.08 10.39
N GLY B 186 -30.52 17.51 9.38
CA GLY B 186 -30.39 17.00 8.00
C GLY B 186 -31.61 17.36 7.17
N TYR B 187 -31.86 16.57 6.13
CA TYR B 187 -32.82 16.90 5.04
C TYR B 187 -33.94 15.86 5.08
N GLU B 188 -35.18 16.36 5.08
CA GLU B 188 -36.44 15.58 4.91
C GLU B 188 -36.63 15.30 3.42
N GLY B 189 -36.31 16.30 2.59
CA GLY B 189 -36.53 16.25 1.14
C GLY B 189 -35.25 16.12 0.33
N ASP B 190 -35.20 16.89 -0.76
CA ASP B 190 -34.14 16.98 -1.79
C ASP B 190 -32.94 17.77 -1.25
N VAL B 191 -31.74 17.30 -1.60
CA VAL B 191 -30.48 18.04 -1.40
C VAL B 191 -30.22 18.81 -2.68
N ILE B 192 -29.94 20.10 -2.58
CA ILE B 192 -29.65 20.93 -3.78
C ILE B 192 -28.22 21.46 -3.68
N LEU B 193 -27.37 21.15 -4.68
CA LEU B 193 -26.05 21.82 -4.85
C LEU B 193 -26.17 22.84 -5.98
N LYS B 194 -25.68 24.06 -5.75
CA LYS B 194 -25.62 25.15 -6.76
C LYS B 194 -24.15 25.43 -7.06
N GLY B 195 -23.78 25.37 -8.34
CA GLY B 195 -22.37 25.45 -8.78
C GLY B 195 -22.20 26.40 -9.94
N ARG B 196 -20.95 26.74 -10.22
CA ARG B 196 -20.53 27.55 -11.38
C ARG B 196 -19.07 27.23 -11.68
N SER B 197 -18.70 27.15 -12.97
CA SER B 197 -17.31 27.08 -13.48
C SER B 197 -17.27 27.74 -14.86
N GLU B 198 -16.12 28.18 -15.34
CA GLU B 198 -15.99 28.71 -16.73
C GLU B 198 -16.58 27.64 -17.68
N ALA B 199 -16.23 26.37 -17.46
CA ALA B 199 -16.57 25.24 -18.36
C ALA B 199 -18.09 24.97 -18.36
N LEU B 200 -18.74 24.94 -17.20
CA LEU B 200 -20.13 24.44 -17.10
C LEU B 200 -21.14 25.60 -16.97
N GLY B 201 -20.68 26.85 -16.87
CA GLY B 201 -21.52 27.99 -16.46
C GLY B 201 -22.21 27.67 -15.14
N ASN B 202 -23.41 28.18 -14.91
CA ASN B 202 -24.21 27.91 -13.69
C ASN B 202 -24.92 26.56 -13.87
N TYR B 203 -25.11 25.86 -12.76
CA TYR B 203 -25.75 24.53 -12.77
C TYR B 203 -26.29 24.27 -11.38
N LYS B 204 -27.19 23.30 -11.36
CA LYS B 204 -27.92 22.79 -10.19
C LYS B 204 -27.69 21.27 -10.26
N LEU B 205 -27.12 20.68 -9.21
CA LEU B 205 -27.13 19.21 -9.02
C LEU B 205 -28.03 18.93 -7.83
N VAL B 206 -29.03 18.09 -8.03
CA VAL B 206 -30.01 17.69 -6.99
C VAL B 206 -29.85 16.20 -6.72
N VAL B 207 -29.90 15.82 -5.44
CA VAL B 207 -30.04 14.42 -4.97
C VAL B 207 -31.41 14.34 -4.30
N THR B 208 -32.35 13.59 -4.87
CA THR B 208 -33.77 13.58 -4.47
C THR B 208 -33.96 12.78 -3.18
N LYS B 209 -35.09 13.05 -2.50
CA LYS B 209 -35.48 12.40 -1.22
C LYS B 209 -35.34 10.91 -1.40
N GLY B 210 -35.90 10.40 -2.50
CA GLY B 210 -35.94 8.96 -2.80
C GLY B 210 -37.17 8.30 -2.19
N LYS B 211 -37.25 7.00 -2.36
CA LYS B 211 -38.31 6.10 -1.88
C LYS B 211 -37.58 5.02 -1.06
N GLY B 212 -38.09 4.72 0.12
CA GLY B 212 -37.71 3.58 0.96
C GLY B 212 -37.72 4.00 2.43
N VAL B 213 -37.69 3.02 3.32
CA VAL B 213 -37.75 3.21 4.77
C VAL B 213 -36.38 3.74 5.24
N ILE B 214 -36.40 4.92 5.86
CA ILE B 214 -35.31 5.57 6.67
C ILE B 214 -35.43 5.07 8.10
N PRO B 215 -34.48 4.25 8.60
CA PRO B 215 -34.57 3.72 9.96
C PRO B 215 -34.44 4.91 10.94
N GLN B 216 -35.12 4.81 12.08
CA GLN B 216 -35.14 5.92 13.07
C GLN B 216 -34.56 5.40 14.38
N SER B 217 -33.71 6.19 15.03
CA SER B 217 -33.10 5.88 16.36
C SER B 217 -33.87 6.62 17.47
N ASP B 218 -34.18 5.90 18.55
CA ASP B 218 -34.71 6.48 19.81
C ASP B 218 -33.58 6.60 20.84
N HIS B 219 -32.33 6.33 20.45
CA HIS B 219 -31.13 6.47 21.32
C HIS B 219 -30.90 7.93 21.68
N ASP B 220 -30.32 8.15 22.85
CA ASP B 220 -30.03 9.49 23.39
C ASP B 220 -29.14 10.27 22.40
N LEU B 221 -28.29 9.59 21.65
CA LEU B 221 -27.47 10.18 20.56
C LEU B 221 -28.36 11.01 19.63
N SER B 222 -29.62 10.60 19.41
CA SER B 222 -30.58 11.31 18.53
C SER B 222 -30.73 12.77 18.96
N ARG B 223 -30.54 13.11 20.24
CA ARG B 223 -30.63 14.53 20.71
C ARG B 223 -29.60 15.36 19.95
N LEU B 224 -28.45 14.76 19.63
CA LEU B 224 -27.27 15.46 19.09
C LEU B 224 -27.22 15.29 17.56
N ARG B 225 -27.64 14.12 17.04
CA ARG B 225 -27.45 13.71 15.61
C ARG B 225 -28.79 13.46 14.90
N GLY B 226 -29.91 13.78 15.55
CA GLY B 226 -31.26 13.54 15.01
C GLY B 226 -31.57 12.05 14.98
N PRO B 227 -32.85 11.67 14.77
CA PRO B 227 -33.24 10.26 14.84
C PRO B 227 -32.89 9.45 13.57
N GLY B 228 -32.41 10.13 12.53
CA GLY B 228 -32.12 9.49 11.24
C GLY B 228 -32.66 10.29 10.07
N GLN B 229 -31.77 10.70 9.17
CA GLN B 229 -32.11 11.56 8.01
C GLN B 229 -30.93 11.66 7.02
N THR B 230 -31.25 12.01 5.77
CA THR B 230 -30.30 12.42 4.73
C THR B 230 -29.43 13.52 5.35
N VAL B 231 -28.10 13.49 5.13
CA VAL B 231 -27.18 14.55 5.62
C VAL B 231 -26.26 14.94 4.47
N VAL B 232 -25.68 16.13 4.53
CA VAL B 232 -24.60 16.59 3.61
C VAL B 232 -23.46 17.20 4.44
N GLN B 233 -22.21 16.83 4.12
CA GLN B 233 -20.99 17.55 4.57
C GLN B 233 -20.32 18.19 3.35
N SER B 234 -20.11 19.49 3.42
CA SER B 234 -19.47 20.28 2.38
C SER B 234 -18.09 20.67 2.89
N LEU B 235 -17.03 20.26 2.19
CA LEU B 235 -15.64 20.24 2.71
C LEU B 235 -14.71 20.89 1.71
N THR B 236 -13.52 21.25 2.15
CA THR B 236 -12.42 21.75 1.26
C THR B 236 -11.18 20.89 1.50
N TYR B 237 -10.73 20.18 0.45
CA TYR B 237 -9.49 19.40 0.43
C TYR B 237 -8.61 19.97 -0.67
N PRO B 238 -7.29 19.74 -0.65
CA PRO B 238 -6.44 20.15 -1.76
C PRO B 238 -6.84 19.36 -3.02
N ASP B 239 -6.71 19.99 -4.18
CA ASP B 239 -7.06 19.42 -5.52
C ASP B 239 -6.49 18.01 -5.72
N GLU B 240 -5.27 17.75 -5.26
CA GLU B 240 -4.48 16.52 -5.51
C GLU B 240 -5.14 15.28 -4.90
N VAL B 241 -6.03 15.46 -3.91
CA VAL B 241 -6.61 14.30 -3.17
C VAL B 241 -8.11 14.22 -3.47
N LEU B 242 -8.67 15.03 -4.37
CA LEU B 242 -10.15 15.01 -4.61
C LEU B 242 -10.56 13.61 -5.09
N TRP B 243 -9.67 12.90 -5.76
CA TRP B 243 -9.98 11.55 -6.29
C TRP B 243 -10.01 10.53 -5.14
N GLN B 244 -9.31 10.78 -4.02
CA GLN B 244 -9.22 9.78 -2.93
C GLN B 244 -10.55 9.79 -2.15
N ALA B 245 -11.66 9.36 -2.77
CA ALA B 245 -13.01 9.60 -2.25
C ALA B 245 -13.32 8.68 -1.06
N LYS B 246 -12.96 7.41 -1.12
CA LYS B 246 -13.18 6.46 0.00
C LYS B 246 -12.36 6.91 1.21
N PRO B 247 -11.04 7.11 1.10
CA PRO B 247 -10.29 7.64 2.23
C PRO B 247 -10.91 8.90 2.84
N ILE B 248 -11.47 9.79 2.01
CA ILE B 248 -12.05 11.06 2.54
C ILE B 248 -13.32 10.77 3.35
N LEU B 249 -14.22 9.95 2.82
CA LEU B 249 -15.42 9.44 3.53
C LEU B 249 -14.99 8.84 4.88
N PHE B 250 -14.01 7.95 4.90
CA PHE B 250 -13.61 7.24 6.15
C PHE B 250 -12.89 8.17 7.15
N GLN B 251 -12.27 9.25 6.67
CA GLN B 251 -11.70 10.28 7.56
C GLN B 251 -12.87 10.99 8.26
N GLN B 252 -13.90 11.36 7.51
CA GLN B 252 -15.10 12.05 8.02
C GLN B 252 -15.85 11.09 8.96
N LEU B 253 -16.00 9.82 8.60
CA LEU B 253 -16.66 8.83 9.48
C LEU B 253 -15.85 8.69 10.78
N LYS B 254 -14.51 8.54 10.70
CA LYS B 254 -13.61 8.39 11.87
C LYS B 254 -13.75 9.64 12.75
N ALA B 255 -13.78 10.83 12.18
CA ALA B 255 -13.93 12.09 12.94
C ALA B 255 -15.28 12.07 13.67
N GLY B 256 -16.36 11.65 12.98
CA GLY B 256 -17.73 11.55 13.54
C GLY B 256 -17.78 10.61 14.74
N ILE B 257 -16.90 9.62 14.78
CA ILE B 257 -16.87 8.60 15.86
C ILE B 257 -15.98 9.10 16.99
N ASP B 258 -14.90 9.79 16.69
CA ASP B 258 -14.07 10.47 17.73
C ASP B 258 -14.92 11.47 18.51
N TRP B 259 -15.67 12.31 17.81
CA TRP B 259 -16.58 13.37 18.33
C TRP B 259 -17.45 12.80 19.45
N LEU B 260 -17.76 11.49 19.40
CA LEU B 260 -18.64 10.82 20.37
C LEU B 260 -18.08 10.95 21.80
N VAL B 261 -16.78 10.75 21.97
CA VAL B 261 -16.16 10.66 23.33
C VAL B 261 -15.97 12.07 23.89
N GLU B 262 -16.27 13.10 23.09
CA GLU B 262 -16.07 14.52 23.51
C GLU B 262 -17.44 15.19 23.78
N ASN B 263 -18.56 14.47 23.68
CA ASN B 263 -19.90 15.10 23.69
C ASN B 263 -20.86 14.29 24.57
N LYS B 264 -21.78 15.00 25.21
CA LYS B 264 -22.65 14.51 26.31
C LYS B 264 -23.81 13.74 25.66
N TYR B 265 -23.81 12.41 25.81
CA TYR B 265 -25.02 11.59 25.53
C TYR B 265 -24.82 10.30 26.34
N ASP B 266 -25.92 9.59 26.55
CA ASP B 266 -25.95 8.37 27.42
C ASP B 266 -25.39 7.21 26.60
N VAL B 267 -24.41 6.51 27.15
CA VAL B 267 -23.61 5.49 26.42
C VAL B 267 -23.78 4.15 27.12
N ALA B 268 -24.83 4.03 27.91
CA ALA B 268 -25.14 2.79 28.66
C ALA B 268 -25.71 1.77 27.68
N ASP B 269 -26.50 2.22 26.70
CA ASP B 269 -27.06 1.30 25.67
C ASP B 269 -26.22 1.41 24.39
N PRO B 270 -25.92 0.29 23.70
CA PRO B 270 -25.27 0.38 22.40
C PRO B 270 -26.11 1.19 21.41
N PRO B 271 -25.54 2.21 20.72
CA PRO B 271 -26.28 2.88 19.65
C PRO B 271 -26.38 1.99 18.40
N PRO B 272 -27.33 2.25 17.48
CA PRO B 272 -27.35 1.56 16.18
C PRO B 272 -26.08 1.86 15.37
N PRO B 273 -25.40 0.84 14.81
CA PRO B 273 -24.26 1.06 13.92
C PRO B 273 -24.52 2.09 12.83
N TRP B 274 -25.70 2.08 12.22
CA TRP B 274 -25.95 3.03 11.11
C TRP B 274 -25.90 4.46 11.63
N GLN B 275 -26.36 4.71 12.86
CA GLN B 275 -26.44 6.09 13.40
C GLN B 275 -25.03 6.56 13.74
N VAL B 276 -24.20 5.64 14.18
CA VAL B 276 -22.80 5.91 14.62
C VAL B 276 -21.98 6.20 13.36
N TYR B 277 -22.40 5.63 12.22
CA TYR B 277 -21.76 5.81 10.89
C TYR B 277 -22.54 6.85 10.07
N LEU B 278 -23.45 7.62 10.68
CA LEU B 278 -24.20 8.68 9.96
C LEU B 278 -23.57 10.04 10.22
N LEU B 279 -22.98 10.65 9.19
CA LEU B 279 -22.22 11.90 9.34
C LEU B 279 -23.11 12.99 9.93
N ALA B 280 -22.50 13.91 10.67
CA ALA B 280 -23.16 15.15 11.16
C ALA B 280 -23.39 16.07 9.96
N ASN B 281 -24.58 16.65 9.88
CA ASN B 281 -24.99 17.55 8.79
C ASN B 281 -24.18 18.85 8.86
N LYS B 282 -23.45 19.21 7.80
CA LYS B 282 -22.60 20.44 7.75
C LYS B 282 -22.61 20.97 6.32
N PRO B 283 -23.78 21.25 5.73
CA PRO B 283 -23.85 21.72 4.35
C PRO B 283 -23.22 23.11 4.24
N GLY B 284 -22.71 23.43 3.04
CA GLY B 284 -22.18 24.76 2.74
C GLY B 284 -21.34 24.78 1.49
N SER B 285 -20.38 25.70 1.47
CA SER B 285 -19.42 25.92 0.38
C SER B 285 -18.31 24.87 0.51
N GLY B 286 -17.78 24.38 -0.61
CA GLY B 286 -16.70 23.38 -0.63
C GLY B 286 -16.43 22.83 -2.02
N ASN B 287 -15.31 22.11 -2.18
CA ASN B 287 -14.95 21.41 -3.43
C ASN B 287 -15.22 19.91 -3.24
N VAL B 288 -15.81 19.55 -2.11
CA VAL B 288 -16.18 18.13 -1.79
C VAL B 288 -17.50 18.21 -1.03
N HIS B 289 -18.51 17.52 -1.53
CA HIS B 289 -19.84 17.37 -0.89
C HIS B 289 -20.16 15.88 -0.84
N ILE B 290 -20.36 15.38 0.39
CA ILE B 290 -20.76 13.99 0.68
C ILE B 290 -22.24 14.08 1.01
N VAL B 291 -23.08 13.46 0.18
CA VAL B 291 -24.52 13.27 0.45
C VAL B 291 -24.67 11.83 0.92
N GLN B 292 -25.23 11.64 2.10
CA GLN B 292 -25.32 10.32 2.73
C GLN B 292 -26.78 10.05 3.11
N LYS B 293 -27.23 8.83 2.81
CA LYS B 293 -28.57 8.33 3.17
C LYS B 293 -28.37 6.94 3.74
N VAL B 294 -29.26 6.55 4.64
CA VAL B 294 -29.38 5.16 5.13
C VAL B 294 -30.80 4.73 4.78
N PHE B 295 -30.92 3.52 4.26
CA PHE B 295 -32.20 2.90 3.86
C PHE B 295 -32.31 1.61 4.62
N GLU B 296 -33.55 1.25 5.00
CA GLU B 296 -33.88 -0.10 5.50
C GLU B 296 -34.72 -0.78 4.42
N GLY B 297 -34.32 -1.99 4.02
CA GLY B 297 -34.88 -2.68 2.83
C GLY B 297 -34.59 -1.92 1.54
N ASP B 298 -35.48 -2.08 0.55
CA ASP B 298 -35.31 -1.59 -0.85
C ASP B 298 -35.29 -0.07 -0.84
N PHE B 299 -34.67 0.55 -1.84
CA PHE B 299 -34.54 2.03 -1.92
C PHE B 299 -34.36 2.44 -3.38
N GLU B 300 -34.60 3.72 -3.64
CA GLU B 300 -34.18 4.37 -4.89
C GLU B 300 -34.07 5.84 -4.59
N PHE B 301 -33.21 6.54 -5.32
CA PHE B 301 -33.21 8.02 -5.36
C PHE B 301 -32.68 8.40 -6.73
N ASP B 302 -32.85 9.65 -7.09
CA ASP B 302 -32.40 10.19 -8.38
C ASP B 302 -31.35 11.28 -8.11
N ILE B 303 -30.51 11.50 -9.11
CA ILE B 303 -29.64 12.68 -9.24
C ILE B 303 -30.04 13.45 -10.51
N LEU B 304 -30.22 14.75 -10.36
CA LEU B 304 -30.72 15.60 -11.46
C LEU B 304 -29.72 16.73 -11.67
N PHE B 305 -29.04 16.74 -12.82
CA PHE B 305 -28.09 17.79 -13.22
C PHE B 305 -28.75 18.65 -14.29
N SER B 306 -29.06 19.91 -13.95
CA SER B 306 -29.64 20.92 -14.85
C SER B 306 -28.57 21.94 -15.17
N SER B 307 -28.16 22.01 -16.44
CA SER B 307 -27.34 23.10 -16.99
C SER B 307 -28.22 24.35 -17.05
N GLU B 308 -27.80 25.47 -16.46
CA GLU B 308 -28.66 26.69 -16.39
C GLU B 308 -28.96 27.18 -17.82
N SER B 309 -27.95 27.21 -18.69
CA SER B 309 -28.04 27.73 -20.08
C SER B 309 -29.12 26.94 -20.88
N ALA B 310 -29.50 25.73 -20.44
CA ALA B 310 -30.57 24.93 -21.07
C ALA B 310 -31.97 25.52 -20.77
N GLY B 311 -32.07 26.45 -19.82
CA GLY B 311 -33.29 27.22 -19.49
C GLY B 311 -34.44 26.31 -19.12
N LYS B 312 -34.14 25.09 -18.65
CA LYS B 312 -35.13 24.04 -18.31
C LYS B 312 -34.49 23.07 -17.28
N GLU B 313 -35.08 23.03 -16.09
CA GLU B 313 -34.69 22.14 -14.98
C GLU B 313 -35.13 20.70 -15.29
N VAL B 314 -34.21 19.75 -15.19
CA VAL B 314 -34.48 18.29 -15.35
C VAL B 314 -35.23 17.84 -14.09
N THR B 315 -36.31 17.07 -14.28
CA THR B 315 -37.21 16.55 -13.22
C THR B 315 -37.09 15.04 -13.25
N SER B 316 -37.52 14.37 -12.21
CA SER B 316 -37.61 12.90 -12.21
C SER B 316 -38.50 12.39 -13.36
N LYS B 317 -39.61 13.07 -13.67
CA LYS B 317 -40.50 12.67 -14.80
C LYS B 317 -39.63 12.68 -16.07
N ASP B 318 -38.97 13.81 -16.38
CA ASP B 318 -37.97 13.95 -17.48
C ASP B 318 -37.06 12.70 -17.54
N LEU B 319 -36.40 12.35 -16.43
CA LEU B 319 -35.53 11.15 -16.31
C LEU B 319 -36.29 9.89 -16.72
N GLU B 320 -37.46 9.61 -16.16
CA GLU B 320 -38.21 8.35 -16.49
C GLU B 320 -38.51 8.28 -18.00
N ARG B 321 -38.98 9.39 -18.58
CA ARG B 321 -39.42 9.43 -20.00
C ARG B 321 -38.18 9.24 -20.89
N GLU B 322 -37.05 9.92 -20.59
CA GLU B 322 -35.82 9.86 -21.40
C GLU B 322 -35.21 8.45 -21.32
N VAL B 323 -35.23 7.80 -20.15
CA VAL B 323 -34.75 6.39 -20.01
C VAL B 323 -35.48 5.49 -21.05
N LYS B 324 -36.84 5.44 -21.02
CA LYS B 324 -37.66 4.54 -21.89
C LYS B 324 -37.41 4.88 -23.39
N GLN B 325 -37.31 6.18 -23.74
CA GLN B 325 -36.95 6.69 -25.10
C GLN B 325 -35.58 6.15 -25.53
N ALA B 326 -34.54 6.31 -24.69
CA ALA B 326 -33.17 5.82 -24.93
C ALA B 326 -33.18 4.29 -25.13
N THR B 327 -33.93 3.54 -24.32
CA THR B 327 -33.99 2.05 -24.41
C THR B 327 -34.60 1.62 -25.76
N GLU B 328 -35.70 2.25 -26.21
CA GLU B 328 -36.35 1.98 -27.53
C GLU B 328 -35.33 2.23 -28.66
N VAL B 329 -34.79 3.46 -28.72
CA VAL B 329 -33.76 3.88 -29.73
C VAL B 329 -32.57 2.88 -29.73
N PHE B 330 -32.08 2.47 -28.56
CA PHE B 330 -30.97 1.50 -28.45
C PHE B 330 -31.34 0.21 -29.22
N GLY B 331 -32.54 -0.33 -28.95
CA GLY B 331 -33.06 -1.59 -29.53
C GLY B 331 -33.02 -1.57 -31.05
N GLU B 332 -33.47 -0.48 -31.64
CA GLU B 332 -33.71 -0.35 -33.09
C GLU B 332 -32.36 -0.16 -33.76
N ARG B 333 -31.51 0.67 -33.14
CA ARG B 333 -30.14 0.95 -33.66
C ARG B 333 -29.34 -0.37 -33.68
N PHE B 334 -29.48 -1.20 -32.65
CA PHE B 334 -28.78 -2.49 -32.52
C PHE B 334 -29.26 -3.50 -33.56
N ALA B 335 -30.53 -3.43 -33.96
CA ALA B 335 -31.11 -4.30 -35.03
C ALA B 335 -30.50 -3.93 -36.39
N ARG B 336 -30.50 -2.63 -36.72
CA ARG B 336 -29.91 -2.05 -37.96
C ARG B 336 -28.38 -2.30 -37.99
N VAL B 337 -27.68 -2.24 -36.85
CA VAL B 337 -26.20 -2.10 -36.88
C VAL B 337 -25.54 -3.48 -36.71
N PHE B 338 -26.04 -4.31 -35.79
CA PHE B 338 -25.57 -5.71 -35.61
C PHE B 338 -26.77 -6.64 -35.86
N ASP B 339 -27.19 -6.79 -37.14
CA ASP B 339 -28.16 -7.82 -37.63
C ASP B 339 -27.45 -9.18 -37.56
N LEU B 340 -27.66 -9.90 -36.46
CA LEU B 340 -26.99 -11.20 -36.21
C LEU B 340 -27.39 -12.21 -37.29
N LYS B 341 -26.44 -12.91 -37.90
CA LYS B 341 -26.72 -13.85 -39.02
C LYS B 341 -26.71 -15.28 -38.45
N ALA B 342 -27.22 -16.24 -39.23
CA ALA B 342 -27.38 -17.67 -38.83
C ALA B 342 -26.02 -18.26 -38.45
N PRO B 343 -25.95 -19.14 -37.43
CA PRO B 343 -27.14 -19.57 -36.67
C PRO B 343 -27.35 -18.83 -35.33
N PHE B 344 -27.12 -17.51 -35.31
CA PHE B 344 -27.23 -16.70 -34.07
C PHE B 344 -28.35 -15.65 -34.25
N GLN B 345 -29.37 -16.00 -35.05
CA GLN B 345 -30.57 -15.14 -35.30
C GLN B 345 -31.45 -15.17 -34.03
N GLY B 346 -31.24 -16.16 -33.15
CA GLY B 346 -32.01 -16.35 -31.91
C GLY B 346 -31.95 -15.15 -30.97
N ASP B 347 -32.91 -15.09 -30.02
CA ASP B 347 -33.06 -14.03 -28.99
C ASP B 347 -31.91 -14.17 -27.97
N ASN B 348 -31.55 -15.40 -27.59
CA ASN B 348 -30.50 -15.73 -26.59
C ASN B 348 -29.17 -15.09 -27.05
N TYR B 349 -28.94 -15.07 -28.36
CA TYR B 349 -27.76 -14.51 -29.06
C TYR B 349 -27.88 -12.99 -29.19
N LYS B 350 -29.07 -12.43 -29.40
CA LYS B 350 -29.29 -10.96 -29.38
C LYS B 350 -28.96 -10.43 -27.96
N LYS B 351 -29.37 -11.14 -26.90
CA LYS B 351 -29.23 -10.65 -25.51
C LYS B 351 -27.73 -10.62 -25.19
N PHE B 352 -27.01 -11.66 -25.66
CA PHE B 352 -25.55 -11.84 -25.49
C PHE B 352 -24.84 -10.73 -26.25
N GLY B 353 -25.23 -10.50 -27.50
CA GLY B 353 -24.65 -9.45 -28.36
C GLY B 353 -24.81 -8.08 -27.74
N LYS B 354 -25.97 -7.81 -27.14
CA LYS B 354 -26.30 -6.48 -26.59
C LYS B 354 -25.43 -6.25 -25.35
N SER B 355 -25.20 -7.33 -24.62
CA SER B 355 -24.41 -7.29 -23.37
C SER B 355 -22.92 -7.08 -23.73
N MET B 356 -22.44 -7.78 -24.74
CA MET B 356 -21.00 -7.78 -25.08
C MET B 356 -20.70 -6.38 -25.62
N PHE B 357 -21.62 -5.83 -26.39
CA PHE B 357 -21.36 -4.54 -27.05
C PHE B 357 -21.51 -3.42 -26.02
N SER B 358 -22.54 -3.51 -25.18
CA SER B 358 -22.88 -2.47 -24.18
C SER B 358 -21.72 -2.35 -23.20
N ASN B 359 -21.14 -3.46 -22.80
CA ASN B 359 -20.00 -3.48 -21.87
C ASN B 359 -18.81 -2.79 -22.55
N LEU B 360 -18.62 -3.06 -23.85
CA LEU B 360 -17.47 -2.51 -24.61
C LEU B 360 -17.65 -1.00 -24.67
N ILE B 361 -18.75 -0.50 -25.22
CA ILE B 361 -18.87 0.97 -25.44
C ILE B 361 -19.12 1.67 -24.09
N GLY B 362 -19.60 0.93 -23.10
CA GLY B 362 -19.89 1.45 -21.75
C GLY B 362 -18.60 1.71 -20.97
N GLY B 363 -17.48 1.09 -21.38
CA GLY B 363 -16.20 1.25 -20.67
C GLY B 363 -15.56 2.61 -20.99
N ILE B 364 -16.14 3.39 -21.93
CA ILE B 364 -15.48 4.63 -22.38
C ILE B 364 -15.17 5.49 -21.15
N GLY B 365 -13.92 5.87 -20.99
CA GLY B 365 -13.48 6.77 -19.91
C GLY B 365 -12.91 8.05 -20.46
N TYR B 366 -12.95 9.10 -19.65
CA TYR B 366 -12.16 10.32 -19.84
C TYR B 366 -11.10 10.39 -18.76
N PHE B 367 -9.85 10.46 -19.21
CA PHE B 367 -8.66 10.36 -18.36
C PHE B 367 -7.81 11.61 -18.53
N TYR B 368 -7.35 12.18 -17.42
CA TYR B 368 -6.62 13.47 -17.43
C TYR B 368 -5.52 13.45 -16.39
N GLY B 369 -4.33 13.90 -16.79
CA GLY B 369 -3.19 14.19 -15.89
C GLY B 369 -1.86 13.84 -16.51
N HIS B 370 -0.85 13.68 -15.67
CA HIS B 370 0.54 13.54 -16.13
C HIS B 370 0.81 12.07 -16.37
N SER B 371 1.74 11.79 -17.27
CA SER B 371 2.23 10.46 -17.68
C SER B 371 3.68 10.35 -17.19
N LEU B 372 4.16 9.14 -16.93
CA LEU B 372 5.55 8.91 -16.46
C LEU B 372 6.36 8.39 -17.64
N VAL B 373 7.26 9.22 -18.15
CA VAL B 373 8.09 8.88 -19.36
C VAL B 373 9.58 9.00 -19.04
N ASP B 374 10.35 8.03 -19.52
CA ASP B 374 11.83 8.07 -19.54
C ASP B 374 12.27 8.76 -20.83
N ARG B 375 12.59 10.04 -20.74
CA ARG B 375 13.04 10.89 -21.86
C ARG B 375 14.58 10.95 -21.97
N SER B 376 15.32 9.99 -21.43
CA SER B 376 16.81 9.97 -21.48
C SER B 376 17.32 9.69 -22.91
N TYR B 377 16.61 8.86 -23.67
CA TYR B 377 17.04 8.33 -24.99
C TYR B 377 18.45 7.76 -24.81
N ALA B 378 18.62 7.01 -23.74
CA ALA B 378 19.88 6.35 -23.38
C ALA B 378 20.35 5.51 -24.57
N PRO B 379 21.66 5.53 -24.91
CA PRO B 379 22.20 4.69 -26.00
C PRO B 379 21.92 3.21 -25.78
N GLU B 380 21.79 2.81 -24.52
CA GLU B 380 21.40 1.41 -24.19
C GLU B 380 20.07 1.07 -24.88
N TYR B 381 19.17 2.04 -25.07
CA TYR B 381 17.80 1.79 -25.60
C TYR B 381 17.87 1.45 -27.12
N ASP B 382 18.97 1.79 -27.80
CA ASP B 382 19.25 1.49 -29.23
C ASP B 382 19.44 -0.02 -29.41
N GLU B 383 19.79 -0.76 -28.35
CA GLU B 383 19.90 -2.24 -28.38
C GLU B 383 20.81 -2.68 -29.54
N GLU B 384 21.95 -2.02 -29.73
CA GLU B 384 22.92 -2.34 -30.83
C GLU B 384 23.69 -3.63 -30.54
N ASN B 385 23.94 -4.01 -29.27
CA ASN B 385 24.85 -5.15 -29.01
C ASN B 385 24.11 -6.32 -28.38
N GLU B 386 24.74 -7.49 -28.43
CA GLU B 386 24.31 -8.75 -27.80
C GLU B 386 24.11 -8.48 -26.30
N GLY B 387 23.26 -9.29 -25.66
CA GLY B 387 22.78 -9.06 -24.28
C GLY B 387 22.34 -7.61 -24.05
N PHE B 388 21.71 -6.97 -25.05
CA PHE B 388 21.17 -5.58 -25.00
C PHE B 388 20.24 -5.38 -23.79
N TRP B 389 19.55 -6.44 -23.35
CA TRP B 389 18.52 -6.32 -22.27
C TRP B 389 19.18 -5.94 -20.94
N GLU B 390 20.33 -6.54 -20.63
CA GLU B 390 21.21 -6.14 -19.49
C GLU B 390 21.52 -4.63 -19.58
N ASP B 391 21.92 -4.13 -20.74
CA ASP B 391 22.33 -2.71 -20.89
C ASP B 391 21.11 -1.85 -20.54
N ALA B 392 19.94 -2.29 -21.00
CA ALA B 392 18.68 -1.54 -20.88
C ALA B 392 18.23 -1.55 -19.41
N ALA B 393 18.36 -2.67 -18.69
CA ALA B 393 18.13 -2.75 -17.23
C ALA B 393 18.97 -1.71 -16.47
N GLU B 394 20.24 -1.53 -16.88
CA GLU B 394 21.18 -0.55 -16.28
C GLU B 394 20.68 0.87 -16.52
N ALA B 395 20.20 1.17 -17.74
CA ALA B 395 19.76 2.52 -18.09
C ALA B 395 18.50 2.87 -17.28
N ARG B 396 17.63 1.88 -17.08
CA ARG B 396 16.39 2.03 -16.26
C ARG B 396 16.78 2.30 -14.81
N ALA B 397 17.88 1.71 -14.30
CA ALA B 397 18.34 1.89 -12.91
C ALA B 397 18.97 3.27 -12.73
N ARG B 398 19.13 4.05 -13.79
CA ARG B 398 19.60 5.45 -13.66
C ARG B 398 18.40 6.37 -13.38
N HIS B 399 17.18 5.80 -13.41
CA HIS B 399 15.92 6.47 -12.99
C HIS B 399 15.83 7.91 -13.49
N GLN B 400 15.90 8.11 -14.80
CA GLN B 400 15.73 9.45 -15.46
C GLN B 400 14.24 9.77 -15.68
N GLU B 401 13.33 8.79 -15.55
CA GLU B 401 11.88 9.05 -15.87
C GLU B 401 11.33 10.21 -15.01
N ALA B 402 10.56 11.09 -15.62
CA ALA B 402 9.83 12.19 -14.93
C ALA B 402 8.37 12.23 -15.42
N LEU B 403 7.48 12.77 -14.57
CA LEU B 403 6.07 13.05 -14.92
C LEU B 403 6.07 14.18 -15.95
N GLU B 404 5.21 14.07 -16.95
CA GLU B 404 5.07 15.09 -18.03
C GLU B 404 3.62 15.15 -18.51
N GLY B 405 3.27 16.22 -19.19
CA GLY B 405 1.89 16.55 -19.55
C GLY B 405 1.49 17.87 -18.94
N PRO B 406 0.23 18.05 -18.46
CA PRO B 406 -0.75 16.96 -18.40
C PRO B 406 -1.37 16.62 -19.76
N TYR B 407 -1.93 15.42 -19.89
CA TYR B 407 -2.55 14.84 -21.12
C TYR B 407 -4.01 14.50 -20.83
N GLU B 408 -4.81 14.40 -21.87
CA GLU B 408 -6.19 13.88 -21.74
C GLU B 408 -6.35 12.70 -22.69
N LEU B 409 -7.27 11.78 -22.39
CA LEU B 409 -7.54 10.63 -23.27
C LEU B 409 -8.99 10.19 -23.06
N PHE B 410 -9.74 10.21 -24.17
CA PHE B 410 -11.11 9.69 -24.32
C PHE B 410 -11.01 8.37 -25.09
N THR B 411 -11.20 7.23 -24.42
CA THR B 411 -10.92 5.90 -24.99
C THR B 411 -11.79 4.87 -24.27
N SER B 412 -12.02 3.73 -24.90
CA SER B 412 -12.51 2.53 -24.25
C SER B 412 -11.30 1.82 -23.67
N ILE B 413 -11.55 0.76 -22.92
CA ILE B 413 -10.60 0.10 -22.00
C ILE B 413 -10.81 -1.40 -22.14
N PRO B 414 -9.80 -2.19 -21.81
CA PRO B 414 -9.98 -3.63 -21.74
C PRO B 414 -10.77 -4.15 -20.54
N SER B 415 -10.56 -3.59 -19.35
CA SER B 415 -11.08 -4.17 -18.07
C SER B 415 -11.42 -3.08 -17.04
N ARG B 416 -12.69 -2.97 -16.64
CA ARG B 416 -13.06 -2.03 -15.54
C ARG B 416 -12.29 -2.41 -14.26
N PRO B 417 -12.40 -3.65 -13.75
CA PRO B 417 -11.80 -4.01 -12.49
C PRO B 417 -10.27 -4.04 -12.54
N PHE B 418 -9.66 -4.48 -13.64
CA PHE B 418 -8.23 -4.94 -13.62
C PHE B 418 -7.30 -3.96 -14.34
N PHE B 419 -7.76 -3.21 -15.33
CA PHE B 419 -6.87 -2.24 -16.02
C PHE B 419 -7.74 -1.22 -16.75
N PRO B 420 -8.36 -0.28 -15.99
CA PRO B 420 -9.28 0.70 -16.58
C PRO B 420 -8.57 1.89 -17.25
N ARG B 421 -7.91 1.64 -18.38
CA ARG B 421 -7.10 2.71 -19.05
C ARG B 421 -6.83 2.34 -20.52
N GLY B 422 -6.23 3.26 -21.27
CA GLY B 422 -6.02 3.11 -22.71
C GLY B 422 -4.84 2.20 -22.96
N PHE B 423 -5.03 1.17 -23.79
CA PHE B 423 -3.97 0.30 -24.38
C PHE B 423 -3.99 0.48 -25.91
N LEU B 424 -2.83 0.80 -26.51
CA LEU B 424 -2.74 1.34 -27.88
C LEU B 424 -3.30 0.30 -28.88
N TRP B 425 -2.93 -0.97 -28.80
CA TRP B 425 -3.38 -1.96 -29.82
C TRP B 425 -4.75 -2.55 -29.45
N ASP B 426 -5.11 -2.65 -28.15
CA ASP B 426 -6.48 -3.09 -27.74
C ASP B 426 -7.49 -2.15 -28.43
N GLU B 427 -7.18 -0.86 -28.52
CA GLU B 427 -8.18 0.18 -28.92
C GLU B 427 -8.55 0.10 -30.41
N GLY B 428 -7.62 -0.34 -31.29
CA GLY B 428 -7.92 -0.70 -32.68
C GLY B 428 -9.04 -1.74 -32.76
N PHE B 429 -8.98 -2.77 -31.93
CA PHE B 429 -10.02 -3.82 -31.84
C PHE B 429 -11.29 -3.22 -31.23
N HIS B 430 -11.19 -2.56 -30.07
CA HIS B 430 -12.34 -1.96 -29.33
C HIS B 430 -13.18 -1.19 -30.31
N LEU B 431 -12.55 -0.40 -31.18
CA LEU B 431 -13.27 0.61 -32.01
C LEU B 431 -13.87 -0.01 -33.28
N LEU B 432 -13.65 -1.29 -33.58
CA LEU B 432 -14.24 -1.91 -34.80
C LEU B 432 -15.76 -2.01 -34.62
N PRO B 433 -16.28 -2.63 -33.51
CA PRO B 433 -17.72 -2.58 -33.19
C PRO B 433 -18.19 -1.15 -32.90
N ILE B 434 -17.38 -0.35 -32.21
CA ILE B 434 -17.80 1.02 -31.84
C ILE B 434 -17.98 1.80 -33.16
N ALA B 435 -17.09 1.64 -34.12
CA ALA B 435 -17.13 2.43 -35.38
C ALA B 435 -18.42 2.13 -36.17
N ASP B 436 -18.85 0.86 -36.20
CA ASP B 436 -20.16 0.45 -36.80
C ASP B 436 -21.30 1.25 -36.13
N TRP B 437 -21.33 1.23 -34.79
CA TRP B 437 -22.36 1.94 -34.00
C TRP B 437 -22.35 3.43 -34.30
N ASP B 438 -21.18 4.05 -34.40
CA ASP B 438 -21.06 5.52 -34.26
C ASP B 438 -19.67 5.91 -34.78
N ILE B 439 -19.56 6.21 -36.08
CA ILE B 439 -18.22 6.38 -36.71
C ILE B 439 -17.63 7.65 -36.09
N ASP B 440 -18.46 8.65 -35.85
CA ASP B 440 -18.03 9.99 -35.34
C ASP B 440 -17.44 9.84 -33.90
N LEU B 441 -18.01 8.96 -33.08
CA LEU B 441 -17.44 8.58 -31.75
C LEU B 441 -16.07 7.95 -31.97
N ALA B 442 -15.95 7.02 -32.92
CA ALA B 442 -14.69 6.28 -33.15
C ALA B 442 -13.62 7.28 -33.61
N LEU B 443 -14.00 8.21 -34.49
CA LEU B 443 -13.02 9.20 -35.02
C LEU B 443 -12.56 10.14 -33.88
N GLU B 444 -13.44 10.45 -32.92
CA GLU B 444 -13.08 11.28 -31.75
C GLU B 444 -12.06 10.55 -30.88
N ILE B 445 -12.24 9.26 -30.66
CA ILE B 445 -11.31 8.44 -29.82
C ILE B 445 -9.95 8.33 -30.52
N ILE B 446 -9.94 8.13 -31.83
CA ILE B 446 -8.68 8.07 -32.63
C ILE B 446 -8.03 9.44 -32.57
N LYS B 447 -8.78 10.50 -32.68
CA LYS B 447 -8.22 11.87 -32.62
C LYS B 447 -7.57 12.08 -31.24
N SER B 448 -8.21 11.57 -30.18
CA SER B 448 -7.71 11.66 -28.79
C SER B 448 -6.35 10.97 -28.73
N TRP B 449 -6.28 9.71 -29.15
CA TRP B 449 -5.03 8.92 -29.12
C TRP B 449 -3.92 9.66 -29.88
N TYR B 450 -4.16 10.04 -31.13
CA TYR B 450 -3.11 10.62 -32.01
C TYR B 450 -2.73 12.01 -31.47
N ASN B 451 -3.59 12.65 -30.69
CA ASN B 451 -3.24 13.88 -29.96
C ASN B 451 -2.16 13.64 -28.88
N LEU B 452 -1.90 12.39 -28.48
CA LEU B 452 -0.84 12.09 -27.49
C LEU B 452 0.50 11.91 -28.19
N MET B 453 0.52 11.92 -29.53
CA MET B 453 1.75 11.56 -30.27
C MET B 453 2.79 12.67 -30.09
N ASP B 454 4.02 12.32 -29.72
CA ASP B 454 5.12 13.32 -29.56
C ASP B 454 5.67 13.67 -30.97
N GLU B 455 6.72 14.50 -31.01
CA GLU B 455 7.18 15.17 -32.24
C GLU B 455 7.92 14.15 -33.12
N ASP B 456 8.28 12.99 -32.56
CA ASP B 456 8.98 11.87 -33.27
C ASP B 456 7.98 10.84 -33.82
N GLY B 457 6.71 10.87 -33.38
CA GLY B 457 5.69 9.88 -33.77
C GLY B 457 5.56 8.71 -32.83
N TRP B 458 5.85 8.92 -31.55
CA TRP B 458 5.65 7.89 -30.49
C TRP B 458 4.37 8.20 -29.74
N ILE B 459 3.56 7.16 -29.55
CA ILE B 459 2.42 7.11 -28.61
C ILE B 459 2.73 5.99 -27.65
N ALA B 460 2.71 6.28 -26.36
CA ALA B 460 3.02 5.27 -25.32
C ALA B 460 1.97 4.16 -25.42
N ARG B 461 2.38 2.91 -25.26
CA ARG B 461 1.44 1.78 -25.45
C ARG B 461 0.40 1.76 -24.33
N GLU B 462 0.69 2.39 -23.18
CA GLU B 462 -0.13 2.27 -21.95
C GLU B 462 -0.29 3.67 -21.40
N GLN B 463 -1.51 4.19 -21.44
CA GLN B 463 -1.81 5.60 -21.06
C GLN B 463 -2.38 5.62 -19.63
N ILE B 464 -1.49 5.96 -18.70
CA ILE B 464 -1.75 6.03 -17.23
C ILE B 464 -1.76 7.51 -16.92
N LEU B 465 -2.92 8.15 -17.00
CA LEU B 465 -3.03 9.62 -16.92
C LEU B 465 -3.57 10.02 -15.53
N GLY B 466 -2.72 10.61 -14.68
CA GLY B 466 -3.08 11.23 -13.39
C GLY B 466 -2.96 10.28 -12.22
N ALA B 467 -2.97 10.79 -10.98
CA ALA B 467 -2.68 10.01 -9.76
C ALA B 467 -3.81 9.00 -9.55
N GLU B 468 -5.06 9.34 -9.91
CA GLU B 468 -6.17 8.35 -9.80
C GLU B 468 -5.80 7.09 -10.60
N ALA B 469 -5.46 7.23 -11.89
CA ALA B 469 -5.07 6.11 -12.78
C ALA B 469 -3.88 5.32 -12.19
N ARG B 470 -2.84 6.04 -11.76
CA ARG B 470 -1.55 5.49 -11.22
C ARG B 470 -1.79 4.62 -9.96
N SER B 471 -2.81 4.92 -9.17
CA SER B 471 -3.09 4.18 -7.91
C SER B 471 -3.31 2.69 -8.22
N LYS B 472 -3.79 2.36 -9.40
CA LYS B 472 -4.15 0.96 -9.77
C LYS B 472 -2.90 0.23 -10.29
N VAL B 473 -1.79 0.93 -10.53
CA VAL B 473 -0.66 0.43 -11.38
C VAL B 473 0.61 0.33 -10.53
N PRO B 474 1.10 -0.90 -10.31
CA PRO B 474 2.39 -1.12 -9.65
C PRO B 474 3.47 -0.27 -10.33
N LYS B 475 4.35 0.30 -9.51
CA LYS B 475 5.36 1.29 -9.95
C LYS B 475 6.13 0.75 -11.16
N GLU B 476 6.56 -0.51 -11.11
CA GLU B 476 7.46 -1.11 -12.13
C GLU B 476 6.85 -1.00 -13.51
N PHE B 477 5.51 -0.86 -13.62
CA PHE B 477 4.81 -0.78 -14.93
C PHE B 477 4.44 0.64 -15.29
N GLN B 478 4.77 1.66 -14.50
CA GLN B 478 4.20 3.01 -14.72
C GLN B 478 5.01 3.70 -15.82
N THR B 479 6.30 3.42 -15.92
CA THR B 479 7.21 4.21 -16.80
C THR B 479 6.97 3.82 -18.27
N GLN B 480 6.86 4.81 -19.15
CA GLN B 480 6.69 4.58 -20.60
C GLN B 480 8.03 4.91 -21.30
N TYR B 481 8.43 4.09 -22.28
CA TYR B 481 9.72 4.20 -23.02
C TYR B 481 9.45 4.61 -24.47
N PRO B 482 9.99 5.76 -24.91
CA PRO B 482 9.82 6.24 -26.27
C PRO B 482 10.36 5.32 -27.38
N HIS B 483 11.00 4.22 -27.04
CA HIS B 483 11.46 3.23 -28.05
C HIS B 483 10.48 2.05 -28.07
N TYR B 484 9.44 2.05 -27.23
CA TYR B 484 8.49 0.92 -27.08
C TYR B 484 7.28 1.16 -28.00
N ALA B 485 7.16 0.32 -29.01
CA ALA B 485 6.07 0.36 -30.01
C ALA B 485 4.91 -0.52 -29.53
N ASN B 486 3.83 -0.54 -30.32
CA ASN B 486 2.67 -1.44 -30.10
C ASN B 486 2.00 -1.63 -31.45
N PRO B 487 1.31 -2.78 -31.72
CA PRO B 487 0.61 -2.94 -33.00
C PRO B 487 -0.28 -1.77 -33.39
N PRO B 488 -0.07 -1.24 -34.60
CA PRO B 488 -0.84 -0.08 -35.08
C PRO B 488 -2.25 -0.45 -35.60
N THR B 489 -2.97 -1.17 -34.75
CA THR B 489 -4.32 -1.70 -35.03
C THR B 489 -5.28 -0.56 -35.29
N LEU B 490 -5.00 0.66 -34.80
CA LEU B 490 -5.96 1.77 -35.06
C LEU B 490 -6.10 2.01 -36.59
N PHE B 491 -5.09 1.62 -37.38
CA PHE B 491 -5.10 1.77 -38.86
C PHE B 491 -6.28 0.95 -39.42
N LEU B 492 -6.60 -0.19 -38.79
CA LEU B 492 -7.71 -1.10 -39.17
C LEU B 492 -9.05 -0.36 -39.07
N VAL B 493 -9.23 0.47 -38.04
CA VAL B 493 -10.48 1.28 -37.91
C VAL B 493 -10.47 2.26 -39.08
N LEU B 494 -9.30 2.83 -39.38
CA LEU B 494 -9.22 3.85 -40.46
C LEU B 494 -9.53 3.19 -41.80
N ASP B 495 -9.14 1.92 -42.01
CA ASP B 495 -9.40 1.17 -43.25
C ASP B 495 -10.92 1.05 -43.44
N ASN B 496 -11.64 0.61 -42.39
CA ASN B 496 -13.12 0.50 -42.38
C ASN B 496 -13.73 1.89 -42.64
N PHE B 497 -13.16 2.96 -42.08
CA PHE B 497 -13.69 4.32 -42.32
C PHE B 497 -13.47 4.71 -43.79
N VAL B 498 -12.28 4.43 -44.31
CA VAL B 498 -11.88 4.76 -45.72
C VAL B 498 -12.85 4.06 -46.69
N GLU B 499 -13.06 2.73 -46.56
CA GLU B 499 -14.05 1.92 -47.32
C GLU B 499 -15.40 2.67 -47.31
N ARG B 500 -15.88 3.02 -46.13
CA ARG B 500 -17.20 3.69 -45.93
C ARG B 500 -17.27 5.05 -46.63
N LEU B 501 -16.19 5.84 -46.58
CA LEU B 501 -16.11 7.18 -47.27
C LEU B 501 -16.19 7.00 -48.79
N ARG B 502 -15.52 5.96 -49.31
CA ARG B 502 -15.47 5.65 -50.76
C ARG B 502 -16.86 5.13 -51.17
N LYS B 503 -17.47 4.22 -50.38
CA LYS B 503 -18.83 3.65 -50.68
C LYS B 503 -19.90 4.76 -50.59
N ASN B 504 -19.68 5.88 -49.90
CA ASN B 504 -20.59 7.06 -49.99
C ASN B 504 -20.33 7.78 -51.33
N ASN B 505 -19.07 7.84 -51.78
CA ASN B 505 -18.61 8.38 -53.10
C ASN B 505 -18.28 9.88 -52.95
N ALA B 506 -17.27 10.36 -53.70
CA ALA B 506 -16.87 11.80 -53.88
C ALA B 506 -15.44 11.87 -54.45
N THR B 520 -28.32 12.72 -37.87
CA THR B 520 -27.80 12.25 -36.55
C THR B 520 -26.32 12.66 -36.45
N LEU B 521 -25.79 12.85 -35.24
CA LEU B 521 -24.41 13.37 -35.07
C LEU B 521 -23.37 12.27 -35.30
N SER B 522 -23.83 11.03 -35.29
CA SER B 522 -23.06 9.76 -35.36
C SER B 522 -22.39 9.55 -36.72
N THR B 523 -22.91 10.12 -37.80
CA THR B 523 -22.45 9.82 -39.18
C THR B 523 -22.15 11.14 -39.91
N ALA B 524 -22.06 12.27 -39.22
CA ALA B 524 -21.85 13.58 -39.88
C ALA B 524 -20.61 13.52 -40.79
N SER B 525 -19.66 12.62 -40.46
CA SER B 525 -18.32 12.49 -41.08
C SER B 525 -18.43 11.77 -42.42
N VAL B 526 -19.50 10.99 -42.63
CA VAL B 526 -19.73 10.22 -43.89
C VAL B 526 -20.90 10.85 -44.67
N ASP B 527 -21.88 11.45 -43.98
CA ASP B 527 -23.10 12.01 -44.59
C ASP B 527 -22.78 13.28 -45.38
N ASN B 528 -21.72 14.00 -44.99
CA ASN B 528 -21.03 14.97 -45.87
C ASN B 528 -19.59 14.50 -46.03
N PRO B 529 -19.23 13.80 -47.14
CA PRO B 529 -17.93 13.13 -47.22
C PRO B 529 -16.76 14.13 -47.24
N GLU B 530 -17.03 15.38 -47.61
CA GLU B 530 -16.03 16.48 -47.56
C GLU B 530 -15.57 16.65 -46.10
N VAL B 531 -16.41 16.29 -45.13
CA VAL B 531 -16.10 16.41 -43.67
C VAL B 531 -15.14 15.29 -43.27
N GLY B 532 -15.47 14.04 -43.59
CA GLY B 532 -14.60 12.88 -43.37
C GLY B 532 -13.23 13.07 -44.00
N LEU B 533 -13.21 13.70 -45.18
CA LEU B 533 -11.96 13.89 -45.96
C LEU B 533 -11.09 14.97 -45.29
N GLU B 534 -11.68 16.02 -44.70
CA GLU B 534 -10.92 17.07 -43.99
C GLU B 534 -10.37 16.48 -42.68
N TYR B 535 -11.13 15.60 -42.03
CA TYR B 535 -10.62 14.80 -40.89
C TYR B 535 -9.37 14.03 -41.31
N LEU B 536 -9.45 13.24 -42.39
CA LEU B 536 -8.30 12.39 -42.83
C LEU B 536 -7.14 13.32 -43.17
N ARG B 537 -7.44 14.45 -43.81
CA ARG B 537 -6.42 15.45 -44.23
C ARG B 537 -5.64 15.89 -43.00
N ARG B 538 -6.33 16.16 -41.89
CA ARG B 538 -5.67 16.68 -40.64
C ARG B 538 -4.96 15.52 -39.93
N LEU B 539 -5.46 14.28 -40.04
CA LEU B 539 -4.83 13.15 -39.32
C LEU B 539 -3.62 12.58 -40.12
N TYR B 540 -3.61 12.68 -41.46
CA TYR B 540 -2.67 11.97 -42.35
C TYR B 540 -1.22 12.26 -41.98
N PRO B 541 -0.77 13.51 -41.72
CA PRO B 541 0.62 13.71 -41.32
C PRO B 541 1.00 12.85 -40.10
N LEU B 542 0.12 12.72 -39.10
CA LEU B 542 0.48 12.04 -37.83
C LEU B 542 0.62 10.56 -38.12
N LEU B 543 -0.24 10.06 -38.99
CA LEU B 543 -0.15 8.67 -39.54
C LEU B 543 1.23 8.50 -40.20
N ARG B 544 1.66 9.48 -40.99
CA ARG B 544 2.90 9.33 -41.79
C ARG B 544 4.05 9.36 -40.77
N ARG B 545 3.94 10.27 -39.80
CA ARG B 545 4.97 10.45 -38.74
C ARG B 545 5.11 9.14 -37.99
N GLN B 546 4.00 8.49 -37.65
CA GLN B 546 4.10 7.21 -36.91
C GLN B 546 4.73 6.15 -37.80
N PHE B 547 4.41 6.13 -39.09
CA PHE B 547 4.97 5.15 -40.05
C PHE B 547 6.49 5.35 -40.10
N ASP B 548 6.92 6.57 -40.35
CA ASP B 548 8.37 6.96 -40.34
C ASP B 548 8.99 6.45 -39.05
N TRP B 549 8.36 6.74 -37.90
CA TRP B 549 8.83 6.39 -36.54
C TRP B 549 9.05 4.87 -36.45
N PHE B 550 8.11 4.06 -36.93
CA PHE B 550 8.30 2.57 -36.86
C PHE B 550 9.56 2.23 -37.67
N ARG B 551 9.73 2.85 -38.84
CA ARG B 551 10.78 2.47 -39.83
C ARG B 551 12.17 2.90 -39.31
N LYS B 552 12.26 4.02 -38.62
CA LYS B 552 13.50 4.51 -37.93
C LYS B 552 13.83 3.65 -36.68
N THR B 553 12.90 3.54 -35.72
CA THR B 553 13.15 3.04 -34.34
C THR B 553 13.01 1.53 -34.27
N GLN B 554 12.29 0.86 -35.19
CA GLN B 554 12.15 -0.62 -35.09
C GLN B 554 12.84 -1.30 -36.29
N ALA B 555 13.79 -0.61 -36.94
CA ALA B 555 14.59 -1.13 -38.07
C ALA B 555 15.24 -2.44 -37.64
N GLY B 556 15.08 -3.49 -38.42
CA GLY B 556 15.88 -4.74 -38.32
C GLY B 556 17.17 -4.56 -39.10
N ASP B 557 18.09 -5.50 -39.02
CA ASP B 557 19.44 -5.38 -39.65
C ASP B 557 19.63 -6.54 -40.64
N ILE B 558 19.67 -6.19 -41.94
CA ILE B 558 20.05 -7.10 -43.06
C ILE B 558 21.54 -6.85 -43.43
N LYS B 559 21.94 -5.60 -43.68
CA LYS B 559 23.27 -5.20 -44.27
C LYS B 559 24.46 -5.86 -43.53
N SER B 560 24.49 -5.88 -42.19
CA SER B 560 25.73 -6.22 -41.43
C SER B 560 25.82 -7.73 -41.13
N TYR B 561 25.01 -8.57 -41.79
CA TYR B 561 25.05 -10.04 -41.63
C TYR B 561 25.07 -10.79 -42.98
N ASP B 562 25.23 -12.12 -42.93
CA ASP B 562 25.20 -13.03 -44.11
C ASP B 562 23.74 -13.16 -44.56
N ARG B 563 23.17 -12.09 -45.12
CA ARG B 563 21.69 -11.98 -45.25
C ARG B 563 21.32 -11.62 -46.69
N GLU B 564 20.68 -12.59 -47.37
CA GLU B 564 20.21 -12.46 -48.76
C GLU B 564 18.71 -12.16 -48.72
N ALA B 565 18.32 -11.04 -49.33
CA ALA B 565 16.90 -10.62 -49.44
C ALA B 565 16.73 -9.69 -50.64
N TYR B 566 15.57 -9.77 -51.28
CA TYR B 566 15.09 -8.86 -52.36
C TYR B 566 15.39 -7.40 -52.03
N SER B 567 15.05 -6.94 -50.83
CA SER B 567 15.27 -5.53 -50.40
C SER B 567 16.24 -5.53 -49.21
N THR B 568 17.02 -4.47 -49.06
CA THR B 568 18.00 -4.29 -47.96
C THR B 568 17.37 -3.43 -46.84
N LYS B 569 16.29 -2.70 -47.14
CA LYS B 569 15.65 -1.69 -46.24
C LYS B 569 14.58 -2.37 -45.36
N GLU B 570 13.86 -3.39 -45.87
CA GLU B 570 12.57 -3.86 -45.25
C GLU B 570 12.83 -5.02 -44.30
N ALA B 571 13.09 -4.70 -43.04
CA ALA B 571 13.29 -5.71 -41.98
C ALA B 571 13.12 -5.02 -40.62
N TYR B 572 12.53 -5.70 -39.65
CA TYR B 572 11.99 -5.02 -38.44
C TYR B 572 12.22 -5.86 -37.21
N ARG B 573 12.58 -5.19 -36.10
CA ARG B 573 12.81 -5.85 -34.78
C ARG B 573 12.11 -5.05 -33.67
N TRP B 574 11.22 -5.69 -32.92
CA TRP B 574 10.56 -5.08 -31.75
C TRP B 574 11.64 -4.69 -30.75
N ARG B 575 11.84 -3.40 -30.52
CA ARG B 575 12.56 -2.95 -29.30
C ARG B 575 11.88 -3.44 -28.01
N GLY B 576 12.68 -3.72 -26.97
CA GLY B 576 12.26 -3.74 -25.56
C GLY B 576 11.98 -5.15 -25.14
N ARG B 577 12.61 -6.09 -25.80
CA ARG B 577 12.40 -7.50 -25.51
C ARG B 577 13.37 -7.84 -24.35
N THR B 578 12.95 -8.79 -23.51
CA THR B 578 13.73 -9.40 -22.41
C THR B 578 13.85 -10.86 -22.76
N VAL B 579 14.64 -11.60 -21.99
CA VAL B 579 14.85 -13.05 -22.22
C VAL B 579 13.47 -13.71 -22.27
N SER B 580 12.59 -13.31 -21.37
CA SER B 580 11.31 -14.01 -21.08
C SER B 580 10.18 -13.55 -22.07
N HIS B 581 10.25 -12.34 -22.60
CA HIS B 581 9.05 -11.66 -23.16
C HIS B 581 9.36 -10.77 -24.39
N CYS B 582 8.30 -10.45 -25.12
CA CYS B 582 8.25 -9.30 -26.05
C CYS B 582 6.94 -8.52 -25.77
N LEU B 583 6.94 -7.64 -24.76
CA LEU B 583 5.78 -6.85 -24.24
C LEU B 583 5.19 -6.00 -25.37
N THR B 584 6.07 -5.37 -26.14
CA THR B 584 5.70 -4.35 -27.15
C THR B 584 4.89 -5.01 -28.27
N SER B 585 5.16 -6.30 -28.56
CA SER B 585 4.47 -7.07 -29.62
C SER B 585 2.99 -7.29 -29.24
N GLY B 586 2.66 -7.23 -27.94
CA GLY B 586 1.31 -7.49 -27.39
C GLY B 586 1.06 -8.95 -27.14
N LEU B 587 1.89 -9.83 -27.67
CA LEU B 587 1.82 -11.28 -27.37
C LEU B 587 2.97 -11.62 -26.41
N ASP B 588 2.84 -11.22 -25.15
CA ASP B 588 3.96 -11.07 -24.17
C ASP B 588 4.88 -12.30 -24.15
N ASP B 589 4.36 -13.52 -23.93
CA ASP B 589 5.27 -14.70 -23.73
C ASP B 589 5.23 -15.66 -24.94
N TYR B 590 4.84 -15.18 -26.12
CA TYR B 590 4.94 -16.01 -27.32
C TYR B 590 6.43 -16.30 -27.48
N PRO B 591 6.82 -17.57 -27.71
CA PRO B 591 8.22 -17.93 -27.88
C PRO B 591 8.84 -17.24 -29.08
N ARG B 592 10.00 -16.65 -28.82
CA ARG B 592 10.85 -15.89 -29.76
C ARG B 592 12.24 -16.53 -29.80
N PRO B 593 13.15 -16.02 -30.65
CA PRO B 593 14.51 -16.51 -30.67
C PRO B 593 15.20 -16.41 -29.29
N GLN B 594 15.79 -17.52 -28.84
CA GLN B 594 16.65 -17.59 -27.64
C GLN B 594 18.10 -17.70 -28.09
N PRO B 595 18.99 -16.80 -27.65
CA PRO B 595 18.61 -15.68 -26.79
C PRO B 595 18.03 -14.56 -27.63
N PRO B 596 17.58 -13.46 -27.03
CA PRO B 596 17.36 -12.23 -27.77
C PRO B 596 18.69 -11.79 -28.39
N HIS B 597 18.64 -10.98 -29.45
CA HIS B 597 19.80 -10.66 -30.32
C HIS B 597 19.43 -9.46 -31.17
N PRO B 598 20.35 -8.50 -31.37
CA PRO B 598 20.10 -7.35 -32.25
C PRO B 598 19.92 -7.75 -33.73
N GLY B 599 20.08 -9.04 -34.02
CA GLY B 599 19.88 -9.61 -35.37
C GLY B 599 18.56 -10.33 -35.48
N GLU B 600 17.72 -10.29 -34.44
CA GLU B 600 16.33 -10.80 -34.51
C GLU B 600 15.55 -10.05 -35.61
N LEU B 601 14.64 -10.77 -36.24
CA LEU B 601 13.63 -10.19 -37.17
C LEU B 601 12.29 -10.80 -36.79
N HIS B 602 11.29 -9.95 -36.59
CA HIS B 602 9.96 -10.40 -36.09
C HIS B 602 8.94 -10.22 -37.22
N VAL B 603 8.33 -11.33 -37.64
CA VAL B 603 7.49 -11.36 -38.88
C VAL B 603 6.18 -10.61 -38.59
N ASP B 604 5.69 -10.70 -37.34
CA ASP B 604 4.48 -9.97 -36.90
C ASP B 604 4.67 -8.47 -37.13
N LEU B 605 5.86 -7.92 -36.85
CA LEU B 605 6.05 -6.46 -36.92
C LEU B 605 6.21 -6.04 -38.39
N MET B 606 6.94 -6.82 -39.19
CA MET B 606 6.96 -6.55 -40.65
C MET B 606 5.50 -6.50 -41.13
N SER B 607 4.69 -7.52 -40.81
CA SER B 607 3.26 -7.55 -41.24
C SER B 607 2.53 -6.23 -40.81
N TRP B 608 2.78 -5.71 -39.60
CA TRP B 608 2.13 -4.46 -39.12
C TRP B 608 2.58 -3.29 -39.99
N VAL B 609 3.84 -3.23 -40.41
CA VAL B 609 4.29 -2.14 -41.34
C VAL B 609 3.58 -2.30 -42.68
N GLY B 610 3.36 -3.54 -43.11
CA GLY B 610 2.50 -3.89 -44.25
C GLY B 610 1.12 -3.26 -44.12
N VAL B 611 0.50 -3.43 -42.95
CA VAL B 611 -0.86 -2.86 -42.66
C VAL B 611 -0.78 -1.35 -42.87
N MET B 612 0.19 -0.71 -42.22
CA MET B 612 0.28 0.76 -42.22
C MET B 612 0.45 1.28 -43.66
N VAL B 613 1.36 0.69 -44.43
CA VAL B 613 1.66 1.24 -45.78
C VAL B 613 0.40 1.03 -46.66
N LYS B 614 -0.33 -0.08 -46.53
CA LYS B 614 -1.62 -0.23 -47.29
C LYS B 614 -2.61 0.87 -46.88
N SER B 615 -2.71 1.21 -45.59
CA SER B 615 -3.62 2.28 -45.09
C SER B 615 -3.25 3.62 -45.70
N LEU B 616 -1.93 3.91 -45.82
CA LEU B 616 -1.44 5.23 -46.27
C LEU B 616 -1.58 5.35 -47.79
N ILE B 617 -1.48 4.23 -48.51
CA ILE B 617 -1.80 4.17 -49.97
C ILE B 617 -3.25 4.64 -50.17
N SER B 618 -4.23 4.00 -49.51
CA SER B 618 -5.67 4.38 -49.60
C SER B 618 -5.89 5.85 -49.21
N ILE B 619 -5.37 6.27 -48.04
CA ILE B 619 -5.67 7.64 -47.50
C ILE B 619 -4.93 8.66 -48.39
N GLY B 620 -3.63 8.42 -48.64
CA GLY B 620 -2.78 9.27 -49.49
C GLY B 620 -3.46 9.49 -50.84
N SER B 621 -3.95 8.41 -51.45
CA SER B 621 -4.59 8.48 -52.78
C SER B 621 -5.87 9.31 -52.66
N LEU B 622 -6.63 9.15 -51.57
CA LEU B 622 -7.86 9.95 -51.34
C LEU B 622 -7.52 11.45 -51.26
N LEU B 623 -6.44 11.79 -50.61
CA LEU B 623 -6.01 13.20 -50.39
C LEU B 623 -5.19 13.70 -51.59
N GLY B 624 -4.83 12.80 -52.50
CA GLY B 624 -4.01 13.13 -53.68
C GLY B 624 -2.57 13.46 -53.33
N ALA B 625 -1.99 12.80 -52.33
CA ALA B 625 -0.53 12.82 -52.02
C ALA B 625 0.23 11.89 -52.99
N THR B 626 0.32 12.31 -54.26
CA THR B 626 0.88 11.48 -55.38
C THR B 626 2.37 11.30 -55.12
N GLU B 627 3.04 12.36 -54.70
CA GLU B 627 4.44 12.33 -54.20
C GLU B 627 4.63 11.15 -53.23
N ASP B 628 3.75 10.99 -52.22
CA ASP B 628 3.85 9.92 -51.18
C ASP B 628 3.50 8.52 -51.76
N VAL B 629 2.44 8.39 -52.58
CA VAL B 629 1.92 7.07 -53.08
C VAL B 629 3.09 6.29 -53.75
N GLU B 630 3.99 6.98 -54.43
CA GLU B 630 5.17 6.35 -55.08
C GLU B 630 5.98 5.57 -54.04
N PHE B 631 6.36 6.22 -52.95
CA PHE B 631 7.25 5.66 -51.90
C PHE B 631 6.56 4.45 -51.24
N TYR B 632 5.28 4.60 -50.91
CA TYR B 632 4.49 3.56 -50.20
C TYR B 632 4.49 2.28 -51.04
N THR B 633 4.27 2.48 -52.35
CA THR B 633 4.20 1.42 -53.38
C THR B 633 5.51 0.62 -53.42
N LYS B 634 6.68 1.28 -53.30
CA LYS B 634 8.00 0.59 -53.25
C LYS B 634 8.14 -0.18 -51.93
N VAL B 635 7.70 0.41 -50.81
CA VAL B 635 7.81 -0.24 -49.46
C VAL B 635 6.98 -1.53 -49.53
N LEU B 636 5.74 -1.39 -50.00
CA LEU B 636 4.75 -2.50 -49.95
C LEU B 636 5.32 -3.67 -50.76
N ASP B 637 5.80 -3.38 -51.98
CA ASP B 637 6.47 -4.39 -52.84
C ASP B 637 7.65 -5.02 -52.09
N ALA B 638 8.51 -4.22 -51.45
CA ALA B 638 9.70 -4.74 -50.72
C ALA B 638 9.28 -5.66 -49.57
N ILE B 639 8.17 -5.35 -48.92
CA ILE B 639 7.76 -6.14 -47.73
C ILE B 639 7.26 -7.49 -48.23
N GLU B 640 6.40 -7.48 -49.25
CA GLU B 640 5.82 -8.74 -49.80
C GLU B 640 6.94 -9.72 -50.15
N HIS B 641 8.03 -9.22 -50.74
CA HIS B 641 9.18 -10.07 -51.14
C HIS B 641 9.95 -10.50 -49.88
N ASN B 642 10.27 -9.56 -48.99
CA ASN B 642 11.15 -9.79 -47.80
C ASN B 642 10.46 -10.70 -46.79
N LEU B 643 9.14 -10.68 -46.73
CA LEU B 643 8.36 -11.66 -45.93
C LEU B 643 8.76 -13.07 -46.34
N ASP B 644 8.86 -13.31 -47.65
CA ASP B 644 9.25 -14.64 -48.19
C ASP B 644 10.75 -14.84 -47.92
N ASP B 645 11.60 -13.88 -48.30
CA ASP B 645 13.07 -14.07 -48.24
C ASP B 645 13.53 -14.27 -46.78
N LEU B 646 13.00 -13.51 -45.80
CA LEU B 646 13.54 -13.50 -44.40
C LEU B 646 12.76 -14.44 -43.48
N HIS B 647 11.49 -14.75 -43.78
CA HIS B 647 10.56 -15.31 -42.77
C HIS B 647 9.82 -16.57 -43.23
N TRP B 648 9.67 -16.80 -44.53
CA TRP B 648 8.99 -18.03 -45.05
C TRP B 648 9.92 -19.25 -44.88
N SER B 649 9.40 -20.35 -44.33
CA SER B 649 10.10 -21.63 -44.08
C SER B 649 9.44 -22.74 -44.89
N GLU B 650 10.12 -23.25 -45.92
CA GLU B 650 9.54 -24.29 -46.83
C GLU B 650 9.44 -25.59 -46.02
N LYS B 651 10.46 -25.89 -45.21
CA LYS B 651 10.48 -27.08 -44.31
C LYS B 651 9.16 -27.15 -43.54
N GLU B 652 8.75 -26.07 -42.87
CA GLU B 652 7.77 -26.08 -41.75
C GLU B 652 6.37 -25.69 -42.24
N GLY B 653 6.26 -24.93 -43.33
CA GLY B 653 4.98 -24.65 -44.01
C GLY B 653 4.26 -23.43 -43.43
N CYS B 654 5.03 -22.46 -42.98
CA CYS B 654 4.56 -21.28 -42.21
C CYS B 654 5.65 -20.22 -42.19
N TYR B 655 5.29 -19.02 -41.75
CA TYR B 655 6.25 -17.91 -41.53
C TYR B 655 6.89 -18.11 -40.16
N CYS B 656 8.09 -17.56 -39.99
CA CYS B 656 8.93 -17.72 -38.77
C CYS B 656 9.70 -16.42 -38.48
N ASP B 657 9.90 -16.12 -37.19
CA ASP B 657 10.89 -15.10 -36.78
C ASP B 657 12.28 -15.60 -37.24
N ALA B 658 13.27 -14.70 -37.30
CA ALA B 658 14.69 -15.02 -37.60
C ALA B 658 15.63 -14.40 -36.54
N THR B 659 16.82 -15.02 -36.35
CA THR B 659 17.98 -14.46 -35.59
C THR B 659 19.27 -14.49 -36.41
N ILE B 660 20.38 -14.14 -35.76
CA ILE B 660 21.76 -14.62 -36.03
C ILE B 660 22.13 -15.64 -34.93
N ASP B 661 22.58 -16.84 -35.31
CA ASP B 661 22.71 -18.00 -34.36
C ASP B 661 24.16 -18.11 -33.83
N GLU B 662 24.42 -19.11 -32.97
CA GLU B 662 25.74 -19.45 -32.37
C GLU B 662 26.88 -19.20 -33.39
N PHE B 663 26.68 -19.62 -34.64
CA PHE B 663 27.71 -19.64 -35.73
C PHE B 663 27.65 -18.35 -36.57
N GLU B 664 26.78 -17.39 -36.26
CA GLU B 664 26.59 -16.12 -37.02
C GLU B 664 25.79 -16.33 -38.32
N GLU B 665 25.02 -17.42 -38.42
CA GLU B 665 24.19 -17.80 -39.61
C GLU B 665 22.75 -17.27 -39.41
N HIS B 666 22.16 -16.65 -40.44
CA HIS B 666 20.70 -16.37 -40.52
C HIS B 666 19.97 -17.71 -40.29
N LYS B 667 19.18 -17.75 -39.22
CA LYS B 667 18.40 -18.97 -38.85
C LYS B 667 16.95 -18.50 -38.68
N LEU B 668 16.05 -19.43 -38.93
CA LEU B 668 14.60 -19.24 -38.74
C LEU B 668 14.28 -19.91 -37.42
N VAL B 669 13.44 -19.26 -36.64
CA VAL B 669 12.96 -19.80 -35.33
C VAL B 669 11.45 -19.96 -35.47
N CYS B 670 11.03 -21.19 -35.77
CA CYS B 670 9.65 -21.56 -36.16
C CYS B 670 8.95 -22.17 -34.94
N HIS B 671 8.05 -21.40 -34.34
CA HIS B 671 7.11 -21.84 -33.29
C HIS B 671 5.71 -21.68 -33.86
N LYS B 672 5.12 -22.79 -34.28
CA LYS B 672 3.88 -22.81 -35.05
C LYS B 672 2.78 -22.32 -34.09
N GLY B 673 2.27 -21.11 -34.34
CA GLY B 673 1.25 -20.43 -33.54
C GLY B 673 0.73 -19.18 -34.23
N TYR B 674 0.21 -18.23 -33.45
CA TYR B 674 -0.41 -17.00 -34.00
C TYR B 674 0.62 -16.32 -34.89
N ILE B 675 1.88 -16.23 -34.45
CA ILE B 675 2.91 -15.40 -35.15
C ILE B 675 3.18 -15.99 -36.54
N SER B 676 3.13 -17.32 -36.66
CA SER B 676 3.35 -18.06 -37.92
C SER B 676 2.31 -17.67 -39.00
N LEU B 677 1.16 -17.12 -38.62
CA LEU B 677 0.05 -16.79 -39.55
C LEU B 677 0.06 -15.31 -39.93
N PHE B 678 1.01 -14.51 -39.44
CA PHE B 678 0.74 -13.07 -39.36
C PHE B 678 0.44 -12.45 -40.72
N PRO B 679 1.21 -12.74 -41.79
CA PRO B 679 0.94 -12.09 -43.08
C PRO B 679 -0.48 -12.42 -43.58
N PHE B 680 -1.00 -13.60 -43.21
CA PHE B 680 -2.40 -13.98 -43.47
C PHE B 680 -3.32 -13.11 -42.60
N LEU B 681 -3.10 -13.07 -41.30
CA LEU B 681 -3.98 -12.36 -40.32
C LEU B 681 -4.07 -10.88 -40.70
N THR B 682 -3.02 -10.31 -41.31
CA THR B 682 -2.93 -8.84 -41.60
C THR B 682 -3.40 -8.53 -43.01
N GLY B 683 -3.82 -9.55 -43.77
CA GLY B 683 -4.39 -9.40 -45.12
C GLY B 683 -3.35 -9.04 -46.16
N LEU B 684 -2.13 -9.58 -46.08
CA LEU B 684 -1.02 -9.21 -47.00
C LEU B 684 -0.85 -10.26 -48.11
N LEU B 685 -1.46 -11.44 -48.01
CA LEU B 685 -1.35 -12.51 -49.05
C LEU B 685 -2.44 -12.39 -50.13
N LYS B 686 -2.06 -12.58 -51.39
CA LYS B 686 -3.00 -12.64 -52.54
C LYS B 686 -3.95 -13.82 -52.32
N PRO B 687 -5.20 -13.73 -52.80
CA PRO B 687 -6.21 -14.79 -52.62
C PRO B 687 -5.78 -16.21 -53.04
N ASP B 688 -4.93 -16.33 -54.06
CA ASP B 688 -4.45 -17.62 -54.62
C ASP B 688 -2.97 -17.89 -54.24
N SER B 689 -2.41 -17.22 -53.23
CA SER B 689 -1.00 -17.41 -52.82
C SER B 689 -0.78 -18.88 -52.47
N PRO B 690 0.27 -19.49 -53.03
CA PRO B 690 0.66 -20.84 -52.63
C PRO B 690 0.92 -20.92 -51.12
N LYS B 691 1.38 -19.81 -50.52
CA LYS B 691 1.78 -19.81 -49.08
C LYS B 691 0.52 -19.74 -48.22
N LEU B 692 -0.49 -18.98 -48.66
CA LEU B 692 -1.80 -18.86 -47.96
C LEU B 692 -2.37 -20.26 -47.73
N GLY B 693 -2.35 -21.10 -48.77
CA GLY B 693 -2.96 -22.45 -48.73
C GLY B 693 -2.33 -23.32 -47.67
N LYS B 694 -1.01 -23.21 -47.49
CA LYS B 694 -0.23 -23.92 -46.42
C LYS B 694 -0.67 -23.39 -45.05
N LEU B 695 -0.77 -22.07 -44.92
CA LEU B 695 -1.21 -21.46 -43.65
C LEU B 695 -2.62 -21.97 -43.33
N LEU B 696 -3.47 -22.11 -44.34
CA LEU B 696 -4.85 -22.63 -44.14
C LEU B 696 -4.80 -24.06 -43.60
N ALA B 697 -3.83 -24.88 -44.01
CA ALA B 697 -3.72 -26.28 -43.55
C ALA B 697 -3.25 -26.29 -42.09
N LEU B 698 -2.38 -25.35 -41.70
CA LEU B 698 -1.88 -25.26 -40.29
C LEU B 698 -3.04 -24.77 -39.42
N ILE B 699 -3.80 -23.79 -39.92
CA ILE B 699 -5.01 -23.24 -39.25
C ILE B 699 -5.96 -24.39 -38.97
N GLY B 700 -6.25 -25.19 -39.99
CA GLY B 700 -7.26 -26.28 -39.94
C GLY B 700 -6.83 -27.52 -39.18
N ASP B 701 -5.54 -27.62 -38.80
CA ASP B 701 -4.94 -28.87 -38.30
C ASP B 701 -5.22 -29.01 -36.80
N GLU B 702 -6.12 -29.93 -36.44
CA GLU B 702 -6.48 -30.36 -35.06
C GLU B 702 -5.22 -30.61 -34.23
N SER B 703 -4.15 -31.14 -34.82
CA SER B 703 -2.93 -31.53 -34.06
C SER B 703 -2.11 -30.29 -33.72
N GLU B 704 -2.29 -29.18 -34.45
CA GLU B 704 -1.46 -27.96 -34.27
C GLU B 704 -2.32 -26.86 -33.60
N LEU B 705 -2.90 -25.97 -34.39
CA LEU B 705 -3.54 -24.71 -33.90
C LEU B 705 -5.04 -24.89 -33.65
N TRP B 706 -5.69 -25.92 -34.22
CA TRP B 706 -7.17 -25.96 -34.31
C TRP B 706 -7.77 -26.72 -33.12
N SER B 707 -8.52 -26.01 -32.26
CA SER B 707 -9.25 -26.58 -31.11
C SER B 707 -10.75 -26.60 -31.41
N PRO B 708 -11.54 -27.35 -30.62
CA PRO B 708 -13.00 -27.20 -30.67
C PRO B 708 -13.47 -25.79 -30.26
N TYR B 709 -12.57 -24.97 -29.70
CA TYR B 709 -12.92 -23.68 -29.09
C TYR B 709 -12.27 -22.49 -29.82
N GLY B 710 -11.60 -22.74 -30.95
CA GLY B 710 -10.96 -21.71 -31.78
C GLY B 710 -9.49 -22.00 -31.98
N LEU B 711 -8.77 -21.14 -32.71
CA LEU B 711 -7.31 -21.25 -32.91
C LEU B 711 -6.56 -21.05 -31.57
N ARG B 712 -5.74 -22.04 -31.17
CA ARG B 712 -4.77 -21.97 -30.05
C ARG B 712 -3.67 -20.97 -30.41
N SER B 713 -3.21 -20.20 -29.43
CA SER B 713 -2.13 -19.19 -29.61
C SER B 713 -0.85 -19.88 -30.09
N LEU B 714 -0.57 -21.09 -29.57
CA LEU B 714 0.62 -21.92 -29.87
C LEU B 714 0.20 -23.38 -30.11
N SER B 715 0.87 -24.07 -31.05
CA SER B 715 0.57 -25.46 -31.50
C SER B 715 0.78 -26.46 -30.35
N LYS B 716 -0.11 -27.46 -30.21
CA LYS B 716 0.07 -28.59 -29.26
C LYS B 716 1.48 -29.20 -29.41
N LYS B 717 2.03 -29.19 -30.63
CA LYS B 717 3.29 -29.88 -30.98
C LYS B 717 4.50 -29.07 -30.54
N ASP B 718 4.37 -27.75 -30.38
CA ASP B 718 5.52 -26.87 -30.02
C ASP B 718 6.03 -27.22 -28.62
N GLU B 719 7.34 -27.12 -28.42
CA GLU B 719 8.02 -27.46 -27.14
C GLU B 719 7.57 -26.53 -26.00
N PHE B 720 7.04 -25.35 -26.28
CA PHE B 720 6.74 -24.35 -25.23
C PHE B 720 5.25 -24.37 -24.86
N TYR B 721 4.45 -25.18 -25.56
CA TYR B 721 2.99 -25.33 -25.33
C TYR B 721 2.71 -25.54 -23.85
N GLY B 722 2.01 -24.57 -23.26
CA GLY B 722 1.45 -24.65 -21.89
C GLY B 722 2.48 -24.34 -20.82
N THR B 723 3.70 -23.93 -21.19
CA THR B 723 4.83 -23.70 -20.25
C THR B 723 4.75 -22.29 -19.61
N ALA B 724 5.48 -22.13 -18.51
CA ALA B 724 5.71 -20.84 -17.80
C ALA B 724 4.35 -20.21 -17.49
N GLU B 725 4.13 -18.94 -17.82
CA GLU B 725 2.84 -18.25 -17.52
C GLU B 725 1.76 -18.73 -18.49
N ASN B 726 2.11 -19.40 -19.61
CA ASN B 726 1.11 -20.04 -20.52
C ASN B 726 0.00 -19.03 -20.89
N TYR B 727 0.42 -17.86 -21.35
CA TYR B 727 -0.47 -16.71 -21.60
C TYR B 727 -0.79 -16.72 -23.11
N TRP B 728 0.23 -16.60 -23.96
CA TRP B 728 0.11 -16.83 -25.43
C TRP B 728 0.79 -18.14 -25.82
N ARG B 729 0.82 -19.15 -24.94
CA ARG B 729 1.55 -20.41 -25.22
C ARG B 729 0.58 -21.59 -25.37
N SER B 730 -0.69 -21.35 -25.72
CA SER B 730 -1.74 -22.39 -25.92
C SER B 730 -3.14 -21.78 -26.01
N PRO B 731 -3.53 -20.85 -25.10
CA PRO B 731 -4.94 -20.47 -24.98
C PRO B 731 -5.51 -19.73 -26.19
N VAL B 732 -6.84 -19.76 -26.32
CA VAL B 732 -7.59 -19.11 -27.43
C VAL B 732 -7.85 -17.64 -27.09
N TRP B 733 -7.46 -16.75 -28.01
CA TRP B 733 -7.66 -15.29 -27.88
C TRP B 733 -8.60 -14.78 -28.98
N ILE B 734 -9.56 -13.93 -28.64
CA ILE B 734 -10.64 -13.51 -29.57
C ILE B 734 -10.14 -12.47 -30.56
N ASN B 735 -9.16 -11.62 -30.21
CA ASN B 735 -8.66 -10.57 -31.14
C ASN B 735 -7.96 -11.23 -32.35
N ILE B 736 -7.12 -12.23 -32.14
CA ILE B 736 -6.42 -12.86 -33.29
C ILE B 736 -7.40 -13.72 -34.09
N ASN B 737 -8.23 -14.49 -33.38
CA ASN B 737 -9.28 -15.34 -33.98
C ASN B 737 -10.19 -14.44 -34.83
N TYR B 738 -10.50 -13.25 -34.35
CA TYR B 738 -11.27 -12.27 -35.14
C TYR B 738 -10.55 -11.97 -36.47
N LEU B 739 -9.24 -11.75 -36.45
CA LEU B 739 -8.48 -11.39 -37.69
C LEU B 739 -8.51 -12.57 -38.66
N ALA B 740 -8.31 -13.79 -38.17
CA ALA B 740 -8.37 -15.04 -38.92
C ALA B 740 -9.74 -15.12 -39.62
N ILE B 741 -10.81 -14.86 -38.88
CA ILE B 741 -12.20 -15.04 -39.39
C ILE B 741 -12.43 -14.05 -40.52
N VAL B 742 -11.99 -12.81 -40.34
CA VAL B 742 -12.26 -11.73 -41.33
C VAL B 742 -11.50 -12.08 -42.62
N GLN B 743 -10.28 -12.60 -42.49
CA GLN B 743 -9.42 -12.89 -43.67
C GLN B 743 -9.97 -14.18 -44.32
N LEU B 744 -10.38 -15.19 -43.56
CA LEU B 744 -11.03 -16.42 -44.10
C LEU B 744 -12.26 -16.03 -44.94
N TYR B 745 -13.14 -15.18 -44.41
CA TYR B 745 -14.31 -14.62 -45.12
C TYR B 745 -13.91 -13.96 -46.44
N ASN B 746 -12.82 -13.19 -46.47
CA ASN B 746 -12.35 -12.48 -47.70
C ASN B 746 -11.94 -13.49 -48.80
N ILE B 747 -11.31 -14.64 -48.45
CA ILE B 747 -10.90 -15.70 -49.41
C ILE B 747 -12.17 -16.45 -49.85
N ALA B 748 -13.12 -16.68 -48.93
CA ALA B 748 -14.35 -17.48 -49.15
C ALA B 748 -15.33 -16.78 -50.10
N THR B 749 -15.06 -15.53 -50.49
CA THR B 749 -16.02 -14.66 -51.20
C THR B 749 -15.35 -14.00 -52.40
N GLN B 750 -14.22 -14.55 -52.87
CA GLN B 750 -13.68 -14.23 -54.23
C GLN B 750 -13.16 -15.50 -54.90
N ASP B 751 -12.83 -15.37 -56.19
CA ASP B 751 -12.39 -16.50 -57.05
C ASP B 751 -11.02 -16.94 -56.58
N GLY B 752 -10.80 -18.24 -56.47
CA GLY B 752 -9.48 -18.83 -56.21
C GLY B 752 -9.57 -20.27 -55.74
N PRO B 753 -8.42 -20.98 -55.79
CA PRO B 753 -8.37 -22.39 -55.42
C PRO B 753 -8.78 -22.70 -53.97
N TYR B 754 -8.71 -21.70 -53.07
CA TYR B 754 -8.89 -21.91 -51.61
C TYR B 754 -10.28 -21.46 -51.16
N LYS B 755 -11.09 -20.93 -52.09
CA LYS B 755 -12.46 -20.40 -51.83
C LYS B 755 -13.20 -21.34 -50.88
N GLU B 756 -13.25 -22.66 -51.14
CA GLU B 756 -14.08 -23.63 -50.37
C GLU B 756 -13.32 -24.02 -49.10
N THR B 757 -12.00 -24.07 -49.16
CA THR B 757 -11.15 -24.33 -47.96
C THR B 757 -11.43 -23.20 -46.94
N ALA B 758 -11.46 -21.96 -47.42
CA ALA B 758 -11.81 -20.74 -46.66
C ALA B 758 -13.25 -20.83 -46.13
N ARG B 759 -14.27 -20.94 -47.01
CA ARG B 759 -15.70 -21.03 -46.62
C ARG B 759 -15.83 -21.99 -45.43
N ASP B 760 -15.25 -23.19 -45.56
CA ASP B 760 -15.47 -24.28 -44.58
C ASP B 760 -14.82 -23.83 -43.25
N LEU B 761 -13.59 -23.30 -43.32
CA LEU B 761 -12.87 -22.85 -42.09
C LEU B 761 -13.59 -21.60 -41.52
N TYR B 762 -13.99 -20.64 -42.37
CA TYR B 762 -14.76 -19.45 -41.90
C TYR B 762 -15.94 -19.93 -41.04
N THR B 763 -16.79 -20.76 -41.62
CA THR B 763 -18.06 -21.28 -41.01
C THR B 763 -17.75 -21.93 -39.65
N ARG B 764 -16.84 -22.92 -39.61
CA ARG B 764 -16.56 -23.75 -38.41
C ARG B 764 -15.90 -22.87 -37.32
N LEU B 765 -15.01 -21.94 -37.71
CA LEU B 765 -14.24 -21.09 -36.74
C LEU B 765 -15.21 -20.08 -36.09
N ARG B 766 -15.99 -19.38 -36.90
CA ARG B 766 -17.08 -18.47 -36.46
C ARG B 766 -17.94 -19.20 -35.41
N LYS B 767 -18.52 -20.37 -35.75
CA LYS B 767 -19.34 -21.20 -34.84
C LYS B 767 -18.53 -21.51 -33.58
N ASN B 768 -17.33 -22.07 -33.71
CA ASN B 768 -16.51 -22.45 -32.53
C ASN B 768 -16.29 -21.24 -31.60
N ILE B 769 -16.02 -20.04 -32.14
CA ILE B 769 -15.58 -18.84 -31.39
C ILE B 769 -16.81 -18.23 -30.70
N VAL B 770 -17.90 -18.05 -31.43
CA VAL B 770 -19.15 -17.52 -30.85
C VAL B 770 -19.60 -18.47 -29.73
N GLU B 771 -19.63 -19.75 -30.01
CA GLU B 771 -20.07 -20.74 -29.01
C GLU B 771 -19.25 -20.60 -27.72
N THR B 772 -17.92 -20.51 -27.80
CA THR B 772 -17.13 -20.61 -26.54
C THR B 772 -17.36 -19.36 -25.68
N VAL B 773 -17.41 -18.17 -26.29
CA VAL B 773 -17.65 -16.88 -25.58
C VAL B 773 -19.09 -16.91 -25.04
N TYR B 774 -20.06 -17.26 -25.89
CA TYR B 774 -21.50 -17.30 -25.53
C TYR B 774 -21.74 -18.24 -24.34
N ARG B 775 -21.24 -19.46 -24.40
CA ARG B 775 -21.53 -20.48 -23.34
C ARG B 775 -20.88 -20.04 -22.04
N ASN B 776 -19.66 -19.47 -22.09
CA ASN B 776 -19.00 -18.92 -20.88
C ASN B 776 -19.81 -17.73 -20.34
N TRP B 777 -20.40 -16.92 -21.21
CA TRP B 777 -21.25 -15.77 -20.81
C TRP B 777 -22.52 -16.26 -20.13
N GLU B 778 -23.22 -17.26 -20.69
CA GLU B 778 -24.46 -17.82 -20.09
C GLU B 778 -24.08 -18.41 -18.73
N GLU B 779 -22.98 -19.14 -18.66
CA GLU B 779 -22.54 -19.87 -17.43
C GLU B 779 -22.01 -18.89 -16.36
N THR B 780 -21.23 -17.86 -16.73
CA THR B 780 -20.50 -17.01 -15.75
C THR B 780 -21.04 -15.57 -15.69
N GLY B 781 -21.63 -15.02 -16.76
CA GLY B 781 -21.96 -13.59 -16.86
C GLY B 781 -20.84 -12.75 -17.45
N PHE B 782 -19.64 -13.32 -17.64
CA PHE B 782 -18.42 -12.60 -18.05
C PHE B 782 -17.99 -12.92 -19.49
N ALA B 783 -17.54 -11.89 -20.17
CA ALA B 783 -16.50 -11.95 -21.23
C ALA B 783 -15.15 -12.23 -20.57
N TRP B 784 -14.37 -13.17 -21.10
CA TRP B 784 -13.01 -13.48 -20.57
C TRP B 784 -11.91 -13.05 -21.54
N GLU B 785 -10.72 -12.84 -20.97
CA GLU B 785 -9.50 -12.33 -21.64
C GLU B 785 -9.00 -13.41 -22.62
N GLN B 786 -9.09 -14.67 -22.22
CA GLN B 786 -8.77 -15.81 -23.11
C GLN B 786 -9.57 -17.04 -22.69
N TYR B 787 -9.54 -18.07 -23.51
CA TYR B 787 -10.33 -19.33 -23.33
C TYR B 787 -9.40 -20.53 -23.42
N ASN B 788 -9.61 -21.46 -22.49
CA ASN B 788 -8.84 -22.72 -22.37
C ASN B 788 -9.02 -23.51 -23.67
N PRO B 789 -7.93 -24.00 -24.30
CA PRO B 789 -8.05 -24.74 -25.56
C PRO B 789 -8.51 -26.21 -25.40
N GLU B 790 -8.40 -26.79 -24.19
CA GLU B 790 -8.80 -28.20 -23.88
C GLU B 790 -10.25 -28.25 -23.37
N THR B 791 -10.70 -27.27 -22.57
CA THR B 791 -12.03 -27.26 -21.89
C THR B 791 -12.94 -26.20 -22.51
N GLY B 792 -12.38 -25.11 -23.03
CA GLY B 792 -13.12 -23.91 -23.45
C GLY B 792 -13.44 -22.96 -22.29
N LYS B 793 -13.00 -23.23 -21.06
CA LYS B 793 -13.38 -22.40 -19.89
C LYS B 793 -12.75 -21.01 -20.08
N GLY B 794 -13.49 -19.94 -19.77
CA GLY B 794 -12.92 -18.61 -19.55
C GLY B 794 -11.80 -18.67 -18.54
N GLN B 795 -10.73 -17.92 -18.80
CA GLN B 795 -9.47 -17.94 -18.02
C GLN B 795 -8.91 -16.54 -17.90
N ARG B 796 -8.01 -16.35 -16.93
CA ARG B 796 -7.38 -15.06 -16.59
C ARG B 796 -8.49 -14.06 -16.22
N THR B 797 -8.46 -12.85 -16.80
CA THR B 797 -9.27 -11.67 -16.41
C THR B 797 -10.74 -11.84 -16.82
N GLN B 798 -11.65 -11.64 -15.87
CA GLN B 798 -13.11 -11.45 -16.11
C GLN B 798 -13.35 -10.01 -16.59
N HIS B 799 -14.54 -9.73 -17.12
CA HIS B 799 -14.97 -8.35 -17.48
C HIS B 799 -14.07 -7.80 -18.59
N PHE B 800 -13.62 -8.66 -19.50
CA PHE B 800 -12.71 -8.27 -20.61
C PHE B 800 -13.54 -7.77 -21.81
N THR B 801 -13.93 -6.48 -21.77
CA THR B 801 -14.69 -5.82 -22.85
C THR B 801 -14.08 -4.46 -23.14
N GLY B 802 -12.88 -4.46 -23.74
CA GLY B 802 -12.13 -5.66 -24.06
C GLY B 802 -12.43 -6.20 -25.46
N TRP B 803 -11.40 -6.68 -26.15
CA TRP B 803 -11.51 -7.13 -27.55
C TRP B 803 -12.36 -8.41 -27.64
N THR B 804 -12.65 -9.10 -26.54
CA THR B 804 -13.50 -10.32 -26.55
C THR B 804 -14.88 -9.94 -27.10
N SER B 805 -15.23 -8.65 -27.08
CA SER B 805 -16.51 -8.09 -27.56
C SER B 805 -16.59 -8.09 -29.08
N LEU B 806 -15.49 -8.34 -29.79
CA LEU B 806 -15.47 -8.50 -31.27
C LEU B 806 -16.45 -9.62 -31.68
N VAL B 807 -16.73 -10.56 -30.79
CA VAL B 807 -17.74 -11.64 -30.96
C VAL B 807 -19.04 -11.05 -31.51
N VAL B 808 -19.34 -9.79 -31.22
CA VAL B 808 -20.57 -9.13 -31.73
C VAL B 808 -20.49 -9.05 -33.25
N LYS B 809 -19.36 -8.57 -33.78
CA LYS B 809 -19.12 -8.44 -35.24
C LYS B 809 -18.92 -9.83 -35.86
N ILE B 810 -18.43 -10.80 -35.11
CA ILE B 810 -18.25 -12.17 -35.65
C ILE B 810 -19.66 -12.71 -35.96
N MET B 811 -20.62 -12.37 -35.11
CA MET B 811 -22.03 -12.85 -35.23
C MET B 811 -22.72 -12.11 -36.37
N SER B 812 -22.28 -10.89 -36.65
CA SER B 812 -22.86 -9.95 -37.66
C SER B 812 -22.38 -10.24 -39.10
N GLY B 813 -21.19 -10.82 -39.32
CA GLY B 813 -20.63 -11.03 -40.69
C GLY B 813 -20.22 -9.73 -41.37
N HIS B 814 -19.48 -9.79 -42.50
CA HIS B 814 -18.62 -8.68 -43.02
C HIS B 814 -19.12 -8.22 -44.38
N1 XG5 C . 15.92 8.48 17.75
N3 XG5 C . 15.39 14.43 21.11
C4 XG5 C . 16.91 6.59 16.51
C5 XG5 C . 15.63 7.25 17.09
C6 XG5 C . 14.91 6.26 18.04
C7 XG5 C . 14.92 9.04 18.30
C8 XG5 C . 13.76 9.42 17.33
C10 XG5 C . 12.61 12.45 19.24
C13 XG5 C . 16.05 15.08 19.98
C15 XG5 C . 17.31 16.96 19.01
C17 XG5 C . 16.65 15.10 17.65
C20 XG5 C . 11.40 10.26 17.99
C1 XG5 C . 17.74 7.54 15.75
C11 XG5 C . 13.21 13.71 19.92
C12 XG5 C . 14.34 13.37 20.92
C14 XG5 C . 16.66 16.30 20.12
C16 XG5 C . 17.28 16.34 17.78
C18 XG5 C . 16.03 14.47 18.75
C19 XG5 C . 11.19 12.23 19.22
C2 XG5 C . 18.06 8.68 16.56
C3 XG5 C . 16.73 9.39 16.88
C9 XG5 C . 12.85 10.47 17.98
N2 XG5 C . 13.40 11.54 18.61
N4 XG5 C . 16.67 16.95 21.44
N5 XG5 C . 17.92 16.91 16.58
N6 XG5 C . 18.18 16.08 15.44
N7 XG5 C . 19.36 16.41 14.72
N8 XG5 C . 10.62 11.15 18.60
O1 XG5 C . 19.00 6.84 15.33
O2 XG5 C . 19.01 9.54 15.88
O3 XG5 C . 16.64 5.46 15.70
O4 XG5 C . 15.72 5.81 19.17
O5 XG5 C . 16.04 16.38 22.62
O6 XG5 C . 17.30 18.15 21.48
C1 GOL D . -6.13 -8.90 48.62
O1 GOL D . -5.73 -9.21 49.96
C2 GOL D . -7.27 -7.89 48.58
O2 GOL D . -7.03 -6.97 47.52
C3 GOL D . -8.62 -8.53 48.40
O3 GOL D . -9.67 -7.74 48.93
S SO4 E . -14.81 -11.71 18.50
O1 SO4 E . -15.17 -13.03 19.04
O2 SO4 E . -13.63 -11.24 19.17
O3 SO4 E . -14.56 -11.79 17.08
O4 SO4 E . -15.90 -10.79 18.73
S SO4 F . -4.10 -27.49 31.91
O1 SO4 F . -3.86 -28.67 32.71
O2 SO4 F . -2.94 -27.24 31.06
O3 SO4 F . -4.34 -26.36 32.77
O4 SO4 F . -5.26 -27.71 31.08
S SO4 G . -21.11 -6.68 46.97
O1 SO4 G . -19.84 -6.48 46.28
O2 SO4 G . -20.85 -7.35 48.22
O3 SO4 G . -21.76 -5.40 47.26
O4 SO4 G . -21.99 -7.47 46.14
S SO4 H . -32.58 10.88 36.29
O1 SO4 H . -31.75 11.94 35.80
O2 SO4 H . -32.51 10.82 37.73
O3 SO4 H . -32.13 9.62 35.74
O4 SO4 H . -33.95 11.12 35.89
S SO4 I . -6.60 2.38 13.20
O1 SO4 I . -5.31 2.45 12.57
O2 SO4 I . -6.51 2.23 14.62
O3 SO4 I . -7.31 3.59 12.94
O4 SO4 I . -7.31 1.26 12.65
S SO4 J . 5.43 -1.83 6.49
O1 SO4 J . 5.01 -3.07 7.08
O2 SO4 J . 6.54 -1.34 7.25
O3 SO4 J . 5.83 -2.08 5.10
O4 SO4 J . 4.35 -0.90 6.51
S SO4 K . 17.29 20.41 6.42
O1 SO4 K . 17.97 19.28 7.01
O2 SO4 K . 17.84 21.63 6.94
O3 SO4 K . 17.48 20.38 5.00
O4 SO4 K . 15.89 20.33 6.74
S SO4 L . 38.68 -11.50 29.14
O1 SO4 L . 39.58 -11.98 28.11
O2 SO4 L . 38.88 -12.25 30.35
O3 SO4 L . 38.92 -10.11 29.42
O4 SO4 L . 37.32 -11.72 28.70
N1 XG5 M . -3.20 -7.17 -21.52
N3 XG5 M . -1.90 -9.85 -16.42
C4 XG5 M . -2.81 -6.37 -23.84
C5 XG5 M . -3.03 -5.99 -22.35
C6 XG5 M . -4.30 -5.06 -22.29
C7 XG5 M . -3.35 -6.95 -20.28
C8 XG5 M . -2.34 -5.97 -19.54
C10 XG5 M . -2.84 -6.99 -15.76
C13 XG5 M . -0.81 -10.75 -16.84
C15 XG5 M . 1.13 -11.31 -18.22
C17 XG5 M . 0.33 -12.92 -16.64
C20 XG5 M . -2.30 -4.65 -17.19
C1 XG5 M . -1.75 -7.33 -24.02
C11 XG5 M . -3.14 -8.26 -14.94
C12 XG5 M . -2.04 -9.33 -15.03
C14 XG5 M . 0.10 -10.39 -17.84
C16 XG5 M . 1.24 -12.53 -17.62
C18 XG5 M . -0.70 -12.02 -16.25
C19 XG5 M . -2.68 -5.75 -15.10
C2 XG5 M . -1.98 -8.53 -23.27
C3 XG5 M . -2.10 -8.14 -21.80
C9 XG5 M . -2.47 -5.92 -17.93
N2 XG5 M . -2.74 -7.02 -17.15
N4 XG5 M . 0.14 -9.10 -18.62
N5 XG5 M . 2.32 -13.40 -18.08
N6 XG5 M . 3.41 -12.92 -18.88
N7 XG5 M . 3.20 -13.02 -20.29
N8 XG5 M . -2.40 -4.63 -15.84
O1 XG5 M . -1.84 -7.63 -25.48
O2 XG5 M . -0.93 -9.55 -23.46
O3 XG5 M . -2.55 -5.20 -24.63
O4 XG5 M . -5.45 -5.88 -22.58
O5 XG5 M . 1.27 -8.76 -19.47
O6 XG5 M . -0.92 -8.25 -18.54
C1 NAG N . -14.40 20.94 -26.50
C2 NAG N . -12.94 20.49 -26.34
C3 NAG N . -12.18 21.35 -25.32
C4 NAG N . -12.25 22.86 -25.64
C5 NAG N . -13.73 23.27 -25.75
C6 NAG N . -13.84 24.71 -26.29
C7 NAG N . -12.54 18.06 -26.60
C8 NAG N . -12.29 16.82 -25.77
N2 NAG N . -12.87 19.12 -25.86
O3 NAG N . -10.86 20.82 -25.37
O4 NAG N . -11.54 23.69 -24.68
O5 NAG N . -14.49 22.39 -26.61
O6 NAG N . -15.15 25.24 -26.04
O7 NAG N . -12.39 18.12 -27.81
C1 BTB O . -12.09 21.86 5.73
O1 BTB O . -13.39 21.35 5.42
C2 BTB O . -11.34 21.11 6.86
C3 BTB O . -10.22 22.05 7.36
O3 BTB O . -9.71 21.70 8.64
C4 BTB O . -12.29 20.74 8.02
O4 BTB O . -13.07 21.82 8.54
N BTB O . -10.73 19.78 6.33
C5 BTB O . -9.60 19.88 5.34
C6 BTB O . -8.25 19.57 5.95
O6 BTB O . -8.34 18.58 6.97
C7 BTB O . -11.67 18.64 6.09
C8 BTB O . -11.79 17.64 7.22
O8 BTB O . -10.61 17.58 8.00
C1 GOL P . 3.20 11.24 -25.09
O1 GOL P . 3.89 10.87 -26.28
C2 GOL P . 2.71 10.01 -24.38
O2 GOL P . 2.07 9.22 -25.36
C3 GOL P . 1.79 10.29 -23.20
O3 GOL P . 1.79 9.24 -22.22
C1 GOL Q . -39.06 10.58 -7.05
O1 GOL Q . -38.79 9.85 -8.25
C2 GOL Q . -37.86 10.60 -6.13
O2 GOL Q . -37.12 9.39 -6.21
C3 GOL Q . -38.26 10.88 -4.69
O3 GOL Q . -37.94 12.24 -4.35
S SO4 R . -1.31 14.22 -11.87
O1 SO4 R . -0.64 13.29 -12.72
O2 SO4 R . -0.37 14.67 -10.90
O3 SO4 R . -1.76 15.34 -12.64
O4 SO4 R . -2.45 13.62 -11.24
S SO4 S . -35.75 19.90 4.03
O1 SO4 S . -35.29 19.30 5.25
O2 SO4 S . -35.15 21.23 3.92
O3 SO4 S . -35.38 19.04 2.89
O4 SO4 S . -37.20 20.03 4.07
#